data_4M26
#
_entry.id   4M26
#
_cell.length_a   68.105
_cell.length_b   116.697
_cell.length_c   96.146
_cell.angle_alpha   90.00
_cell.angle_beta   91.47
_cell.angle_gamma   90.00
#
_symmetry.space_group_name_H-M   'P 1 21 1'
#
loop_
_entity.id
_entity.type
_entity.pdbx_description
1 polymer 'L-arginine beta-hydroxylase'
2 non-polymer 'FE (III) ION'
3 non-polymer '2-OXOGLUTARIC ACID'
4 non-polymer 'SUCCINIC ACID'
5 non-polymer (2S,3S)-3-HYDROXYARGININE
6 water water
#
_entity_poly.entity_id   1
_entity_poly.type   'polypeptide(L)'
_entity_poly.pdbx_seq_one_letter_code
;MGSSHHHHHHSSGLVPRGSHMSNLTDQSTPSYSLTPAEASAVAELTLELAAAYGSFGDPVLLRDLPRLAARLPEGVQDFL
REFKLADRHGHTVIRGHDFDQRRIGPTPDHWRGRVRPGPEFPEELLLMLYSALLGEPFGWATQQDGHLVHDIFPIRSHEN
DQLGMGSKQLLTWHTEDAFHPYRSDYLILGALRNPDHVPTTVGELDLSSLSAEDIDVLFEPRYHIAPDESHLPKNNTIAT
EEEAARFATIQRMIDERPLGPLLYGSRLDPYMRLDPYFTSVPQDDTDARRAYDALFKVVDSGMREVVADQGDVLFIDNHR
AVHGRLPFQARYDGTDRWLKRVCVTSDLRRSREMRATSATRLLG
;
_entity_poly.pdbx_strand_id   A,B,C,D
#
# COMPACT_ATOMS: atom_id res chain seq x y z
N THR A 29 -3.50 -24.35 -37.00
CA THR A 29 -2.77 -23.63 -35.91
C THR A 29 -3.40 -22.27 -35.64
N PRO A 30 -4.14 -22.14 -34.53
CA PRO A 30 -4.86 -20.90 -34.25
C PRO A 30 -3.90 -19.78 -33.88
N SER A 31 -4.34 -18.55 -34.13
CA SER A 31 -3.57 -17.36 -33.73
C SER A 31 -4.53 -16.22 -33.39
N TYR A 32 -4.00 -15.11 -32.88
CA TYR A 32 -4.84 -14.00 -32.46
C TYR A 32 -4.22 -12.79 -33.07
N SER A 33 -5.04 -12.02 -33.78
CA SER A 33 -4.57 -10.78 -34.36
C SER A 33 -5.23 -9.64 -33.65
N LEU A 34 -4.41 -8.78 -33.04
CA LEU A 34 -4.90 -7.66 -32.27
C LEU A 34 -5.49 -6.63 -33.23
N THR A 35 -6.61 -6.04 -32.84
CA THR A 35 -7.09 -4.84 -33.51
C THR A 35 -6.17 -3.69 -33.10
N PRO A 36 -6.19 -2.59 -33.88
CA PRO A 36 -5.41 -1.43 -33.46
C PRO A 36 -5.78 -0.97 -32.06
N ALA A 37 -7.06 -1.04 -31.70
CA ALA A 37 -7.49 -0.71 -30.35
C ALA A 37 -6.81 -1.60 -29.28
N GLU A 38 -6.81 -2.91 -29.47
CA GLU A 38 -6.17 -3.80 -28.48
C GLU A 38 -4.65 -3.53 -28.43
N ALA A 39 -4.03 -3.27 -29.58
CA ALA A 39 -2.59 -3.00 -29.69
C ALA A 39 -2.29 -1.73 -28.92
N SER A 40 -3.16 -0.73 -29.06
CA SER A 40 -2.99 0.49 -28.30
C SER A 40 -3.15 0.25 -26.82
N ALA A 41 -4.14 -0.53 -26.42
CA ALA A 41 -4.32 -0.79 -24.99
C ALA A 41 -3.10 -1.56 -24.42
N VAL A 42 -2.61 -2.56 -25.14
CA VAL A 42 -1.46 -3.34 -24.65
C VAL A 42 -0.23 -2.43 -24.53
N ALA A 43 0.06 -1.67 -25.58
CA ALA A 43 1.16 -0.71 -25.51
C ALA A 43 1.09 0.24 -24.31
N GLU A 44 -0.09 0.85 -24.11
CA GLU A 44 -0.26 1.77 -22.97
C GLU A 44 -0.07 1.11 -21.61
N LEU A 45 -0.61 -0.10 -21.46
CA LEU A 45 -0.50 -0.83 -20.19
C LEU A 45 1.00 -1.05 -19.91
N THR A 46 1.67 -1.49 -20.95
CA THR A 46 3.07 -1.86 -20.90
C THR A 46 3.96 -0.62 -20.56
N LEU A 47 3.64 0.53 -21.15
CA LEU A 47 4.32 1.77 -20.72
C LEU A 47 4.00 2.15 -19.29
N GLU A 48 2.74 2.01 -18.89
CA GLU A 48 2.36 2.33 -17.53
C GLU A 48 3.14 1.50 -16.49
N LEU A 49 3.12 0.17 -16.62
CA LEU A 49 3.82 -0.71 -15.69
C LEU A 49 5.33 -0.45 -15.68
N ALA A 50 5.93 -0.29 -16.85
CA ALA A 50 7.36 0.07 -16.96
C ALA A 50 7.71 1.31 -16.15
N ALA A 51 6.79 2.28 -16.09
CA ALA A 51 6.98 3.50 -15.31
C ALA A 51 6.80 3.22 -13.82
N ALA A 52 5.81 2.42 -13.47
CA ALA A 52 5.48 2.14 -12.04
C ALA A 52 6.49 1.21 -11.37
N TYR A 53 7.09 0.30 -12.12
CA TYR A 53 8.03 -0.66 -11.55
C TYR A 53 9.47 -0.35 -11.95
N GLY A 54 10.41 -0.58 -11.03
CA GLY A 54 11.84 -0.30 -11.33
C GLY A 54 12.37 -1.15 -12.45
N SER A 55 12.62 -2.41 -12.12
CA SER A 55 13.09 -3.43 -13.04
C SER A 55 12.55 -4.76 -12.54
N PHE A 56 12.94 -5.83 -13.21
CA PHE A 56 12.62 -7.17 -12.74
C PHE A 56 13.30 -7.54 -11.41
N GLY A 57 14.23 -6.67 -10.98
CA GLY A 57 14.88 -6.79 -9.66
C GLY A 57 13.91 -6.56 -8.51
N ASP A 58 12.88 -5.75 -8.75
CA ASP A 58 11.78 -5.55 -7.81
C ASP A 58 10.97 -6.86 -7.64
N PRO A 59 10.98 -7.46 -6.42
CA PRO A 59 10.24 -8.71 -6.23
C PRO A 59 8.73 -8.50 -6.22
N VAL A 60 8.29 -7.27 -5.95
CA VAL A 60 6.87 -6.94 -5.98
C VAL A 60 6.30 -7.11 -7.39
N LEU A 61 7.07 -6.71 -8.40
CA LEU A 61 6.64 -6.94 -9.80
C LEU A 61 6.36 -8.41 -10.09
N LEU A 62 7.28 -9.28 -9.70
CA LEU A 62 7.09 -10.71 -9.88
C LEU A 62 5.83 -11.18 -9.15
N ARG A 63 5.67 -10.76 -7.91
CA ARG A 63 4.45 -11.08 -7.15
C ARG A 63 3.21 -10.59 -7.91
N ASP A 64 3.26 -9.36 -8.44
CA ASP A 64 2.10 -8.76 -9.10
C ASP A 64 1.72 -9.26 -10.48
N LEU A 65 2.63 -9.96 -11.16
CA LEU A 65 2.43 -10.31 -12.60
C LEU A 65 1.09 -10.92 -13.02
N PRO A 66 0.59 -11.94 -12.28
CA PRO A 66 -0.68 -12.46 -12.73
C PRO A 66 -1.84 -11.46 -12.55
N ARG A 67 -1.85 -10.71 -11.46
CA ARG A 67 -2.86 -9.63 -11.31
C ARG A 67 -2.75 -8.59 -12.44
N LEU A 68 -1.53 -8.19 -12.75
CA LEU A 68 -1.27 -7.22 -13.83
C LEU A 68 -1.68 -7.72 -15.19
N ALA A 69 -1.44 -9.02 -15.43
CA ALA A 69 -1.83 -9.62 -16.69
C ALA A 69 -3.34 -9.62 -16.92
N ALA A 70 -4.12 -9.62 -15.85
CA ALA A 70 -5.58 -9.52 -15.94
C ALA A 70 -6.02 -8.13 -16.40
N ARG A 71 -5.08 -7.21 -16.55
CA ARG A 71 -5.37 -5.90 -17.13
C ARG A 71 -5.23 -5.91 -18.63
N LEU A 72 -4.75 -7.01 -19.20
CA LEU A 72 -4.65 -7.16 -20.67
C LEU A 72 -6.05 -7.27 -21.29
N PRO A 73 -6.20 -6.95 -22.59
CA PRO A 73 -7.51 -7.11 -23.19
C PRO A 73 -8.01 -8.51 -22.96
N GLU A 74 -9.30 -8.60 -22.66
CA GLU A 74 -9.91 -9.87 -22.27
C GLU A 74 -9.84 -10.90 -23.38
N GLY A 75 -9.99 -10.44 -24.62
CA GLY A 75 -9.92 -11.37 -25.74
C GLY A 75 -8.58 -12.09 -25.74
N VAL A 76 -7.51 -11.35 -25.40
CA VAL A 76 -6.15 -11.90 -25.34
C VAL A 76 -6.02 -12.93 -24.21
N GLN A 77 -6.57 -12.57 -23.06
CA GLN A 77 -6.60 -13.47 -21.92
C GLN A 77 -7.36 -14.75 -22.25
N ASP A 78 -8.56 -14.61 -22.82
CA ASP A 78 -9.40 -15.79 -23.13
C ASP A 78 -8.66 -16.70 -24.11
N PHE A 79 -8.06 -16.07 -25.13
CA PHE A 79 -7.31 -16.81 -26.14
C PHE A 79 -6.18 -17.68 -25.55
N LEU A 80 -5.34 -17.12 -24.71
CA LEU A 80 -4.20 -17.86 -24.15
C LEU A 80 -4.67 -18.91 -23.15
N ARG A 81 -5.75 -18.62 -22.45
CA ARG A 81 -6.33 -19.58 -21.51
C ARG A 81 -6.86 -20.81 -22.26
N GLU A 82 -7.48 -20.61 -23.43
CA GLU A 82 -7.97 -21.71 -24.24
C GLU A 82 -6.85 -22.53 -24.78
N PHE A 83 -5.83 -21.85 -25.27
CA PHE A 83 -4.62 -22.51 -25.71
C PHE A 83 -4.00 -23.37 -24.59
N LYS A 84 -3.77 -22.79 -23.42
CA LYS A 84 -3.23 -23.49 -22.25
C LYS A 84 -4.06 -24.75 -21.90
N LEU A 85 -5.38 -24.55 -21.72
CA LEU A 85 -6.27 -25.65 -21.31
C LEU A 85 -6.58 -26.67 -22.40
N ALA A 86 -6.71 -26.22 -23.65
CA ALA A 86 -6.90 -27.10 -24.81
C ALA A 86 -5.85 -28.21 -24.91
N ASP A 87 -4.61 -27.89 -24.52
CA ASP A 87 -3.49 -28.85 -24.55
C ASP A 87 -3.48 -29.70 -25.82
N ARG A 88 -3.60 -29.05 -26.96
CA ARG A 88 -3.75 -29.72 -28.25
C ARG A 88 -2.73 -29.19 -29.26
N HIS A 89 -2.69 -27.88 -29.46
CA HIS A 89 -1.73 -27.28 -30.40
C HIS A 89 -0.36 -27.02 -29.81
N GLY A 90 0.66 -27.16 -30.65
CA GLY A 90 2.07 -27.04 -30.24
C GLY A 90 2.64 -25.64 -30.16
N HIS A 91 2.00 -24.73 -30.88
CA HIS A 91 2.33 -23.31 -30.75
C HIS A 91 1.14 -22.49 -31.11
N THR A 92 1.25 -21.19 -30.80
CA THR A 92 0.28 -20.19 -31.25
C THR A 92 0.99 -18.82 -31.35
N VAL A 93 0.32 -17.82 -31.92
CA VAL A 93 0.95 -16.51 -32.11
C VAL A 93 -0.06 -15.43 -31.79
N ILE A 94 0.40 -14.37 -31.12
CA ILE A 94 -0.38 -13.14 -31.01
C ILE A 94 0.33 -12.09 -31.86
N ARG A 95 -0.36 -11.64 -32.89
CA ARG A 95 0.21 -10.75 -33.92
C ARG A 95 -0.39 -9.36 -33.80
N GLY A 96 0.33 -8.39 -34.35
CA GLY A 96 -0.13 -7.00 -34.41
C GLY A 96 0.09 -6.13 -33.19
N HIS A 97 1.06 -6.46 -32.33
CA HIS A 97 1.47 -5.54 -31.26
C HIS A 97 2.14 -4.30 -31.83
N ASP A 98 2.06 -3.20 -31.10
CA ASP A 98 2.78 -1.96 -31.44
C ASP A 98 4.04 -1.88 -30.60
N PHE A 99 5.16 -2.19 -31.24
CA PHE A 99 6.46 -2.10 -30.63
C PHE A 99 7.16 -0.89 -31.24
N ASP A 100 7.11 0.21 -30.50
CA ASP A 100 7.65 1.52 -30.86
C ASP A 100 9.15 1.50 -31.12
N GLN A 101 9.51 1.45 -32.39
CA GLN A 101 10.91 1.31 -32.81
C GLN A 101 11.82 2.44 -32.37
N ARG A 102 11.30 3.66 -32.40
CA ARG A 102 12.03 4.84 -31.94
C ARG A 102 12.37 4.76 -30.48
N ARG A 103 11.42 4.30 -29.68
CA ARG A 103 11.63 4.12 -28.27
C ARG A 103 12.59 2.94 -27.96
N ILE A 104 12.39 1.83 -28.66
CA ILE A 104 13.13 0.58 -28.43
C ILE A 104 14.62 0.79 -28.73
N GLY A 105 14.94 1.46 -29.86
CA GLY A 105 16.32 1.79 -30.19
C GLY A 105 17.09 0.67 -30.89
N PRO A 106 18.39 0.88 -31.15
CA PRO A 106 19.26 -0.05 -31.89
C PRO A 106 19.34 -1.43 -31.20
N THR A 107 19.38 -2.49 -31.99
CA THR A 107 19.66 -3.83 -31.51
C THR A 107 21.07 -3.74 -30.94
N PRO A 108 21.28 -4.17 -29.69
CA PRO A 108 22.61 -3.99 -29.09
C PRO A 108 23.68 -4.91 -29.71
N ASP A 109 24.95 -4.54 -29.50
CA ASP A 109 26.10 -5.33 -29.92
C ASP A 109 26.36 -6.53 -28.99
N HIS A 110 25.95 -6.43 -27.74
CA HIS A 110 26.09 -7.53 -26.78
C HIS A 110 25.08 -7.42 -25.68
N TRP A 111 24.79 -8.52 -25.00
CA TRP A 111 23.88 -8.42 -23.84
C TRP A 111 24.60 -7.95 -22.61
N ARG A 112 25.89 -8.28 -22.51
N ARG A 112 25.89 -8.28 -22.52
CA ARG A 112 26.69 -7.89 -21.34
CA ARG A 112 26.73 -7.89 -21.38
C ARG A 112 26.98 -6.40 -21.34
C ARG A 112 26.99 -6.39 -21.35
N GLY A 113 26.93 -5.80 -20.16
CA GLY A 113 27.26 -4.40 -19.97
C GLY A 113 26.17 -3.38 -20.32
N ARG A 114 24.96 -3.84 -20.60
CA ARG A 114 23.87 -2.93 -20.96
C ARG A 114 23.26 -2.30 -19.72
N VAL A 115 22.86 -1.04 -19.82
CA VAL A 115 22.09 -0.40 -18.74
C VAL A 115 20.76 -1.16 -18.57
N ARG A 116 20.43 -1.47 -17.32
CA ARG A 116 19.19 -2.19 -16.99
C ARG A 116 18.26 -1.29 -16.16
N PRO A 117 16.96 -1.26 -16.51
CA PRO A 117 16.35 -1.92 -17.65
C PRO A 117 16.62 -1.08 -18.90
N GLY A 118 16.48 -1.68 -20.07
CA GLY A 118 16.72 -0.96 -21.31
C GLY A 118 15.48 -0.17 -21.69
N PRO A 119 15.55 0.54 -22.83
CA PRO A 119 14.40 1.29 -23.33
C PRO A 119 13.30 0.34 -23.80
N GLU A 120 13.65 -0.91 -24.11
CA GLU A 120 12.67 -1.94 -24.44
C GLU A 120 12.05 -2.68 -23.23
N PHE A 121 12.20 -2.13 -22.04
CA PHE A 121 11.61 -2.70 -20.82
C PHE A 121 10.10 -2.98 -20.97
N PRO A 122 9.32 -2.03 -21.56
CA PRO A 122 7.88 -2.34 -21.75
C PRO A 122 7.63 -3.67 -22.46
N GLU A 123 8.43 -4.00 -23.48
CA GLU A 123 8.23 -5.25 -24.24
C GLU A 123 8.58 -6.49 -23.40
N GLU A 124 9.62 -6.37 -22.59
CA GLU A 124 10.05 -7.42 -21.67
C GLU A 124 8.93 -7.66 -20.65
N LEU A 125 8.38 -6.57 -20.13
CA LEU A 125 7.23 -6.62 -19.24
C LEU A 125 6.06 -7.33 -19.83
N LEU A 126 5.81 -7.07 -21.12
CA LEU A 126 4.74 -7.77 -21.85
C LEU A 126 4.89 -9.29 -21.87
N LEU A 127 6.08 -9.77 -22.22
CA LEU A 127 6.35 -11.20 -22.21
C LEU A 127 6.18 -11.79 -20.82
N MET A 128 6.57 -11.05 -19.79
CA MET A 128 6.40 -11.49 -18.42
C MET A 128 4.93 -11.59 -18.00
N LEU A 129 4.09 -10.67 -18.49
CA LEU A 129 2.66 -10.74 -18.23
C LEU A 129 2.07 -11.99 -18.86
N TYR A 130 2.42 -12.23 -20.13
CA TYR A 130 2.01 -13.43 -20.84
C TYR A 130 2.53 -14.70 -20.15
N SER A 131 3.72 -14.64 -19.60
CA SER A 131 4.30 -15.83 -18.96
C SER A 131 3.46 -16.19 -17.72
N ALA A 132 2.95 -15.15 -17.07
CA ALA A 132 2.15 -15.33 -15.86
C ALA A 132 0.75 -15.87 -16.13
N LEU A 133 0.22 -15.64 -17.33
CA LEU A 133 -1.00 -16.32 -17.79
C LEU A 133 -0.74 -17.79 -18.11
N LEU A 134 0.50 -18.14 -18.42
CA LEU A 134 0.79 -19.53 -18.71
C LEU A 134 1.37 -20.29 -17.53
N GLY A 135 2.04 -19.60 -16.60
CA GLY A 135 2.73 -20.30 -15.52
C GLY A 135 3.58 -19.36 -14.71
N GLU A 136 4.85 -19.74 -14.50
CA GLU A 136 5.80 -18.88 -13.82
C GLU A 136 7.01 -18.71 -14.71
N PRO A 137 7.47 -17.47 -14.89
CA PRO A 137 8.73 -17.27 -15.60
C PRO A 137 9.85 -17.82 -14.73
N PHE A 138 10.84 -18.45 -15.35
CA PHE A 138 12.01 -18.86 -14.60
C PHE A 138 13.22 -18.78 -15.53
N GLY A 139 14.43 -18.90 -14.97
CA GLY A 139 15.60 -18.95 -15.84
C GLY A 139 16.73 -19.82 -15.29
N TRP A 140 17.91 -19.61 -15.87
CA TRP A 140 19.08 -20.40 -15.53
C TRP A 140 20.14 -19.49 -15.03
N ALA A 141 20.68 -19.79 -13.85
CA ALA A 141 21.58 -18.85 -13.17
C ALA A 141 22.83 -18.51 -13.98
N THR A 142 23.31 -19.44 -14.79
CA THR A 142 24.51 -19.19 -15.59
C THR A 142 24.19 -18.63 -16.99
N GLN A 143 22.93 -18.41 -17.31
CA GLN A 143 22.58 -17.90 -18.65
C GLN A 143 22.18 -16.41 -18.65
N GLN A 144 22.91 -15.63 -19.44
CA GLN A 144 22.70 -14.17 -19.53
C GLN A 144 22.49 -13.50 -18.18
N ASP A 145 23.45 -13.72 -17.27
CA ASP A 145 23.47 -13.08 -15.95
C ASP A 145 22.24 -13.43 -15.08
N GLY A 146 21.52 -14.50 -15.39
CA GLY A 146 20.31 -14.88 -14.66
C GLY A 146 19.03 -14.14 -15.09
N HIS A 147 19.12 -13.37 -16.16
CA HIS A 147 17.98 -12.59 -16.65
C HIS A 147 16.79 -13.46 -16.93
N LEU A 148 15.62 -13.04 -16.45
CA LEU A 148 14.40 -13.80 -16.67
C LEU A 148 13.92 -13.62 -18.09
N VAL A 149 14.13 -12.42 -18.64
CA VAL A 149 13.90 -12.22 -20.05
C VAL A 149 15.23 -12.25 -20.80
N HIS A 150 15.39 -13.18 -21.74
CA HIS A 150 16.66 -13.37 -22.46
C HIS A 150 16.67 -12.57 -23.73
N ASP A 151 17.86 -12.18 -24.17
CA ASP A 151 17.98 -11.57 -25.50
C ASP A 151 18.31 -12.58 -26.55
N ILE A 152 17.78 -12.34 -27.74
CA ILE A 152 18.16 -13.10 -28.89
C ILE A 152 18.48 -12.11 -30.05
N PHE A 153 19.78 -11.91 -30.28
CA PHE A 153 20.27 -11.07 -31.40
C PHE A 153 21.70 -11.51 -31.79
N PRO A 154 22.16 -11.20 -33.04
CA PRO A 154 23.51 -11.63 -33.44
C PRO A 154 24.63 -10.90 -32.73
N ILE A 155 25.60 -11.65 -32.21
CA ILE A 155 26.79 -11.07 -31.63
C ILE A 155 27.95 -11.48 -32.55
N ARG A 156 28.72 -10.50 -33.02
CA ARG A 156 29.75 -10.79 -34.02
C ARG A 156 30.64 -11.91 -33.56
N SER A 157 31.22 -11.78 -32.36
CA SER A 157 32.14 -12.82 -31.81
C SER A 157 31.52 -14.21 -31.67
N HIS A 158 30.20 -14.29 -31.78
CA HIS A 158 29.47 -15.55 -31.66
C HIS A 158 29.04 -16.10 -32.98
N GLU A 159 29.48 -15.48 -34.09
CA GLU A 159 28.82 -15.78 -35.37
C GLU A 159 29.11 -17.13 -36.00
N ASN A 160 30.16 -17.81 -35.53
CA ASN A 160 30.46 -19.17 -35.99
C ASN A 160 29.97 -20.22 -34.99
N ASP A 161 29.00 -19.84 -34.16
CA ASP A 161 28.49 -20.74 -33.13
C ASP A 161 27.02 -21.10 -33.39
N GLN A 162 26.65 -22.32 -33.01
CA GLN A 162 25.27 -22.78 -33.12
C GLN A 162 24.48 -22.48 -31.86
N LEU A 163 24.23 -21.19 -31.61
CA LEU A 163 23.45 -20.78 -30.43
C LEU A 163 22.53 -19.59 -30.74
N GLY A 164 21.75 -19.19 -29.74
CA GLY A 164 20.80 -18.08 -29.89
C GLY A 164 21.43 -16.81 -30.42
N MET A 165 22.60 -16.44 -29.93
CA MET A 165 23.24 -15.19 -30.35
C MET A 165 24.04 -15.33 -31.67
N GLY A 166 23.90 -16.49 -32.31
CA GLY A 166 24.54 -16.75 -33.60
C GLY A 166 23.79 -16.14 -34.76
N SER A 167 24.09 -16.61 -35.98
CA SER A 167 23.46 -16.11 -37.21
C SER A 167 23.73 -17.01 -38.39
N LYS A 168 25.00 -17.06 -38.81
CA LYS A 168 25.43 -17.79 -40.01
C LYS A 168 25.09 -19.28 -39.95
N GLN A 169 25.21 -19.87 -38.77
CA GLN A 169 24.95 -21.31 -38.57
C GLN A 169 23.47 -21.64 -38.34
N LEU A 170 23.04 -22.76 -38.90
CA LEU A 170 21.71 -23.30 -38.66
C LEU A 170 21.58 -23.76 -37.21
N LEU A 171 20.44 -23.43 -36.59
CA LEU A 171 20.13 -23.95 -35.26
C LEU A 171 19.12 -25.05 -35.51
N THR A 172 19.59 -26.30 -35.53
CA THR A 172 18.71 -27.44 -35.85
C THR A 172 17.68 -27.59 -34.76
N TRP A 173 16.53 -28.16 -35.12
CA TRP A 173 15.39 -28.18 -34.24
C TRP A 173 15.55 -29.05 -33.02
N HIS A 174 14.89 -28.64 -31.94
CA HIS A 174 15.01 -29.26 -30.63
C HIS A 174 13.81 -28.93 -29.76
N THR A 175 13.44 -29.87 -28.89
CA THR A 175 12.75 -29.57 -27.66
C THR A 175 13.79 -28.83 -26.83
N GLU A 176 13.41 -27.75 -26.15
CA GLU A 176 14.33 -27.06 -25.23
C GLU A 176 14.66 -27.91 -24.01
N ASP A 177 15.94 -28.21 -23.83
CA ASP A 177 16.47 -28.94 -22.68
C ASP A 177 15.81 -30.28 -22.49
N ALA A 178 15.69 -31.01 -23.59
CA ALA A 178 15.04 -32.32 -23.62
C ALA A 178 15.44 -33.25 -22.46
N PHE A 179 16.70 -33.26 -22.09
CA PHE A 179 17.18 -34.16 -21.04
C PHE A 179 16.66 -33.82 -19.64
N HIS A 180 16.27 -32.55 -19.45
CA HIS A 180 16.14 -31.98 -18.11
C HIS A 180 14.75 -32.18 -17.58
N PRO A 181 14.64 -32.73 -16.35
CA PRO A 181 13.31 -32.99 -15.80
C PRO A 181 12.51 -31.71 -15.53
N TYR A 182 13.23 -30.61 -15.28
CA TYR A 182 12.62 -29.31 -15.01
C TYR A 182 12.82 -28.34 -16.17
N ARG A 183 12.87 -28.88 -17.39
CA ARG A 183 12.94 -28.08 -18.63
C ARG A 183 11.67 -27.21 -18.73
N SER A 184 11.71 -26.20 -19.61
CA SER A 184 10.54 -25.35 -19.91
C SER A 184 9.31 -26.15 -20.23
N ASP A 185 8.18 -25.69 -19.74
CA ASP A 185 6.91 -26.18 -20.24
C ASP A 185 6.45 -25.39 -21.46
N TYR A 186 6.73 -24.09 -21.50
CA TYR A 186 6.41 -23.23 -22.64
C TYR A 186 7.56 -22.27 -22.90
N LEU A 187 7.67 -21.78 -24.12
CA LEU A 187 8.61 -20.72 -24.42
C LEU A 187 7.84 -19.60 -25.05
N ILE A 188 8.19 -18.38 -24.70
CA ILE A 188 7.53 -17.22 -25.31
C ILE A 188 8.57 -16.38 -26.06
N LEU A 189 8.40 -16.22 -27.38
CA LEU A 189 9.35 -15.45 -28.17
C LEU A 189 8.67 -14.19 -28.72
N GLY A 190 9.15 -13.03 -28.35
CA GLY A 190 8.59 -11.78 -28.85
C GLY A 190 9.56 -11.06 -29.77
N ALA A 191 9.11 -10.69 -30.95
CA ALA A 191 10.06 -10.13 -31.90
C ALA A 191 10.02 -8.63 -31.88
N LEU A 192 11.05 -7.99 -31.33
CA LEU A 192 11.13 -6.53 -31.36
C LEU A 192 11.37 -6.07 -32.80
N ARG A 193 12.20 -6.80 -33.50
CA ARG A 193 12.40 -6.57 -34.93
C ARG A 193 12.92 -7.81 -35.63
N ASN A 194 12.51 -7.96 -36.89
CA ASN A 194 12.93 -9.03 -37.79
C ASN A 194 12.89 -8.53 -39.23
N PRO A 195 13.77 -7.57 -39.58
CA PRO A 195 13.66 -6.89 -40.88
C PRO A 195 13.73 -7.82 -42.08
N ASP A 196 14.54 -8.88 -42.00
CA ASP A 196 14.65 -9.80 -43.13
C ASP A 196 13.76 -11.02 -42.97
N HIS A 197 12.88 -10.99 -41.98
CA HIS A 197 11.84 -12.00 -41.84
C HIS A 197 12.40 -13.39 -41.63
N VAL A 198 13.43 -13.51 -40.80
CA VAL A 198 14.04 -14.80 -40.53
C VAL A 198 13.09 -15.70 -39.72
N PRO A 199 12.78 -16.89 -40.26
CA PRO A 199 11.79 -17.77 -39.60
C PRO A 199 12.35 -18.58 -38.44
N THR A 200 11.49 -18.81 -37.46
CA THR A 200 11.70 -19.77 -36.40
C THR A 200 11.06 -21.04 -36.93
N THR A 201 11.84 -22.11 -37.05
CA THR A 201 11.25 -23.36 -37.50
C THR A 201 10.55 -23.93 -36.29
N VAL A 202 9.33 -24.39 -36.47
CA VAL A 202 8.65 -25.09 -35.40
C VAL A 202 7.98 -26.34 -35.95
N GLY A 203 7.98 -27.39 -35.15
CA GLY A 203 7.49 -28.68 -35.60
C GLY A 203 6.69 -29.41 -34.56
N GLU A 204 5.56 -29.96 -34.99
CA GLU A 204 4.70 -30.77 -34.13
C GLU A 204 4.66 -32.22 -34.59
N LEU A 205 4.10 -33.09 -33.74
CA LEU A 205 3.98 -34.51 -34.03
C LEU A 205 2.63 -34.88 -34.63
N ASP A 206 2.66 -35.21 -35.91
CA ASP A 206 1.52 -35.79 -36.61
C ASP A 206 1.50 -37.28 -36.28
N LEU A 207 0.74 -37.65 -35.26
CA LEU A 207 0.74 -39.01 -34.72
C LEU A 207 0.29 -40.10 -35.70
N SER A 208 -0.59 -39.71 -36.63
CA SER A 208 -1.14 -40.63 -37.63
C SER A 208 -0.10 -41.09 -38.65
N SER A 209 1.07 -40.46 -38.64
CA SER A 209 2.13 -40.77 -39.59
C SER A 209 2.95 -41.96 -39.09
N LEU A 210 2.67 -42.41 -37.87
CA LEU A 210 3.49 -43.40 -37.22
C LEU A 210 2.77 -44.70 -36.98
N SER A 211 3.47 -45.79 -37.23
CA SER A 211 3.03 -47.11 -36.82
C SER A 211 2.61 -47.09 -35.36
N ALA A 212 1.58 -47.86 -35.02
CA ALA A 212 1.12 -47.97 -33.66
C ALA A 212 2.10 -48.80 -32.83
N GLU A 213 2.81 -49.71 -33.47
CA GLU A 213 3.86 -50.46 -32.77
C GLU A 213 5.05 -49.55 -32.49
N ASP A 214 5.38 -48.69 -33.46
CA ASP A 214 6.41 -47.65 -33.27
C ASP A 214 6.12 -46.75 -32.06
N ILE A 215 4.85 -46.36 -31.90
CA ILE A 215 4.40 -45.54 -30.78
C ILE A 215 4.68 -46.23 -29.47
N ASP A 216 4.35 -47.53 -29.39
CA ASP A 216 4.58 -48.33 -28.19
C ASP A 216 6.04 -48.28 -27.77
N VAL A 217 6.96 -48.33 -28.73
CA VAL A 217 8.40 -48.36 -28.40
C VAL A 217 8.84 -47.00 -27.86
N LEU A 218 8.31 -45.94 -28.47
CA LEU A 218 8.67 -44.56 -28.11
C LEU A 218 8.18 -44.18 -26.72
N PHE A 219 7.12 -44.86 -26.28
CA PHE A 219 6.61 -44.67 -24.93
C PHE A 219 7.39 -45.42 -23.87
N GLU A 220 8.36 -46.24 -24.28
CA GLU A 220 9.11 -47.06 -23.33
C GLU A 220 10.49 -46.46 -23.00
N PRO A 221 11.01 -46.76 -21.79
CA PRO A 221 12.34 -46.27 -21.40
C PRO A 221 13.49 -47.00 -22.14
N ARG A 222 13.77 -46.56 -23.37
CA ARG A 222 14.75 -47.22 -24.23
C ARG A 222 15.76 -46.27 -24.84
N TYR A 223 15.62 -44.97 -24.57
CA TYR A 223 16.48 -43.97 -25.19
C TYR A 223 17.28 -43.20 -24.15
N HIS A 224 18.49 -42.82 -24.54
CA HIS A 224 19.31 -42.02 -23.68
C HIS A 224 19.37 -40.62 -24.23
N ILE A 225 18.99 -39.66 -23.40
CA ILE A 225 19.04 -38.26 -23.82
C ILE A 225 20.11 -37.62 -22.97
N ALA A 226 21.19 -37.24 -23.62
CA ALA A 226 22.35 -36.73 -22.95
C ALA A 226 22.16 -35.27 -22.52
N PRO A 227 22.55 -34.93 -21.28
CA PRO A 227 22.54 -33.59 -20.71
C PRO A 227 23.52 -32.67 -21.43
N ASP A 228 23.01 -31.53 -21.89
CA ASP A 228 23.79 -30.48 -22.57
C ASP A 228 24.90 -29.99 -21.67
N GLU A 229 26.01 -29.56 -22.29
CA GLU A 229 27.23 -29.20 -21.55
C GLU A 229 27.05 -28.07 -20.52
N SER A 230 26.23 -27.08 -20.86
CA SER A 230 26.00 -25.92 -19.99
C SER A 230 25.31 -26.29 -18.66
N HIS A 231 24.60 -27.40 -18.63
CA HIS A 231 23.93 -27.85 -17.40
C HIS A 231 24.73 -28.85 -16.59
N LEU A 232 25.87 -29.28 -17.14
CA LEU A 232 26.78 -30.17 -16.43
C LEU A 232 27.20 -29.59 -15.07
N PRO A 233 27.10 -30.40 -14.00
CA PRO A 233 27.58 -30.05 -12.67
C PRO A 233 29.02 -29.54 -12.68
N LYS A 234 29.94 -30.36 -13.20
CA LYS A 234 31.36 -30.03 -13.28
C LYS A 234 31.64 -28.83 -14.21
N ASN A 235 30.63 -28.44 -14.99
CA ASN A 235 30.72 -27.24 -15.81
C ASN A 235 30.77 -25.98 -14.95
N ASN A 236 29.99 -25.99 -13.87
CA ASN A 236 30.07 -24.95 -12.81
C ASN A 236 30.96 -25.39 -11.61
N THR A 237 31.10 -24.51 -10.62
CA THR A 237 32.03 -24.72 -9.47
C THR A 237 31.62 -25.90 -8.56
N ILE A 238 32.62 -26.63 -8.07
CA ILE A 238 32.39 -27.76 -7.15
C ILE A 238 32.45 -27.31 -5.68
N ALA A 239 32.21 -26.03 -5.44
CA ALA A 239 32.34 -25.45 -4.09
C ALA A 239 31.16 -25.79 -3.17
N THR A 240 31.50 -26.12 -1.91
CA THR A 240 30.55 -26.32 -0.80
C THR A 240 29.54 -27.49 -0.94
N GLU A 241 28.96 -27.85 0.20
CA GLU A 241 28.04 -28.98 0.33
C GLU A 241 26.77 -28.80 -0.50
N GLU A 242 26.11 -27.66 -0.30
CA GLU A 242 24.79 -27.37 -0.87
C GLU A 242 24.84 -27.10 -2.39
N GLU A 243 25.88 -26.39 -2.83
CA GLU A 243 26.06 -26.08 -4.24
C GLU A 243 26.36 -27.36 -5.03
N ALA A 244 26.68 -28.43 -4.30
CA ALA A 244 26.88 -29.75 -4.89
C ALA A 244 25.55 -30.50 -4.96
N ALA A 245 24.80 -30.43 -3.86
CA ALA A 245 23.46 -31.04 -3.77
C ALA A 245 22.47 -30.48 -4.81
N ARG A 246 22.75 -29.28 -5.31
CA ARG A 246 21.91 -28.62 -6.32
C ARG A 246 22.01 -29.30 -7.69
N PHE A 247 23.05 -30.11 -7.86
CA PHE A 247 23.31 -30.79 -9.13
C PHE A 247 23.32 -32.31 -9.01
N ALA A 248 23.00 -32.81 -7.82
CA ALA A 248 23.06 -34.25 -7.51
C ALA A 248 22.20 -35.08 -8.44
N THR A 249 20.99 -34.59 -8.72
CA THR A 249 20.06 -35.32 -9.57
C THR A 249 20.53 -35.44 -11.02
N ILE A 250 21.05 -34.34 -11.58
CA ILE A 250 21.63 -34.35 -12.92
C ILE A 250 22.90 -35.22 -12.97
N GLN A 251 23.75 -35.09 -11.97
CA GLN A 251 24.96 -35.91 -11.86
C GLN A 251 24.59 -37.38 -11.91
N ARG A 252 23.46 -37.73 -11.29
CA ARG A 252 23.00 -39.09 -11.22
C ARG A 252 22.57 -39.59 -12.59
N MET A 253 21.98 -38.71 -13.38
CA MET A 253 21.59 -39.02 -14.76
C MET A 253 22.82 -39.25 -15.63
N ILE A 254 23.90 -38.52 -15.35
CA ILE A 254 25.15 -38.69 -16.08
C ILE A 254 25.79 -40.00 -15.66
N ASP A 255 25.83 -40.23 -14.34
CA ASP A 255 26.51 -41.39 -13.77
C ASP A 255 25.82 -42.70 -14.09
N GLU A 256 24.49 -42.68 -14.12
CA GLU A 256 23.72 -43.91 -14.27
C GLU A 256 23.20 -44.14 -15.67
N ARG A 257 23.10 -43.06 -16.47
CA ARG A 257 22.58 -43.12 -17.85
C ARG A 257 21.22 -43.84 -17.98
N PRO A 258 20.22 -43.42 -17.17
CA PRO A 258 18.93 -44.07 -17.26
C PRO A 258 18.42 -43.90 -18.67
N LEU A 259 17.71 -44.91 -19.16
CA LEU A 259 17.07 -44.82 -20.45
C LEU A 259 15.68 -44.26 -20.21
N GLY A 260 15.14 -43.56 -21.20
CA GLY A 260 13.88 -42.85 -21.03
C GLY A 260 13.04 -42.91 -22.29
N PRO A 261 11.75 -42.59 -22.18
CA PRO A 261 10.91 -42.56 -23.38
C PRO A 261 11.10 -41.26 -24.15
N LEU A 262 10.74 -41.26 -25.43
CA LEU A 262 10.70 -40.03 -26.19
C LEU A 262 9.27 -39.46 -26.24
N LEU A 263 8.28 -40.32 -26.04
CA LEU A 263 6.86 -39.93 -26.00
C LEU A 263 6.24 -40.24 -24.65
N TYR A 264 5.25 -39.46 -24.24
CA TYR A 264 4.65 -39.61 -22.92
C TYR A 264 3.31 -38.86 -22.87
N GLY A 265 2.67 -38.83 -21.70
CA GLY A 265 1.30 -38.27 -21.59
C GLY A 265 0.29 -39.29 -22.03
N SER A 266 -0.60 -38.90 -22.93
CA SER A 266 -1.64 -39.80 -23.42
C SER A 266 -1.24 -40.46 -24.73
N ARG A 267 -1.46 -41.77 -24.82
CA ARG A 267 -1.03 -42.54 -25.97
C ARG A 267 -1.68 -42.07 -27.26
N LEU A 268 -2.83 -41.42 -27.12
CA LEU A 268 -3.61 -40.94 -28.28
C LEU A 268 -3.18 -39.54 -28.76
N ASP A 269 -2.60 -38.72 -27.88
CA ASP A 269 -2.10 -37.38 -28.25
C ASP A 269 -0.88 -37.07 -27.37
N PRO A 270 0.27 -37.69 -27.70
CA PRO A 270 1.40 -37.74 -26.77
C PRO A 270 2.18 -36.43 -26.67
N TYR A 271 2.74 -36.15 -25.51
CA TYR A 271 3.81 -35.17 -25.43
C TYR A 271 5.08 -35.86 -25.94
N MET A 272 6.04 -35.06 -26.40
CA MET A 272 7.32 -35.56 -26.90
C MET A 272 8.49 -34.77 -26.35
N ARG A 273 9.64 -35.43 -26.28
CA ARG A 273 10.89 -34.76 -25.95
C ARG A 273 11.99 -35.28 -26.88
N LEU A 274 12.33 -34.43 -27.84
CA LEU A 274 13.18 -34.78 -28.94
C LEU A 274 14.25 -33.72 -29.14
N ASP A 275 15.50 -34.10 -28.89
CA ASP A 275 16.64 -33.30 -29.32
C ASP A 275 17.61 -34.25 -30.00
N PRO A 276 17.50 -34.38 -31.33
CA PRO A 276 18.25 -35.38 -32.10
C PRO A 276 19.74 -35.40 -31.78
N TYR A 277 20.30 -34.23 -31.47
CA TYR A 277 21.74 -34.11 -31.28
C TYR A 277 22.20 -34.77 -29.98
N PHE A 278 21.34 -34.81 -28.99
CA PHE A 278 21.69 -35.31 -27.68
C PHE A 278 21.08 -36.69 -27.40
N THR A 279 20.42 -37.27 -28.40
CA THR A 279 19.72 -38.54 -28.27
C THR A 279 20.59 -39.70 -28.77
N SER A 280 20.70 -40.76 -27.96
CA SER A 280 21.40 -42.01 -28.37
C SER A 280 20.39 -43.15 -28.39
N VAL A 281 20.28 -43.83 -29.53
CA VAL A 281 19.51 -45.06 -29.56
C VAL A 281 20.50 -46.24 -29.43
N PRO A 282 20.38 -47.03 -28.33
CA PRO A 282 21.36 -48.10 -28.06
C PRO A 282 21.48 -49.01 -29.27
N GLN A 283 22.73 -49.30 -29.67
CA GLN A 283 23.02 -50.01 -30.93
C GLN A 283 22.23 -51.30 -31.15
N ASP A 284 22.10 -52.13 -30.12
CA ASP A 284 21.38 -53.42 -30.21
C ASP A 284 19.86 -53.35 -30.15
N ASP A 285 19.32 -52.21 -29.73
CA ASP A 285 17.86 -52.05 -29.70
C ASP A 285 17.32 -51.66 -31.09
N THR A 286 17.08 -52.69 -31.88
CA THR A 286 16.67 -52.61 -33.27
C THR A 286 15.28 -52.03 -33.45
N ASP A 287 14.38 -52.37 -32.52
CA ASP A 287 13.03 -51.82 -32.52
C ASP A 287 13.10 -50.31 -32.26
N ALA A 288 13.96 -49.91 -31.31
CA ALA A 288 14.10 -48.51 -30.93
C ALA A 288 14.67 -47.63 -32.03
N ARG A 289 15.62 -48.16 -32.82
CA ARG A 289 16.22 -47.37 -33.90
C ARG A 289 15.25 -47.24 -35.07
N ARG A 290 14.54 -48.33 -35.37
CA ARG A 290 13.45 -48.28 -36.36
C ARG A 290 12.43 -47.20 -35.97
N ALA A 291 11.97 -47.25 -34.73
CA ALA A 291 10.93 -46.33 -34.20
C ALA A 291 11.38 -44.87 -34.17
N TYR A 292 12.57 -44.64 -33.61
CA TYR A 292 13.18 -43.31 -33.57
C TYR A 292 13.34 -42.74 -34.99
N ASP A 293 13.85 -43.56 -35.90
CA ASP A 293 14.05 -43.12 -37.27
C ASP A 293 12.72 -42.72 -37.88
N ALA A 294 11.68 -43.49 -37.56
CA ALA A 294 10.33 -43.17 -38.00
C ALA A 294 9.86 -41.83 -37.42
N LEU A 295 10.06 -41.64 -36.12
CA LEU A 295 9.71 -40.38 -35.41
C LEU A 295 10.49 -39.19 -35.95
N PHE A 296 11.79 -39.37 -36.13
CA PHE A 296 12.65 -38.33 -36.69
C PHE A 296 12.17 -37.88 -38.05
N LYS A 297 11.87 -38.85 -38.93
CA LYS A 297 11.36 -38.54 -40.27
C LYS A 297 10.06 -37.75 -40.22
N VAL A 298 9.11 -38.21 -39.40
CA VAL A 298 7.82 -37.56 -39.24
C VAL A 298 7.95 -36.10 -38.80
N VAL A 299 8.77 -35.86 -37.79
CA VAL A 299 8.94 -34.50 -37.26
C VAL A 299 9.72 -33.60 -38.24
N ASP A 300 10.79 -34.14 -38.83
CA ASP A 300 11.63 -33.40 -39.78
C ASP A 300 10.76 -32.94 -40.92
N SER A 301 9.92 -33.85 -41.43
CA SER A 301 9.12 -33.51 -42.59
C SER A 301 8.03 -32.49 -42.25
N GLY A 302 7.51 -32.53 -41.01
CA GLY A 302 6.46 -31.60 -40.59
C GLY A 302 6.92 -30.21 -40.18
N MET A 303 8.24 -29.95 -40.25
CA MET A 303 8.82 -28.68 -39.78
C MET A 303 8.28 -27.49 -40.55
N ARG A 304 7.75 -26.49 -39.84
CA ARG A 304 7.20 -25.29 -40.50
C ARG A 304 8.09 -24.09 -40.26
N GLU A 305 8.12 -23.19 -41.22
CA GLU A 305 8.77 -21.90 -41.03
C GLU A 305 7.75 -20.95 -40.41
N VAL A 306 8.06 -20.42 -39.24
CA VAL A 306 7.15 -19.48 -38.57
C VAL A 306 7.92 -18.18 -38.35
N VAL A 307 7.52 -17.16 -39.10
CA VAL A 307 8.20 -15.87 -39.02
C VAL A 307 7.56 -15.08 -37.91
N ALA A 308 8.36 -14.77 -36.90
CA ALA A 308 7.98 -13.86 -35.85
C ALA A 308 8.43 -12.50 -36.35
N ASP A 309 7.48 -11.75 -36.95
CA ASP A 309 7.79 -10.39 -37.41
C ASP A 309 7.65 -9.40 -36.29
N GLN A 310 8.13 -8.18 -36.50
CA GLN A 310 8.00 -7.11 -35.55
C GLN A 310 6.56 -7.06 -34.96
N GLY A 311 6.43 -7.13 -33.65
CA GLY A 311 5.11 -7.11 -33.02
C GLY A 311 4.42 -8.45 -32.87
N ASP A 312 5.10 -9.54 -33.25
CA ASP A 312 4.54 -10.88 -33.07
C ASP A 312 5.14 -11.50 -31.82
N VAL A 313 4.32 -12.22 -31.07
CA VAL A 313 4.78 -12.95 -29.92
C VAL A 313 4.43 -14.42 -30.21
N LEU A 314 5.44 -15.26 -30.33
CA LEU A 314 5.29 -16.70 -30.59
C LEU A 314 5.31 -17.51 -29.27
N PHE A 315 4.31 -18.38 -29.08
CA PHE A 315 4.19 -19.20 -27.90
C PHE A 315 4.49 -20.64 -28.31
N ILE A 316 5.47 -21.28 -27.70
CA ILE A 316 5.79 -22.67 -28.09
C ILE A 316 5.49 -23.55 -26.89
N ASP A 317 4.72 -24.62 -27.12
CA ASP A 317 4.49 -25.62 -26.08
C ASP A 317 5.71 -26.55 -26.14
N ASN A 318 6.58 -26.51 -25.14
CA ASN A 318 7.80 -27.35 -25.15
C ASN A 318 7.48 -28.84 -25.05
N HIS A 319 6.24 -29.19 -24.69
CA HIS A 319 5.84 -30.61 -24.62
C HIS A 319 5.19 -31.12 -25.89
N ARG A 320 5.00 -30.21 -26.85
CA ARG A 320 4.28 -30.56 -28.09
C ARG A 320 4.94 -30.06 -29.37
N ALA A 321 5.96 -29.22 -29.25
CA ALA A 321 6.65 -28.80 -30.44
C ALA A 321 8.14 -28.81 -30.24
N VAL A 322 8.86 -28.96 -31.35
CA VAL A 322 10.29 -28.65 -31.37
C VAL A 322 10.46 -27.35 -32.14
N HIS A 323 11.63 -26.74 -32.00
CA HIS A 323 11.90 -25.47 -32.69
C HIS A 323 13.37 -25.29 -32.98
N GLY A 324 13.65 -24.36 -33.89
CA GLY A 324 14.99 -24.05 -34.30
C GLY A 324 14.95 -22.70 -34.98
N ARG A 325 16.00 -22.42 -35.75
CA ARG A 325 16.12 -21.18 -36.51
C ARG A 325 17.11 -21.37 -37.67
N LEU A 326 16.69 -20.87 -38.82
CA LEU A 326 17.48 -20.95 -40.05
C LEU A 326 18.64 -19.96 -40.05
N PRO A 327 19.73 -20.28 -40.80
CA PRO A 327 20.86 -19.35 -40.91
C PRO A 327 20.45 -17.97 -41.46
N PHE A 328 21.21 -16.95 -41.11
CA PHE A 328 20.98 -15.61 -41.65
C PHE A 328 22.24 -14.78 -41.52
N GLN A 329 22.32 -13.71 -42.29
CA GLN A 329 23.47 -12.82 -42.26
C GLN A 329 23.18 -11.60 -41.41
N ALA A 330 24.00 -11.39 -40.39
CA ALA A 330 23.90 -10.22 -39.55
C ALA A 330 24.64 -9.04 -40.17
N ARG A 331 24.20 -7.83 -39.82
CA ARG A 331 24.84 -6.63 -40.29
C ARG A 331 25.71 -6.05 -39.19
N TYR A 332 25.31 -6.30 -37.94
CA TYR A 332 26.01 -5.79 -36.76
C TYR A 332 26.00 -4.25 -36.67
N ASP A 333 24.92 -3.66 -37.17
CA ASP A 333 24.87 -2.19 -37.28
C ASP A 333 23.67 -1.62 -36.51
N GLY A 334 23.16 -2.39 -35.54
CA GLY A 334 22.04 -1.92 -34.74
C GLY A 334 20.68 -2.18 -35.36
N THR A 335 20.65 -2.76 -36.56
CA THR A 335 19.39 -3.01 -37.27
C THR A 335 18.97 -4.49 -37.30
N ASP A 336 19.76 -5.34 -36.66
CA ASP A 336 19.55 -6.78 -36.73
C ASP A 336 18.32 -7.30 -35.98
N ARG A 337 17.83 -8.46 -36.43
CA ARG A 337 16.79 -9.24 -35.75
C ARG A 337 17.01 -9.22 -34.25
N TRP A 338 15.93 -9.04 -33.50
CA TRP A 338 16.03 -8.93 -32.06
C TRP A 338 14.79 -9.50 -31.43
N LEU A 339 14.95 -10.67 -30.80
CA LEU A 339 13.83 -11.30 -30.10
C LEU A 339 14.11 -11.28 -28.60
N LYS A 340 13.04 -11.28 -27.82
CA LYS A 340 13.12 -11.48 -26.39
C LYS A 340 12.51 -12.85 -26.08
N ARG A 341 13.05 -13.49 -25.05
CA ARG A 341 12.64 -14.84 -24.73
C ARG A 341 12.40 -15.04 -23.23
N VAL A 342 11.26 -15.65 -22.87
CA VAL A 342 10.94 -15.99 -21.50
C VAL A 342 10.61 -17.48 -21.45
N CYS A 343 11.26 -18.20 -20.53
CA CYS A 343 10.88 -19.62 -20.33
C CYS A 343 9.82 -19.72 -19.24
N VAL A 344 8.89 -20.66 -19.39
CA VAL A 344 7.75 -20.75 -18.42
C VAL A 344 7.71 -22.14 -17.76
N THR A 345 7.55 -22.18 -16.44
CA THR A 345 7.34 -23.48 -15.76
C THR A 345 5.94 -23.50 -15.16
N SER A 346 5.26 -24.63 -15.31
CA SER A 346 3.96 -24.81 -14.67
C SER A 346 4.09 -25.04 -13.17
N ASP A 347 5.29 -25.33 -12.67
CA ASP A 347 5.42 -25.70 -11.28
C ASP A 347 6.81 -25.37 -10.77
N LEU A 348 6.97 -24.11 -10.38
CA LEU A 348 8.24 -23.64 -9.88
C LEU A 348 8.79 -24.55 -8.76
N ARG A 349 7.91 -25.08 -7.92
CA ARG A 349 8.37 -25.84 -6.74
C ARG A 349 8.99 -27.21 -7.04
N ARG A 350 8.67 -27.78 -8.22
CA ARG A 350 9.31 -28.99 -8.70
C ARG A 350 10.84 -28.92 -8.79
N SER A 351 11.37 -27.73 -9.10
CA SER A 351 12.80 -27.55 -9.30
C SER A 351 13.51 -27.08 -8.03
N ARG A 352 12.82 -27.11 -6.88
CA ARG A 352 13.42 -26.56 -5.66
C ARG A 352 14.84 -27.07 -5.38
N GLU A 353 15.08 -28.36 -5.60
CA GLU A 353 16.38 -28.96 -5.27
C GLU A 353 17.53 -28.34 -6.08
N MET A 354 17.20 -27.77 -7.25
CA MET A 354 18.19 -27.10 -8.11
C MET A 354 18.22 -25.59 -7.93
N ARG A 355 17.42 -25.08 -6.99
CA ARG A 355 17.39 -23.64 -6.72
C ARG A 355 18.04 -23.27 -5.38
N ALA A 356 18.82 -22.17 -5.35
CA ALA A 356 19.58 -21.82 -4.13
C ALA A 356 18.71 -21.47 -2.93
N THR A 357 17.59 -20.78 -3.21
CA THR A 357 16.61 -20.38 -2.21
C THR A 357 15.22 -20.72 -2.74
N SER A 358 14.23 -20.74 -1.86
CA SER A 358 12.82 -20.82 -2.25
C SER A 358 12.39 -19.65 -3.15
N ALA A 359 12.87 -18.45 -2.88
CA ALA A 359 12.44 -17.26 -3.62
C ALA A 359 13.02 -17.20 -5.05
N THR A 360 14.23 -17.71 -5.25
CA THR A 360 14.91 -17.53 -6.55
C THR A 360 14.20 -18.32 -7.65
N ARG A 361 14.10 -17.74 -8.85
CA ARG A 361 13.54 -18.42 -10.03
C ARG A 361 14.62 -19.03 -10.94
N LEU A 362 15.85 -19.06 -10.45
CA LEU A 362 16.99 -19.43 -11.30
C LEU A 362 17.46 -20.82 -10.93
N LEU A 363 17.61 -21.68 -11.91
CA LEU A 363 18.14 -23.00 -11.62
C LEU A 363 19.65 -22.94 -11.70
N GLY A 364 20.31 -23.59 -10.75
CA GLY A 364 21.76 -23.59 -10.71
C GLY A 364 22.24 -22.65 -9.62
N THR B 29 2.38 -18.14 12.35
CA THR B 29 1.82 -18.42 11.00
C THR B 29 1.00 -17.21 10.55
N PRO B 30 1.52 -16.46 9.55
CA PRO B 30 0.80 -15.32 8.96
C PRO B 30 -0.62 -15.68 8.48
N SER B 31 -1.52 -14.71 8.59
CA SER B 31 -2.92 -14.90 8.20
C SER B 31 -3.48 -13.53 7.80
N TYR B 32 -4.60 -13.53 7.08
CA TYR B 32 -5.17 -12.30 6.57
C TYR B 32 -6.58 -12.14 7.14
N SER B 33 -6.85 -10.99 7.74
CA SER B 33 -8.19 -10.74 8.28
C SER B 33 -8.87 -9.64 7.46
N LEU B 34 -9.96 -10.02 6.81
CA LEU B 34 -10.69 -9.17 5.91
C LEU B 34 -11.45 -8.08 6.68
N THR B 35 -11.40 -6.85 6.15
CA THR B 35 -12.23 -5.76 6.67
C THR B 35 -13.68 -6.09 6.32
N PRO B 36 -14.67 -5.42 6.96
CA PRO B 36 -16.05 -5.62 6.50
C PRO B 36 -16.21 -5.30 5.00
N ALA B 37 -15.51 -4.28 4.54
CA ALA B 37 -15.59 -3.88 3.12
C ALA B 37 -15.12 -5.00 2.20
N GLU B 38 -14.01 -5.63 2.59
CA GLU B 38 -13.50 -6.74 1.82
C GLU B 38 -14.48 -7.90 1.89
N ALA B 39 -14.94 -8.23 3.10
CA ALA B 39 -15.90 -9.33 3.25
C ALA B 39 -17.13 -9.11 2.36
N SER B 40 -17.62 -7.88 2.33
CA SER B 40 -18.82 -7.54 1.53
C SER B 40 -18.57 -7.66 0.02
N ALA B 41 -17.44 -7.15 -0.43
CA ALA B 41 -17.02 -7.29 -1.83
C ALA B 41 -16.90 -8.76 -2.26
N VAL B 42 -16.23 -9.58 -1.44
CA VAL B 42 -16.16 -11.02 -1.75
C VAL B 42 -17.55 -11.68 -1.82
N ALA B 43 -18.37 -11.48 -0.79
CA ALA B 43 -19.74 -12.01 -0.79
C ALA B 43 -20.50 -11.58 -2.06
N GLU B 44 -20.49 -10.29 -2.36
CA GLU B 44 -21.15 -9.76 -3.56
C GLU B 44 -20.63 -10.44 -4.81
N LEU B 45 -19.31 -10.54 -4.93
CA LEU B 45 -18.70 -11.19 -6.10
C LEU B 45 -19.17 -12.63 -6.27
N THR B 46 -19.18 -13.39 -5.18
CA THR B 46 -19.56 -14.79 -5.31
C THR B 46 -21.04 -14.94 -5.62
N LEU B 47 -21.89 -14.03 -5.13
CA LEU B 47 -23.33 -14.10 -5.48
C LEU B 47 -23.54 -13.77 -6.93
N GLU B 48 -22.84 -12.73 -7.41
CA GLU B 48 -22.96 -12.36 -8.81
C GLU B 48 -22.49 -13.51 -9.72
N LEU B 49 -21.40 -14.17 -9.32
CA LEU B 49 -20.86 -15.28 -10.08
C LEU B 49 -21.77 -16.50 -10.03
N ALA B 50 -22.35 -16.76 -8.86
CA ALA B 50 -23.29 -17.87 -8.68
C ALA B 50 -24.55 -17.76 -9.57
N ALA B 51 -24.85 -16.55 -10.01
CA ALA B 51 -26.04 -16.24 -10.80
C ALA B 51 -25.71 -16.17 -12.29
N ALA B 52 -24.45 -15.88 -12.62
CA ALA B 52 -24.00 -15.85 -14.02
C ALA B 52 -23.75 -17.24 -14.59
N TYR B 53 -23.07 -18.09 -13.84
CA TYR B 53 -22.68 -19.44 -14.28
C TYR B 53 -23.57 -20.54 -13.68
N GLY B 54 -23.82 -21.60 -14.43
CA GLY B 54 -24.75 -22.65 -13.98
C GLY B 54 -24.25 -23.52 -12.84
N SER B 55 -23.04 -24.04 -13.03
CA SER B 55 -22.40 -24.96 -12.11
C SER B 55 -20.95 -25.05 -12.60
N PHE B 56 -20.12 -25.81 -11.87
CA PHE B 56 -18.75 -26.08 -12.35
C PHE B 56 -18.76 -26.98 -13.59
N GLY B 57 -19.94 -27.52 -13.91
CA GLY B 57 -20.15 -28.33 -15.10
C GLY B 57 -20.07 -27.47 -16.34
N ASP B 58 -20.22 -26.16 -16.15
CA ASP B 58 -20.04 -25.18 -17.19
C ASP B 58 -18.54 -25.01 -17.45
N PRO B 59 -18.07 -25.40 -18.65
CA PRO B 59 -16.64 -25.29 -18.96
C PRO B 59 -16.12 -23.85 -19.02
N VAL B 60 -16.99 -22.88 -19.30
N VAL B 60 -17.01 -22.89 -19.30
CA VAL B 60 -16.53 -21.48 -19.39
CA VAL B 60 -16.60 -21.48 -19.39
C VAL B 60 -16.21 -20.90 -18.01
C VAL B 60 -16.24 -20.89 -18.03
N LEU B 61 -16.92 -21.34 -16.98
CA LEU B 61 -16.57 -20.97 -15.62
C LEU B 61 -15.12 -21.41 -15.29
N LEU B 62 -14.81 -22.66 -15.62
CA LEU B 62 -13.48 -23.19 -15.35
C LEU B 62 -12.41 -22.43 -16.14
N ARG B 63 -12.73 -22.11 -17.39
CA ARG B 63 -11.90 -21.30 -18.24
C ARG B 63 -11.66 -19.96 -17.55
N ASP B 64 -12.73 -19.29 -17.12
CA ASP B 64 -12.67 -17.93 -16.62
C ASP B 64 -12.08 -17.76 -15.21
N LEU B 65 -11.93 -18.85 -14.49
CA LEU B 65 -11.60 -18.79 -13.05
C LEU B 65 -10.47 -17.80 -12.70
N PRO B 66 -9.30 -17.91 -13.37
CA PRO B 66 -8.25 -16.95 -13.01
C PRO B 66 -8.58 -15.48 -13.29
N ARG B 67 -9.14 -15.18 -14.45
CA ARG B 67 -9.59 -13.83 -14.70
C ARG B 67 -10.62 -13.38 -13.64
N LEU B 68 -11.59 -14.23 -13.34
CA LEU B 68 -12.55 -13.93 -12.31
C LEU B 68 -11.92 -13.75 -10.93
N ALA B 69 -10.89 -14.53 -10.63
CA ALA B 69 -10.22 -14.41 -9.32
C ALA B 69 -9.53 -13.07 -9.18
N ALA B 70 -9.21 -12.43 -10.31
CA ALA B 70 -8.56 -11.14 -10.29
C ALA B 70 -9.57 -10.07 -9.91
N ARG B 71 -10.84 -10.46 -9.73
CA ARG B 71 -11.86 -9.51 -9.31
C ARG B 71 -12.00 -9.49 -7.79
N LEU B 72 -11.33 -10.44 -7.12
CA LEU B 72 -11.27 -10.37 -5.66
C LEU B 72 -10.52 -9.14 -5.15
N PRO B 73 -10.73 -8.74 -3.88
CA PRO B 73 -9.95 -7.64 -3.30
C PRO B 73 -8.43 -7.84 -3.49
N GLU B 74 -7.75 -6.78 -3.92
CA GLU B 74 -6.30 -6.85 -4.21
C GLU B 74 -5.43 -7.33 -3.05
N GLY B 75 -5.76 -6.88 -1.84
CA GLY B 75 -5.06 -7.28 -0.62
C GLY B 75 -5.08 -8.80 -0.47
N VAL B 76 -6.19 -9.41 -0.88
CA VAL B 76 -6.43 -10.87 -0.76
C VAL B 76 -5.58 -11.60 -1.81
N GLN B 77 -5.68 -11.19 -3.07
CA GLN B 77 -4.79 -11.71 -4.11
C GLN B 77 -3.31 -11.57 -3.69
N ASP B 78 -2.90 -10.40 -3.27
CA ASP B 78 -1.50 -10.17 -2.93
C ASP B 78 -1.04 -11.12 -1.83
N PHE B 79 -1.90 -11.31 -0.84
CA PHE B 79 -1.57 -12.10 0.33
C PHE B 79 -1.35 -13.57 -0.06
N LEU B 80 -2.24 -14.13 -0.87
CA LEU B 80 -2.11 -15.50 -1.27
C LEU B 80 -0.90 -15.72 -2.15
N ARG B 81 -0.63 -14.74 -3.01
CA ARG B 81 0.52 -14.81 -3.92
C ARG B 81 1.79 -14.88 -3.10
N GLU B 82 1.85 -14.03 -2.06
CA GLU B 82 2.98 -14.05 -1.14
C GLU B 82 3.16 -15.40 -0.44
N PHE B 83 2.06 -15.95 0.07
CA PHE B 83 2.11 -17.28 0.69
C PHE B 83 2.68 -18.33 -0.29
N LYS B 84 2.10 -18.39 -1.49
CA LYS B 84 2.53 -19.32 -2.53
C LYS B 84 4.03 -19.20 -2.92
N LEU B 85 4.49 -17.97 -3.14
CA LEU B 85 5.87 -17.74 -3.57
C LEU B 85 6.86 -17.81 -2.43
N ALA B 86 6.44 -17.47 -1.22
CA ALA B 86 7.39 -17.48 -0.12
C ALA B 86 7.84 -18.92 0.13
N ASP B 87 6.94 -19.87 -0.13
CA ASP B 87 7.23 -21.29 0.08
C ASP B 87 7.86 -21.45 1.46
N ARG B 88 7.23 -20.88 2.48
CA ARG B 88 7.78 -20.83 3.83
C ARG B 88 6.90 -21.45 4.89
N HIS B 89 5.58 -21.39 4.72
CA HIS B 89 4.67 -21.89 5.75
C HIS B 89 3.85 -23.05 5.31
N GLY B 90 3.57 -23.94 6.27
CA GLY B 90 2.76 -25.14 6.04
C GLY B 90 1.29 -24.85 5.79
N HIS B 91 0.81 -23.72 6.31
CA HIS B 91 -0.58 -23.29 6.08
C HIS B 91 -0.76 -21.81 6.22
N THR B 92 -1.88 -21.30 5.71
CA THR B 92 -2.32 -19.95 6.09
C THR B 92 -3.83 -19.88 6.18
N VAL B 93 -4.34 -18.78 6.74
CA VAL B 93 -5.79 -18.59 6.86
C VAL B 93 -6.22 -17.20 6.35
N ILE B 94 -7.27 -17.16 5.53
CA ILE B 94 -8.01 -15.91 5.30
C ILE B 94 -9.32 -15.93 6.11
N ARG B 95 -9.43 -14.99 7.03
CA ARG B 95 -10.48 -14.99 8.06
C ARG B 95 -11.44 -13.85 7.82
N GLY B 96 -12.64 -14.01 8.34
CA GLY B 96 -13.65 -12.95 8.35
C GLY B 96 -14.54 -12.89 7.11
N HIS B 97 -14.63 -13.96 6.34
CA HIS B 97 -15.59 -14.01 5.20
C HIS B 97 -17.02 -13.97 5.73
N ASP B 98 -17.94 -13.46 4.90
CA ASP B 98 -19.35 -13.41 5.25
C ASP B 98 -20.05 -14.60 4.60
N PHE B 99 -20.30 -15.65 5.39
CA PHE B 99 -20.95 -16.85 4.90
C PHE B 99 -22.39 -16.87 5.45
N ASP B 100 -23.32 -16.48 4.60
CA ASP B 100 -24.69 -16.19 5.02
C ASP B 100 -25.39 -17.48 5.41
N GLN B 101 -25.52 -17.66 6.71
CA GLN B 101 -26.00 -18.92 7.28
C GLN B 101 -27.45 -19.26 6.88
N ARG B 102 -28.31 -18.24 6.80
CA ARG B 102 -29.68 -18.41 6.33
C ARG B 102 -29.69 -18.95 4.91
N ARG B 103 -28.99 -18.27 4.02
CA ARG B 103 -28.89 -18.72 2.62
C ARG B 103 -28.26 -20.10 2.52
N ILE B 104 -27.18 -20.31 3.27
CA ILE B 104 -26.43 -21.58 3.23
C ILE B 104 -27.30 -22.72 3.76
N GLY B 105 -28.08 -22.42 4.80
CA GLY B 105 -29.04 -23.39 5.32
C GLY B 105 -28.41 -24.56 6.05
N PRO B 106 -29.23 -25.58 6.38
CA PRO B 106 -28.79 -26.65 7.28
C PRO B 106 -27.73 -27.59 6.68
N THR B 107 -26.77 -27.97 7.50
CA THR B 107 -25.78 -28.99 7.14
C THR B 107 -26.51 -30.24 6.65
N PRO B 108 -26.27 -30.66 5.40
CA PRO B 108 -27.05 -31.74 4.78
C PRO B 108 -26.87 -33.09 5.47
N ASP B 109 -27.78 -34.03 5.16
CA ASP B 109 -27.70 -35.40 5.67
C ASP B 109 -26.61 -36.23 4.98
N HIS B 110 -26.56 -36.15 3.64
CA HIS B 110 -25.56 -36.87 2.85
C HIS B 110 -25.20 -36.10 1.61
N TRP B 111 -24.05 -36.42 1.01
CA TRP B 111 -23.62 -35.79 -0.23
C TRP B 111 -24.24 -36.38 -1.47
N ARG B 112 -24.53 -37.68 -1.42
CA ARG B 112 -25.05 -38.41 -2.58
C ARG B 112 -26.52 -38.10 -2.85
N GLY B 113 -26.88 -37.99 -4.12
CA GLY B 113 -28.27 -37.78 -4.53
C GLY B 113 -28.76 -36.38 -4.24
N ARG B 114 -28.05 -35.70 -3.34
CA ARG B 114 -28.19 -34.28 -3.09
C ARG B 114 -27.94 -33.51 -4.41
N VAL B 115 -28.76 -32.49 -4.65
CA VAL B 115 -28.71 -31.76 -5.92
C VAL B 115 -27.55 -30.76 -5.99
N ARG B 116 -26.79 -30.83 -7.09
CA ARG B 116 -25.82 -29.79 -7.47
C ARG B 116 -26.44 -28.84 -8.50
N PRO B 117 -26.27 -27.52 -8.34
CA PRO B 117 -25.61 -26.85 -7.22
C PRO B 117 -26.59 -26.47 -6.10
N GLY B 118 -26.13 -26.50 -4.85
CA GLY B 118 -26.95 -26.15 -3.69
C GLY B 118 -26.89 -24.66 -3.40
N PRO B 119 -27.55 -24.21 -2.30
CA PRO B 119 -27.58 -22.77 -2.02
C PRO B 119 -26.24 -22.20 -1.54
N GLU B 120 -25.31 -23.09 -1.19
CA GLU B 120 -23.96 -22.72 -0.76
C GLU B 120 -23.00 -22.61 -1.97
N PHE B 121 -23.59 -22.57 -3.16
CA PHE B 121 -22.84 -22.41 -4.42
C PHE B 121 -21.87 -21.22 -4.43
N PRO B 122 -22.28 -20.06 -3.89
CA PRO B 122 -21.36 -18.93 -3.80
C PRO B 122 -20.08 -19.29 -3.06
N GLU B 123 -20.22 -20.06 -2.00
CA GLU B 123 -19.08 -20.42 -1.16
C GLU B 123 -18.13 -21.39 -1.87
N GLU B 124 -18.71 -22.31 -2.65
CA GLU B 124 -17.92 -23.25 -3.45
C GLU B 124 -17.16 -22.49 -4.56
N LEU B 125 -17.86 -21.56 -5.20
CA LEU B 125 -17.22 -20.71 -6.21
C LEU B 125 -16.07 -19.93 -5.58
N LEU B 126 -16.27 -19.45 -4.36
CA LEU B 126 -15.20 -18.76 -3.68
C LEU B 126 -13.93 -19.64 -3.58
N LEU B 127 -14.10 -20.89 -3.16
CA LEU B 127 -12.94 -21.75 -3.03
C LEU B 127 -12.33 -21.99 -4.40
N MET B 128 -13.16 -22.06 -5.44
CA MET B 128 -12.66 -22.30 -6.79
C MET B 128 -11.79 -21.12 -7.27
N LEU B 129 -12.21 -19.91 -6.91
CA LEU B 129 -11.43 -18.71 -7.25
C LEU B 129 -10.07 -18.75 -6.53
N TYR B 130 -10.09 -19.08 -5.25
CA TYR B 130 -8.85 -19.17 -4.47
C TYR B 130 -7.94 -20.23 -5.11
N SER B 131 -8.53 -21.31 -5.61
CA SER B 131 -7.76 -22.39 -6.19
C SER B 131 -7.04 -21.94 -7.47
N ALA B 132 -7.69 -21.05 -8.23
CA ALA B 132 -7.14 -20.53 -9.48
C ALA B 132 -5.99 -19.53 -9.24
N LEU B 133 -6.02 -18.87 -8.09
CA LEU B 133 -4.90 -18.04 -7.66
C LEU B 133 -3.67 -18.88 -7.30
N LEU B 134 -3.90 -20.09 -6.78
CA LEU B 134 -2.79 -20.96 -6.34
C LEU B 134 -2.33 -21.92 -7.42
N GLY B 135 -3.20 -22.27 -8.35
CA GLY B 135 -2.87 -23.24 -9.37
C GLY B 135 -4.10 -23.61 -10.15
N GLU B 136 -4.44 -24.90 -10.17
CA GLU B 136 -5.61 -25.41 -10.92
C GLU B 136 -6.40 -26.37 -10.02
N PRO B 137 -7.73 -26.18 -9.93
CA PRO B 137 -8.54 -27.16 -9.21
C PRO B 137 -8.64 -28.49 -9.98
N PHE B 138 -8.55 -29.58 -9.22
CA PHE B 138 -8.76 -30.90 -9.78
C PHE B 138 -9.38 -31.81 -8.70
N GLY B 139 -9.82 -32.98 -9.10
CA GLY B 139 -10.36 -33.96 -8.15
C GLY B 139 -10.09 -35.39 -8.58
N TRP B 140 -10.80 -36.30 -7.92
CA TRP B 140 -10.74 -37.72 -8.21
C TRP B 140 -12.07 -38.18 -8.70
N ALA B 141 -12.08 -38.76 -9.90
CA ALA B 141 -13.29 -39.23 -10.57
C ALA B 141 -14.20 -40.11 -9.69
N THR B 142 -13.59 -40.84 -8.76
CA THR B 142 -14.33 -41.79 -7.92
C THR B 142 -14.82 -41.18 -6.61
N GLN B 143 -14.17 -40.11 -6.17
CA GLN B 143 -14.50 -39.46 -4.90
C GLN B 143 -15.72 -38.53 -5.03
N GLN B 144 -16.66 -38.66 -4.09
CA GLN B 144 -17.93 -37.88 -4.08
C GLN B 144 -18.50 -37.47 -5.45
N ASP B 145 -18.66 -38.45 -6.34
CA ASP B 145 -19.15 -38.24 -7.70
C ASP B 145 -18.19 -37.45 -8.59
N GLY B 146 -16.94 -37.29 -8.16
CA GLY B 146 -15.96 -36.50 -8.90
C GLY B 146 -16.28 -35.02 -8.86
N HIS B 147 -16.96 -34.60 -7.81
CA HIS B 147 -17.28 -33.19 -7.63
C HIS B 147 -16.00 -32.47 -7.43
N LEU B 148 -15.80 -31.39 -8.17
CA LEU B 148 -14.60 -30.57 -7.95
C LEU B 148 -14.54 -29.96 -6.55
N VAL B 149 -15.70 -29.63 -5.97
CA VAL B 149 -15.76 -29.20 -4.57
C VAL B 149 -16.32 -30.30 -3.66
N HIS B 150 -15.54 -30.66 -2.65
CA HIS B 150 -15.86 -31.72 -1.72
C HIS B 150 -16.52 -31.23 -0.47
N ASP B 151 -17.36 -32.08 0.10
CA ASP B 151 -18.04 -31.80 1.35
C ASP B 151 -17.33 -32.49 2.50
N ILE B 152 -17.21 -31.78 3.61
CA ILE B 152 -16.74 -32.39 4.86
C ILE B 152 -17.76 -32.10 5.94
N PHE B 153 -18.54 -33.11 6.32
CA PHE B 153 -19.50 -32.98 7.42
C PHE B 153 -19.90 -34.36 7.99
N PRO B 154 -20.34 -34.40 9.27
CA PRO B 154 -20.64 -35.67 9.95
C PRO B 154 -21.76 -36.44 9.28
N ILE B 155 -21.46 -37.63 8.79
CA ILE B 155 -22.48 -38.53 8.26
C ILE B 155 -22.69 -39.69 9.24
N ARG B 156 -23.95 -39.87 9.65
CA ARG B 156 -24.33 -40.97 10.56
C ARG B 156 -24.00 -42.34 9.96
N SER B 157 -24.34 -42.54 8.69
CA SER B 157 -23.98 -43.76 7.94
C SER B 157 -22.49 -44.10 7.97
N HIS B 158 -21.65 -43.17 7.53
CA HIS B 158 -20.20 -43.36 7.45
C HIS B 158 -19.50 -42.98 8.73
N GLU B 159 -20.22 -43.08 9.85
CA GLU B 159 -19.78 -42.56 11.15
C GLU B 159 -18.38 -43.03 11.63
N ASN B 160 -18.36 -44.04 12.50
CA ASN B 160 -17.13 -44.57 13.11
C ASN B 160 -16.08 -45.13 12.12
N ASP B 161 -16.09 -44.60 10.91
CA ASP B 161 -15.11 -44.91 9.88
C ASP B 161 -13.93 -43.95 9.94
N GLN B 162 -12.77 -44.48 9.60
CA GLN B 162 -11.54 -43.71 9.37
C GLN B 162 -11.77 -42.52 8.43
N LEU B 163 -12.73 -42.66 7.51
CA LEU B 163 -13.02 -41.70 6.44
C LEU B 163 -13.20 -40.25 6.91
N GLY B 164 -12.78 -39.31 6.06
CA GLY B 164 -13.09 -37.90 6.24
C GLY B 164 -14.50 -37.65 5.74
N MET B 165 -15.44 -37.61 6.70
CA MET B 165 -16.89 -37.64 6.45
C MET B 165 -17.55 -38.29 7.66
N GLY B 166 -16.71 -38.93 8.48
CA GLY B 166 -17.13 -39.60 9.70
C GLY B 166 -16.55 -38.95 10.93
N SER B 167 -17.29 -39.03 12.03
CA SER B 167 -17.06 -38.23 13.23
C SER B 167 -15.81 -38.54 14.11
N LYS B 168 -15.03 -39.55 13.73
CA LYS B 168 -13.80 -39.95 14.49
C LYS B 168 -12.50 -39.99 13.65
N GLN B 169 -11.33 -40.07 14.31
CA GLN B 169 -10.04 -40.10 13.57
C GLN B 169 -8.81 -40.68 14.30
N LEU B 170 -8.68 -40.39 15.59
CA LEU B 170 -7.39 -40.40 16.31
C LEU B 170 -6.61 -39.14 15.95
N LEU B 171 -5.30 -39.25 15.82
CA LEU B 171 -4.48 -38.18 15.21
C LEU B 171 -3.62 -38.80 14.11
N THR B 172 -4.31 -39.48 13.19
CA THR B 172 -3.69 -39.99 11.98
C THR B 172 -3.49 -38.83 11.00
N TRP B 173 -2.52 -37.98 11.32
CA TRP B 173 -2.09 -36.95 10.39
C TRP B 173 -1.40 -37.53 9.17
N HIS B 174 -1.51 -36.80 8.05
CA HIS B 174 -1.04 -37.26 6.74
C HIS B 174 -0.73 -36.13 5.79
N THR B 175 0.19 -36.39 4.87
CA THR B 175 0.27 -35.68 3.60
C THR B 175 -0.89 -36.25 2.82
N GLU B 176 -1.63 -35.42 2.10
CA GLU B 176 -2.72 -35.93 1.25
C GLU B 176 -2.20 -36.77 0.10
N ASP B 177 -2.80 -37.95 -0.05
CA ASP B 177 -2.46 -38.93 -1.09
C ASP B 177 -0.96 -39.07 -1.24
N ALA B 178 -0.30 -39.36 -0.12
CA ALA B 178 1.14 -39.33 -0.04
C ALA B 178 1.80 -40.28 -1.03
N PHE B 179 1.08 -41.35 -1.35
CA PHE B 179 1.53 -42.44 -2.24
C PHE B 179 1.57 -41.98 -3.67
N HIS B 180 0.69 -41.05 -4.01
CA HIS B 180 0.36 -40.73 -5.40
C HIS B 180 1.25 -39.65 -5.99
N PRO B 181 1.87 -39.93 -7.15
CA PRO B 181 2.81 -38.98 -7.76
C PRO B 181 2.13 -37.65 -8.16
N TYR B 182 0.82 -37.70 -8.40
CA TYR B 182 0.04 -36.52 -8.79
C TYR B 182 -0.88 -36.03 -7.66
N ARG B 183 -0.44 -36.21 -6.42
CA ARG B 183 -1.20 -35.73 -5.27
C ARG B 183 -1.28 -34.18 -5.28
N SER B 184 -2.24 -33.66 -4.52
CA SER B 184 -2.44 -32.21 -4.37
C SER B 184 -1.17 -31.48 -3.99
N ASP B 185 -1.02 -30.28 -4.54
CA ASP B 185 0.02 -29.36 -4.08
C ASP B 185 -0.47 -28.51 -2.90
N TYR B 186 -1.76 -28.16 -2.94
CA TYR B 186 -2.40 -27.42 -1.87
C TYR B 186 -3.79 -27.97 -1.61
N LEU B 187 -4.25 -27.75 -0.38
CA LEU B 187 -5.62 -28.04 0.00
C LEU B 187 -6.27 -26.77 0.51
N ILE B 188 -7.48 -26.52 0.06
CA ILE B 188 -8.23 -25.35 0.51
C ILE B 188 -9.47 -25.81 1.29
N LEU B 189 -9.56 -25.39 2.54
CA LEU B 189 -10.64 -25.83 3.42
C LEU B 189 -11.44 -24.59 3.82
N GLY B 190 -12.63 -24.41 3.25
CA GLY B 190 -13.54 -23.33 3.68
C GLY B 190 -14.57 -23.79 4.72
N ALA B 191 -14.57 -23.16 5.89
CA ALA B 191 -15.49 -23.53 6.96
C ALA B 191 -16.78 -22.73 6.81
N LEU B 192 -17.80 -23.41 6.27
CA LEU B 192 -19.17 -22.86 6.25
C LEU B 192 -19.71 -22.74 7.66
N ARG B 193 -19.45 -23.75 8.49
CA ARG B 193 -19.74 -23.67 9.91
C ARG B 193 -18.95 -24.66 10.75
N ASN B 194 -18.77 -24.30 12.02
CA ASN B 194 -17.94 -25.07 12.96
C ASN B 194 -18.27 -24.67 14.40
N PRO B 195 -19.51 -24.93 14.83
CA PRO B 195 -20.04 -24.35 16.09
C PRO B 195 -19.27 -24.74 17.36
N ASP B 196 -18.69 -25.94 17.38
CA ASP B 196 -17.95 -26.38 18.55
C ASP B 196 -16.44 -26.31 18.35
N HIS B 197 -16.03 -25.48 17.37
CA HIS B 197 -14.63 -25.13 17.18
C HIS B 197 -13.73 -26.33 17.10
N VAL B 198 -14.14 -27.31 16.30
CA VAL B 198 -13.37 -28.53 16.15
C VAL B 198 -12.10 -28.28 15.30
N PRO B 199 -10.90 -28.54 15.88
CA PRO B 199 -9.64 -28.24 15.20
C PRO B 199 -9.31 -29.13 14.03
N THR B 200 -8.46 -28.61 13.16
CA THR B 200 -7.73 -29.37 12.16
C THR B 200 -6.32 -29.43 12.73
N THR B 201 -5.71 -30.61 12.70
CA THR B 201 -4.33 -30.72 13.16
C THR B 201 -3.47 -30.42 11.95
N VAL B 202 -2.40 -29.66 12.17
CA VAL B 202 -1.50 -29.28 11.07
C VAL B 202 -0.10 -29.32 11.61
N GLY B 203 0.79 -30.03 10.93
CA GLY B 203 2.17 -30.11 11.42
C GLY B 203 3.20 -29.87 10.33
N GLU B 204 4.29 -29.18 10.68
CA GLU B 204 5.38 -28.88 9.76
C GLU B 204 6.62 -29.68 10.19
N LEU B 205 7.72 -29.49 9.46
CA LEU B 205 8.99 -30.17 9.73
C LEU B 205 10.01 -29.24 10.38
N ASP B 206 10.28 -29.48 11.67
CA ASP B 206 11.34 -28.77 12.36
C ASP B 206 12.65 -29.54 12.15
N LEU B 207 13.52 -28.98 11.32
CA LEU B 207 14.78 -29.63 10.95
C LEU B 207 15.79 -29.79 12.07
N SER B 208 15.80 -28.84 13.01
CA SER B 208 16.87 -28.74 14.01
C SER B 208 17.05 -30.00 14.85
N SER B 209 15.95 -30.74 15.02
CA SER B 209 15.91 -31.92 15.86
C SER B 209 16.30 -33.18 15.08
N LEU B 210 16.74 -32.98 13.83
CA LEU B 210 17.15 -34.09 12.96
C LEU B 210 18.62 -33.97 12.59
N SER B 211 19.30 -35.12 12.54
CA SER B 211 20.70 -35.15 12.12
C SER B 211 20.79 -35.09 10.59
N ALA B 212 21.95 -34.68 10.08
CA ALA B 212 22.19 -34.58 8.64
C ALA B 212 22.18 -35.94 7.95
N GLU B 213 22.76 -36.94 8.62
CA GLU B 213 22.79 -38.32 8.13
C GLU B 213 21.37 -38.83 7.89
N ASP B 214 20.50 -38.61 8.87
CA ASP B 214 19.09 -39.03 8.80
C ASP B 214 18.36 -38.40 7.61
N ILE B 215 18.48 -37.08 7.49
CA ILE B 215 17.87 -36.36 6.38
C ILE B 215 18.33 -36.99 5.05
N ASP B 216 19.63 -37.25 4.93
CA ASP B 216 20.17 -37.86 3.71
C ASP B 216 19.50 -39.19 3.36
N VAL B 217 19.30 -40.06 4.35
CA VAL B 217 18.67 -41.36 4.07
C VAL B 217 17.16 -41.20 3.75
N LEU B 218 16.53 -40.18 4.34
CA LEU B 218 15.12 -39.90 4.10
C LEU B 218 14.90 -39.39 2.67
N PHE B 219 15.93 -38.76 2.11
CA PHE B 219 15.89 -38.31 0.71
C PHE B 219 15.98 -39.43 -0.32
N GLU B 220 16.49 -40.59 0.10
CA GLU B 220 16.69 -41.72 -0.80
C GLU B 220 15.41 -42.57 -0.95
N PRO B 221 15.27 -43.32 -2.06
CA PRO B 221 14.05 -44.09 -2.32
C PRO B 221 14.07 -45.44 -1.61
N ARG B 222 13.99 -45.40 -0.28
CA ARG B 222 14.12 -46.61 0.56
C ARG B 222 12.83 -46.99 1.32
N TYR B 223 11.74 -46.30 1.00
CA TYR B 223 10.47 -46.46 1.74
C TYR B 223 9.33 -46.80 0.79
N HIS B 224 8.38 -47.61 1.24
CA HIS B 224 7.18 -47.86 0.46
C HIS B 224 6.01 -47.16 1.08
N ILE B 225 5.23 -46.48 0.24
CA ILE B 225 3.97 -45.92 0.68
C ILE B 225 2.84 -46.59 -0.10
N ALA B 226 2.06 -47.38 0.62
CA ALA B 226 0.97 -48.16 0.04
C ALA B 226 -0.15 -47.24 -0.44
N PRO B 227 -0.93 -47.70 -1.44
CA PRO B 227 -2.08 -46.94 -1.94
C PRO B 227 -3.20 -46.80 -0.93
N ASP B 228 -4.22 -46.01 -1.29
CA ASP B 228 -5.43 -45.90 -0.49
C ASP B 228 -6.59 -46.57 -1.24
N GLU B 229 -7.65 -46.93 -0.52
CA GLU B 229 -8.83 -47.58 -1.12
C GLU B 229 -9.90 -46.58 -1.57
N SER B 230 -9.88 -45.39 -0.98
CA SER B 230 -10.84 -44.34 -1.30
C SER B 230 -10.26 -43.33 -2.30
N MET B 253 -5.34 -46.11 -13.00
CA MET B 253 -4.79 -47.13 -13.88
C MET B 253 -3.27 -47.21 -13.74
N ILE B 254 -2.63 -47.84 -14.74
CA ILE B 254 -1.15 -47.92 -14.86
C ILE B 254 -0.47 -48.42 -13.57
N ASP B 255 0.10 -47.49 -12.80
CA ASP B 255 0.77 -47.76 -11.52
C ASP B 255 1.86 -48.86 -11.52
N GLU B 256 2.69 -48.86 -10.48
CA GLU B 256 3.76 -49.86 -10.32
C GLU B 256 3.80 -50.35 -8.87
N ARG B 257 4.99 -50.45 -8.28
CA ARG B 257 5.16 -50.87 -6.88
C ARG B 257 6.46 -50.36 -6.20
N PRO B 258 7.00 -49.21 -6.66
CA PRO B 258 8.37 -48.81 -6.29
C PRO B 258 8.57 -48.42 -4.83
N LEU B 259 9.84 -48.22 -4.46
CA LEU B 259 10.24 -47.58 -3.22
C LEU B 259 10.50 -46.09 -3.49
N GLY B 260 10.05 -45.23 -2.58
CA GLY B 260 10.21 -43.79 -2.73
C GLY B 260 10.80 -43.13 -1.49
N PRO B 261 11.13 -41.83 -1.58
CA PRO B 261 11.66 -41.12 -0.42
C PRO B 261 10.53 -40.52 0.41
N LEU B 262 10.87 -39.96 1.56
CA LEU B 262 9.88 -39.28 2.39
C LEU B 262 10.12 -37.77 2.40
N LEU B 263 11.36 -37.37 2.15
CA LEU B 263 11.74 -35.98 2.03
C LEU B 263 12.32 -35.74 0.66
N TYR B 264 11.98 -34.59 0.09
CA TYR B 264 12.39 -34.20 -1.28
C TYR B 264 12.52 -32.69 -1.36
N GLY B 265 12.93 -32.17 -2.52
CA GLY B 265 13.19 -30.75 -2.62
C GLY B 265 14.56 -30.38 -2.07
N SER B 266 14.61 -29.32 -1.27
CA SER B 266 15.87 -28.86 -0.66
C SER B 266 16.21 -29.63 0.62
N ARG B 267 17.46 -30.08 0.75
CA ARG B 267 17.85 -30.83 1.95
C ARG B 267 18.01 -29.92 3.15
N LEU B 268 18.01 -28.61 2.90
CA LEU B 268 18.06 -27.62 3.97
C LEU B 268 16.67 -27.18 4.45
N ASP B 269 15.67 -27.38 3.60
CA ASP B 269 14.30 -26.97 3.92
C ASP B 269 13.36 -27.89 3.15
N PRO B 270 13.31 -29.18 3.55
CA PRO B 270 12.70 -30.20 2.70
C PRO B 270 11.21 -30.15 2.65
N TYR B 271 10.67 -30.64 1.53
CA TYR B 271 9.27 -31.01 1.41
C TYR B 271 9.11 -32.43 1.92
N MET B 272 7.88 -32.77 2.29
CA MET B 272 7.57 -34.10 2.83
C MET B 272 6.36 -34.79 2.21
N ARG B 273 6.47 -36.11 2.05
CA ARG B 273 5.33 -36.98 1.74
C ARG B 273 5.28 -38.03 2.84
N LEU B 274 4.38 -37.83 3.79
CA LEU B 274 4.39 -38.61 4.99
C LEU B 274 2.98 -39.05 5.23
N ASP B 275 2.79 -40.37 5.26
CA ASP B 275 1.55 -40.96 5.74
C ASP B 275 1.89 -42.18 6.61
N PRO B 276 2.05 -41.97 7.94
CA PRO B 276 2.60 -43.04 8.80
C PRO B 276 1.86 -44.36 8.66
N TYR B 277 0.53 -44.29 8.57
CA TYR B 277 -0.32 -45.48 8.49
C TYR B 277 0.00 -46.40 7.31
N PHE B 278 0.26 -45.80 6.14
CA PHE B 278 0.52 -46.57 4.92
C PHE B 278 2.01 -46.69 4.54
N THR B 279 2.87 -46.39 5.52
CA THR B 279 4.30 -46.33 5.32
C THR B 279 4.98 -47.55 5.95
N SER B 280 5.85 -48.20 5.19
CA SER B 280 6.68 -49.31 5.69
C SER B 280 8.13 -49.25 5.17
N VAL B 281 9.03 -49.83 5.95
CA VAL B 281 10.44 -49.83 5.65
C VAL B 281 10.91 -51.27 5.57
N PRO B 282 11.53 -51.67 4.44
CA PRO B 282 12.16 -53.00 4.34
C PRO B 282 12.92 -53.33 5.62
N GLN B 283 12.54 -54.43 6.27
CA GLN B 283 13.16 -54.89 7.52
C GLN B 283 14.70 -54.77 7.54
N ASP B 284 15.36 -55.10 6.43
CA ASP B 284 16.83 -55.07 6.37
C ASP B 284 17.46 -53.66 6.41
N ASP B 285 16.68 -52.65 6.05
CA ASP B 285 17.20 -51.28 6.01
C ASP B 285 17.13 -50.58 7.39
N THR B 286 18.10 -50.90 8.25
CA THR B 286 18.09 -50.43 9.64
C THR B 286 18.35 -48.92 9.76
N ASP B 287 19.19 -48.40 8.87
CA ASP B 287 19.42 -46.95 8.82
C ASP B 287 18.14 -46.20 8.44
N ALA B 288 17.42 -46.70 7.43
CA ALA B 288 16.15 -46.09 6.99
C ALA B 288 15.09 -46.12 8.07
N ARG B 289 15.04 -47.20 8.84
CA ARG B 289 14.08 -47.30 9.95
C ARG B 289 14.41 -46.34 11.07
N ARG B 290 15.71 -46.23 11.38
CA ARG B 290 16.24 -45.25 12.33
C ARG B 290 15.87 -43.81 11.94
N ALA B 291 16.13 -43.43 10.68
CA ALA B 291 15.83 -42.07 10.22
C ALA B 291 14.32 -41.81 10.16
N TYR B 292 13.54 -42.83 9.81
CA TYR B 292 12.08 -42.72 9.79
C TYR B 292 11.51 -42.50 11.20
N ASP B 293 11.97 -43.30 12.17
CA ASP B 293 11.58 -43.12 13.56
C ASP B 293 11.87 -41.70 14.04
N ALA B 294 13.05 -41.17 13.72
CA ALA B 294 13.38 -39.79 14.15
C ALA B 294 12.50 -38.72 13.47
N LEU B 295 12.24 -38.90 12.18
CA LEU B 295 11.36 -38.00 11.43
C LEU B 295 9.93 -38.05 12.03
N PHE B 296 9.39 -39.26 12.22
CA PHE B 296 8.05 -39.39 12.79
C PHE B 296 7.94 -38.61 14.11
N LYS B 297 8.91 -38.84 15.00
CA LYS B 297 8.90 -38.24 16.33
C LYS B 297 8.92 -36.72 16.28
N VAL B 298 9.72 -36.19 15.37
CA VAL B 298 9.84 -34.74 15.18
C VAL B 298 8.50 -34.17 14.70
N VAL B 299 7.91 -34.83 13.70
CA VAL B 299 6.67 -34.34 13.09
C VAL B 299 5.46 -34.50 14.02
N ASP B 300 5.30 -35.69 14.58
CA ASP B 300 4.20 -35.97 15.51
C ASP B 300 4.14 -35.02 16.71
N SER B 301 5.31 -34.67 17.25
CA SER B 301 5.43 -33.80 18.41
C SER B 301 5.28 -32.31 18.14
N GLY B 302 5.44 -31.89 16.89
CA GLY B 302 5.27 -30.48 16.51
C GLY B 302 3.85 -30.14 16.05
N MET B 303 2.98 -31.16 15.98
CA MET B 303 1.59 -31.00 15.53
C MET B 303 0.84 -29.89 16.31
N ARG B 304 0.08 -29.09 15.58
CA ARG B 304 -0.69 -28.00 16.16
C ARG B 304 -2.17 -28.14 15.83
N GLU B 305 -3.01 -27.62 16.72
CA GLU B 305 -4.46 -27.62 16.47
C GLU B 305 -4.80 -26.28 15.83
N VAL B 306 -5.40 -26.32 14.65
CA VAL B 306 -5.82 -25.10 13.94
C VAL B 306 -7.31 -25.18 13.71
N VAL B 307 -8.06 -24.24 14.27
CA VAL B 307 -9.53 -24.29 14.12
C VAL B 307 -9.92 -23.44 12.91
N ALA B 308 -10.59 -24.08 11.97
CA ALA B 308 -11.27 -23.38 10.90
C ALA B 308 -12.68 -22.99 11.39
N ASP B 309 -12.78 -21.77 11.90
CA ASP B 309 -14.08 -21.20 12.34
C ASP B 309 -14.93 -20.73 11.18
N GLN B 310 -16.20 -20.43 11.46
CA GLN B 310 -17.10 -19.97 10.44
C GLN B 310 -16.46 -18.77 9.76
N GLY B 311 -16.51 -18.74 8.45
CA GLY B 311 -15.92 -17.61 7.72
C GLY B 311 -14.43 -17.75 7.46
N ASP B 312 -13.79 -18.80 7.97
CA ASP B 312 -12.35 -19.02 7.71
C ASP B 312 -12.13 -19.84 6.46
N VAL B 313 -11.09 -19.49 5.70
CA VAL B 313 -10.60 -20.37 4.63
C VAL B 313 -9.15 -20.75 4.96
N LEU B 314 -8.95 -22.05 5.19
CA LEU B 314 -7.66 -22.59 5.59
C LEU B 314 -6.97 -23.12 4.36
N PHE B 315 -5.71 -22.71 4.15
CA PHE B 315 -4.92 -23.19 3.02
C PHE B 315 -3.81 -24.08 3.57
N ILE B 316 -3.76 -25.34 3.13
CA ILE B 316 -2.71 -26.25 3.61
C ILE B 316 -1.77 -26.55 2.46
N ASP B 317 -0.50 -26.29 2.68
CA ASP B 317 0.52 -26.62 1.67
C ASP B 317 0.84 -28.11 1.85
N ASN B 318 0.42 -28.93 0.89
CA ASN B 318 0.63 -30.39 0.95
C ASN B 318 2.10 -30.85 0.87
N HIS B 319 3.01 -29.91 0.56
CA HIS B 319 4.46 -30.18 0.50
C HIS B 319 5.12 -29.92 1.82
N ARG B 320 4.57 -28.95 2.56
CA ARG B 320 5.23 -28.49 3.78
C ARG B 320 4.51 -28.81 5.09
N ALA B 321 3.31 -29.37 5.01
CA ALA B 321 2.60 -29.74 6.23
C ALA B 321 1.84 -31.03 6.07
N VAL B 322 1.77 -31.76 7.17
CA VAL B 322 0.80 -32.85 7.25
C VAL B 322 -0.43 -32.31 7.98
N HIS B 323 -1.58 -32.93 7.79
CA HIS B 323 -2.75 -32.50 8.54
C HIS B 323 -3.54 -33.71 8.95
N GLY B 324 -4.49 -33.49 9.87
CA GLY B 324 -5.54 -34.46 10.18
C GLY B 324 -6.78 -33.82 10.77
N ARG B 325 -7.66 -34.63 11.33
CA ARG B 325 -8.80 -34.08 12.05
C ARG B 325 -8.86 -34.71 13.44
N LEU B 326 -9.55 -34.05 14.35
CA LEU B 326 -9.69 -34.58 15.70
C LEU B 326 -11.10 -35.09 15.87
N PRO B 327 -11.27 -36.13 16.70
CA PRO B 327 -12.61 -36.65 16.87
C PRO B 327 -13.51 -35.62 17.55
N PHE B 328 -14.79 -35.67 17.24
CA PHE B 328 -15.79 -34.76 17.82
C PHE B 328 -17.18 -35.38 17.83
N GLN B 329 -17.93 -35.06 18.87
CA GLN B 329 -19.32 -35.47 18.98
C GLN B 329 -20.20 -34.59 18.07
N ALA B 330 -20.91 -35.22 17.14
CA ALA B 330 -21.79 -34.52 16.22
C ALA B 330 -23.26 -34.60 16.66
N ARG B 331 -24.00 -33.51 16.44
CA ARG B 331 -25.44 -33.46 16.80
C ARG B 331 -26.32 -34.16 15.78
N TYR B 332 -25.88 -34.19 14.50
CA TYR B 332 -26.67 -34.67 13.35
C TYR B 332 -28.01 -33.94 13.13
N ASP B 333 -28.10 -32.70 13.61
CA ASP B 333 -29.35 -31.95 13.52
C ASP B 333 -29.32 -30.79 12.50
N GLY B 334 -28.49 -30.92 11.47
CA GLY B 334 -28.37 -29.89 10.42
C GLY B 334 -27.60 -28.64 10.82
N THR B 335 -27.09 -28.64 12.06
CA THR B 335 -26.28 -27.54 12.58
C THR B 335 -24.81 -27.95 12.76
N ASP B 336 -24.45 -29.13 12.23
CA ASP B 336 -23.11 -29.67 12.43
C ASP B 336 -22.06 -28.90 11.61
N ARG B 337 -20.81 -29.01 12.02
CA ARG B 337 -19.65 -28.53 11.25
C ARG B 337 -19.75 -28.91 9.77
N TRP B 338 -19.50 -27.93 8.88
CA TRP B 338 -19.55 -28.15 7.46
C TRP B 338 -18.38 -27.43 6.79
N LEU B 339 -17.43 -28.17 6.24
CA LEU B 339 -16.36 -27.53 5.44
C LEU B 339 -16.50 -27.90 3.97
N LYS B 340 -15.98 -27.02 3.11
CA LYS B 340 -15.81 -27.31 1.69
C LYS B 340 -14.32 -27.45 1.41
N ARG B 341 -13.99 -28.33 0.47
CA ARG B 341 -12.61 -28.67 0.18
C ARG B 341 -12.36 -28.69 -1.32
N VAL B 342 -11.29 -28.03 -1.74
CA VAL B 342 -10.83 -28.09 -3.13
C VAL B 342 -9.35 -28.44 -3.10
N CYS B 343 -8.98 -29.38 -3.95
CA CYS B 343 -7.58 -29.76 -4.10
C CYS B 343 -7.00 -28.96 -5.25
N VAL B 344 -5.77 -28.52 -5.07
CA VAL B 344 -5.09 -27.67 -6.05
C VAL B 344 -3.87 -28.40 -6.60
N THR B 345 -3.80 -28.50 -7.92
CA THR B 345 -2.55 -28.91 -8.61
C THR B 345 -1.78 -27.74 -9.26
N SER B 346 -0.45 -27.74 -9.07
CA SER B 346 0.40 -26.72 -9.65
C SER B 346 0.59 -27.02 -11.13
N ASP B 347 0.49 -28.28 -11.52
CA ASP B 347 0.74 -28.65 -12.91
C ASP B 347 -0.26 -29.69 -13.38
N LEU B 348 -1.39 -29.20 -13.87
CA LEU B 348 -2.44 -30.10 -14.35
C LEU B 348 -1.97 -31.10 -15.41
N ARG B 349 -1.17 -30.63 -16.37
CA ARG B 349 -0.77 -31.46 -17.50
C ARG B 349 0.08 -32.66 -17.09
N ARG B 350 0.75 -32.55 -15.95
CA ARG B 350 1.60 -33.61 -15.44
C ARG B 350 0.83 -34.90 -15.17
N SER B 351 -0.46 -34.76 -14.86
CA SER B 351 -1.33 -35.90 -14.59
C SER B 351 -2.08 -36.44 -15.84
N ARG B 352 -1.80 -35.88 -17.03
CA ARG B 352 -2.55 -36.22 -18.25
C ARG B 352 -2.80 -37.73 -18.44
N GLU B 353 -1.80 -38.54 -18.14
CA GLU B 353 -1.92 -39.99 -18.37
C GLU B 353 -3.02 -40.68 -17.53
N MET B 354 -3.41 -40.08 -16.42
CA MET B 354 -4.43 -40.65 -15.54
C MET B 354 -5.74 -39.88 -15.62
N ARG B 355 -5.89 -39.12 -16.71
CA ARG B 355 -7.10 -38.35 -16.95
C ARG B 355 -7.73 -38.77 -18.28
N ALA B 356 -9.05 -38.94 -18.29
CA ALA B 356 -9.77 -39.50 -19.42
C ALA B 356 -9.59 -38.72 -20.70
N THR B 357 -9.59 -37.40 -20.56
CA THR B 357 -9.36 -36.50 -21.70
C THR B 357 -8.43 -35.37 -21.28
N SER B 358 -8.03 -34.58 -22.26
CA SER B 358 -7.25 -33.37 -22.06
C SER B 358 -7.98 -32.38 -21.15
N ALA B 359 -9.29 -32.22 -21.39
CA ALA B 359 -10.12 -31.21 -20.74
C ALA B 359 -10.55 -31.55 -19.31
N THR B 360 -10.64 -32.83 -18.97
CA THR B 360 -11.09 -33.20 -17.63
C THR B 360 -10.05 -32.91 -16.55
N ARG B 361 -10.54 -32.49 -15.39
CA ARG B 361 -9.72 -32.25 -14.20
C ARG B 361 -9.88 -33.38 -13.18
N LEU B 362 -10.52 -34.47 -13.59
CA LEU B 362 -10.71 -35.62 -12.71
C LEU B 362 -9.74 -36.76 -13.04
N LEU B 363 -9.04 -37.25 -12.02
CA LEU B 363 -8.05 -38.31 -12.15
C LEU B 363 -8.71 -39.65 -11.81
N GLY B 364 -8.23 -40.73 -12.46
CA GLY B 364 -8.70 -42.08 -12.15
C GLY B 364 -9.77 -42.60 -13.10
N THR C 29 -24.83 19.64 23.83
CA THR C 29 -24.07 20.28 22.71
C THR C 29 -24.53 21.71 22.40
N PRO C 30 -23.64 22.68 22.59
CA PRO C 30 -23.94 24.07 22.21
C PRO C 30 -24.32 24.24 20.73
N SER C 31 -25.26 25.16 20.48
CA SER C 31 -25.60 25.59 19.13
C SER C 31 -25.92 27.09 19.16
N TYR C 32 -26.00 27.68 17.96
CA TYR C 32 -26.22 29.11 17.78
C TYR C 32 -27.36 29.28 16.79
N SER C 33 -28.27 30.19 17.08
CA SER C 33 -29.45 30.41 16.25
C SER C 33 -29.47 31.86 15.83
N LEU C 34 -29.33 32.12 14.53
CA LEU C 34 -29.27 33.47 14.00
C LEU C 34 -30.61 34.19 14.18
N THR C 35 -30.57 35.44 14.62
CA THR C 35 -31.80 36.27 14.57
C THR C 35 -32.17 36.50 13.10
N PRO C 36 -33.44 36.88 12.81
CA PRO C 36 -33.75 37.25 11.44
C PRO C 36 -32.82 38.33 10.85
N ALA C 37 -32.39 39.31 11.67
CA ALA C 37 -31.45 40.32 11.18
C ALA C 37 -30.07 39.74 10.82
N GLU C 38 -29.61 38.79 11.62
CA GLU C 38 -28.32 38.13 11.35
C GLU C 38 -28.39 37.36 10.04
N ALA C 39 -29.47 36.59 9.88
CA ALA C 39 -29.70 35.76 8.69
C ALA C 39 -29.69 36.62 7.42
N SER C 40 -30.43 37.72 7.49
CA SER C 40 -30.48 38.71 6.43
C SER C 40 -29.12 39.35 6.12
N ALA C 41 -28.36 39.74 7.15
CA ALA C 41 -27.01 40.27 6.95
C ALA C 41 -26.07 39.22 6.34
N VAL C 42 -26.13 38.00 6.86
CA VAL C 42 -25.33 36.91 6.29
C VAL C 42 -25.75 36.66 4.83
N ALA C 43 -27.05 36.62 4.55
CA ALA C 43 -27.49 36.34 3.20
C ALA C 43 -27.02 37.43 2.23
N GLU C 44 -27.10 38.68 2.67
CA GLU C 44 -26.65 39.82 1.86
C GLU C 44 -25.12 39.82 1.55
N LEU C 45 -24.30 39.50 2.55
CA LEU C 45 -22.85 39.42 2.37
C LEU C 45 -22.55 38.41 1.28
N THR C 46 -23.18 37.26 1.42
CA THR C 46 -23.00 36.11 0.56
C THR C 46 -23.39 36.43 -0.92
N LEU C 47 -24.50 37.16 -1.11
CA LEU C 47 -24.89 37.65 -2.45
C LEU C 47 -23.84 38.61 -3.00
N GLU C 48 -23.39 39.52 -2.16
CA GLU C 48 -22.38 40.49 -2.55
C GLU C 48 -21.08 39.80 -2.96
N LEU C 49 -20.63 38.87 -2.13
CA LEU C 49 -19.40 38.14 -2.41
C LEU C 49 -19.54 37.34 -3.70
N ALA C 50 -20.69 36.69 -3.90
CA ALA C 50 -20.91 35.92 -5.14
C ALA C 50 -20.84 36.79 -6.40
N ALA C 51 -21.19 38.06 -6.27
CA ALA C 51 -21.08 39.01 -7.37
C ALA C 51 -19.64 39.45 -7.61
N ALA C 52 -18.83 39.49 -6.56
CA ALA C 52 -17.48 40.03 -6.63
C ALA C 52 -16.39 38.99 -6.94
N TYR C 53 -16.68 37.71 -6.71
CA TYR C 53 -15.64 36.68 -6.92
C TYR C 53 -16.04 35.62 -7.95
N GLY C 54 -15.05 34.99 -8.57
CA GLY C 54 -15.31 34.16 -9.76
C GLY C 54 -15.84 32.77 -9.50
N SER C 55 -15.28 32.14 -8.47
CA SER C 55 -15.63 30.78 -8.08
C SER C 55 -14.98 30.49 -6.73
N PHE C 56 -15.46 29.47 -6.03
CA PHE C 56 -14.75 28.91 -4.88
C PHE C 56 -13.52 28.17 -5.43
N GLY C 57 -12.39 28.88 -5.51
CA GLY C 57 -11.20 28.36 -6.19
C GLY C 57 -10.37 29.50 -6.77
N ASP C 58 -11.04 30.63 -6.96
CA ASP C 58 -10.42 31.91 -7.29
C ASP C 58 -9.36 32.27 -6.23
N PRO C 59 -8.09 32.51 -6.65
CA PRO C 59 -7.00 32.78 -5.70
C PRO C 59 -7.19 34.05 -4.87
N VAL C 60 -7.96 35.00 -5.39
CA VAL C 60 -8.15 36.25 -4.68
C VAL C 60 -9.14 36.04 -3.53
N LEU C 61 -10.20 35.32 -3.82
CA LEU C 61 -11.15 34.91 -2.78
C LEU C 61 -10.42 34.19 -1.64
N LEU C 62 -9.61 33.19 -2.00
CA LEU C 62 -8.91 32.35 -1.05
C LEU C 62 -8.03 33.18 -0.15
N ARG C 63 -7.30 34.13 -0.75
CA ARG C 63 -6.51 35.08 0.01
C ARG C 63 -7.34 35.92 0.97
N ASP C 64 -8.43 36.49 0.47
CA ASP C 64 -9.28 37.40 1.26
C ASP C 64 -10.13 36.70 2.29
N LEU C 65 -10.25 35.38 2.17
CA LEU C 65 -11.23 34.62 2.97
C LEU C 65 -11.32 34.95 4.47
N PRO C 66 -10.17 34.98 5.23
CA PRO C 66 -10.30 35.24 6.67
C PRO C 66 -10.80 36.66 6.94
N ARG C 67 -10.32 37.60 6.13
CA ARG C 67 -10.76 38.99 6.28
C ARG C 67 -12.27 39.12 5.98
N LEU C 68 -12.72 38.45 4.93
CA LEU C 68 -14.15 38.41 4.61
C LEU C 68 -15.03 37.72 5.65
N ALA C 69 -14.51 36.65 6.28
CA ALA C 69 -15.29 35.99 7.35
C ALA C 69 -15.51 36.89 8.55
N ALA C 70 -14.61 37.86 8.75
CA ALA C 70 -14.79 38.87 9.79
C ALA C 70 -15.93 39.89 9.53
N ARG C 71 -16.60 39.74 8.41
CA ARG C 71 -17.81 40.53 8.09
C ARG C 71 -19.06 39.81 8.52
N LEU C 72 -18.89 38.57 8.94
CA LEU C 72 -19.99 37.84 9.56
C LEU C 72 -20.33 38.48 10.89
N PRO C 73 -21.58 38.31 11.36
CA PRO C 73 -21.95 38.87 12.66
C PRO C 73 -20.94 38.44 13.73
N GLU C 74 -20.62 39.36 14.63
CA GLU C 74 -19.61 39.12 15.67
C GLU C 74 -19.89 37.91 16.54
N GLY C 75 -21.15 37.76 16.95
CA GLY C 75 -21.57 36.65 17.80
C GLY C 75 -21.32 35.31 17.13
N VAL C 76 -21.44 35.27 15.79
CA VAL C 76 -21.12 34.08 15.00
C VAL C 76 -19.64 33.72 15.06
N GLN C 77 -18.77 34.73 14.88
CA GLN C 77 -17.31 34.52 14.95
C GLN C 77 -16.91 34.03 16.35
N ASP C 78 -17.43 34.69 17.39
CA ASP C 78 -17.10 34.36 18.78
C ASP C 78 -17.52 32.94 19.13
N PHE C 79 -18.72 32.57 18.71
CA PHE C 79 -19.28 31.22 18.90
C PHE C 79 -18.42 30.11 18.27
N LEU C 80 -18.00 30.33 17.02
CA LEU C 80 -17.21 29.33 16.32
C LEU C 80 -15.80 29.29 16.87
N ARG C 81 -15.27 30.45 17.23
CA ARG C 81 -14.00 30.54 17.92
C ARG C 81 -14.00 29.78 19.26
N GLU C 82 -15.06 29.95 20.04
CA GLU C 82 -15.19 29.25 21.32
C GLU C 82 -15.17 27.76 21.13
N PHE C 83 -15.95 27.29 20.15
CA PHE C 83 -15.98 25.89 19.78
C PHE C 83 -14.61 25.33 19.38
N LYS C 84 -13.89 26.08 18.56
CA LYS C 84 -12.56 25.67 18.08
C LYS C 84 -11.59 25.58 19.26
N LEU C 85 -11.53 26.66 20.04
CA LEU C 85 -10.55 26.72 21.15
C LEU C 85 -10.88 25.82 22.33
N ALA C 86 -12.18 25.54 22.56
CA ALA C 86 -12.54 24.65 23.68
C ALA C 86 -12.07 23.24 23.43
N ASP C 87 -12.11 22.79 22.16
CA ASP C 87 -11.64 21.47 21.81
C ASP C 87 -12.25 20.46 22.81
N ARG C 88 -13.57 20.52 22.94
CA ARG C 88 -14.31 19.75 23.94
C ARG C 88 -15.49 18.99 23.29
N HIS C 89 -16.15 19.61 22.30
CA HIS C 89 -17.33 18.97 21.68
C HIS C 89 -17.06 18.40 20.32
N GLY C 90 -17.77 17.31 20.00
CA GLY C 90 -17.64 16.68 18.68
C GLY C 90 -18.25 17.44 17.51
N HIS C 91 -19.24 18.30 17.78
CA HIS C 91 -19.88 19.03 16.68
C HIS C 91 -20.55 20.24 17.24
N THR C 92 -20.91 21.17 16.36
CA THR C 92 -21.78 22.26 16.74
C THR C 92 -22.64 22.61 15.54
N VAL C 93 -23.67 23.44 15.76
CA VAL C 93 -24.58 23.83 14.68
C VAL C 93 -24.88 25.34 14.78
N ILE C 94 -24.87 26.01 13.64
CA ILE C 94 -25.43 27.35 13.52
C ILE C 94 -26.67 27.23 12.64
N ARG C 95 -27.83 27.51 13.24
CA ARG C 95 -29.13 27.33 12.56
C ARG C 95 -29.73 28.68 12.12
N GLY C 96 -30.69 28.64 11.20
CA GLY C 96 -31.49 29.81 10.90
C GLY C 96 -30.96 30.68 9.76
N HIS C 97 -30.01 30.15 8.98
CA HIS C 97 -29.56 30.86 7.79
C HIS C 97 -30.74 30.98 6.82
N ASP C 98 -30.72 32.02 6.01
CA ASP C 98 -31.72 32.20 4.94
C ASP C 98 -31.13 31.67 3.63
N PHE C 99 -31.57 30.50 3.20
CA PHE C 99 -31.08 29.86 1.98
C PHE C 99 -32.22 29.91 0.97
N ASP C 100 -32.14 30.86 0.03
CA ASP C 100 -33.23 31.16 -0.88
C ASP C 100 -33.51 30.00 -1.82
N GLN C 101 -34.54 29.23 -1.48
CA GLN C 101 -34.90 28.01 -2.22
C GLN C 101 -35.18 28.26 -3.71
N ARG C 102 -35.80 29.41 -4.03
CA ARG C 102 -36.05 29.79 -5.43
C ARG C 102 -34.74 29.93 -6.21
N ARG C 103 -33.90 30.88 -5.77
CA ARG C 103 -32.58 31.09 -6.36
C ARG C 103 -31.76 29.80 -6.45
N ILE C 104 -31.77 29.00 -5.38
CA ILE C 104 -30.96 27.79 -5.29
C ILE C 104 -31.41 26.80 -6.34
N GLY C 105 -32.73 26.62 -6.47
CA GLY C 105 -33.30 25.77 -7.52
C GLY C 105 -33.25 24.28 -7.22
N PRO C 106 -33.55 23.45 -8.23
CA PRO C 106 -33.70 22.00 -8.04
C PRO C 106 -32.40 21.28 -7.65
N THR C 107 -32.53 20.30 -6.76
CA THR C 107 -31.41 19.42 -6.43
C THR C 107 -31.00 18.71 -7.71
N PRO C 108 -29.72 18.87 -8.11
CA PRO C 108 -29.21 18.28 -9.36
C PRO C 108 -29.27 16.76 -9.39
N ASP C 109 -29.11 16.18 -10.59
CA ASP C 109 -29.11 14.73 -10.78
C ASP C 109 -27.68 14.19 -10.63
N HIS C 110 -26.73 15.05 -10.95
CA HIS C 110 -25.31 14.74 -10.77
C HIS C 110 -24.56 16.01 -10.50
N TRP C 111 -23.30 15.86 -10.14
CA TRP C 111 -22.42 17.01 -9.98
C TRP C 111 -21.49 17.10 -11.14
N ARG C 112 -21.39 16.02 -11.91
CA ARG C 112 -20.24 15.77 -12.81
C ARG C 112 -20.01 16.77 -13.93
N GLY C 113 -20.90 17.74 -14.08
CA GLY C 113 -20.78 18.71 -15.15
C GLY C 113 -21.97 19.66 -15.25
N ARG C 114 -22.25 20.35 -14.16
CA ARG C 114 -23.19 21.47 -14.19
C ARG C 114 -22.41 22.79 -14.18
N VAL C 115 -23.08 23.86 -14.60
CA VAL C 115 -22.44 25.16 -14.79
C VAL C 115 -21.84 25.72 -13.49
N ARG C 116 -20.71 26.40 -13.61
CA ARG C 116 -20.08 27.15 -12.52
C ARG C 116 -19.94 28.63 -12.90
N PRO C 117 -20.31 29.55 -11.99
CA PRO C 117 -20.77 29.26 -10.63
C PRO C 117 -22.26 28.95 -10.58
N GLY C 118 -22.60 27.86 -9.89
CA GLY C 118 -23.99 27.48 -9.70
C GLY C 118 -24.84 28.57 -9.07
N PRO C 119 -26.17 28.44 -9.16
CA PRO C 119 -27.06 29.41 -8.52
C PRO C 119 -26.90 29.42 -6.98
N GLU C 120 -26.41 28.31 -6.43
CA GLU C 120 -26.15 28.20 -4.98
C GLU C 120 -24.74 28.65 -4.55
N PHE C 121 -24.03 29.34 -5.43
CA PHE C 121 -22.71 29.94 -5.12
C PHE C 121 -22.66 30.72 -3.79
N PRO C 122 -23.68 31.55 -3.51
CA PRO C 122 -23.71 32.24 -2.23
C PRO C 122 -23.56 31.30 -1.02
N GLU C 123 -24.28 30.19 -1.04
CA GLU C 123 -24.24 29.25 0.06
C GLU C 123 -22.86 28.54 0.12
N GLU C 124 -22.25 28.31 -1.05
CA GLU C 124 -20.90 27.74 -1.11
C GLU C 124 -19.88 28.69 -0.51
N LEU C 125 -20.00 29.97 -0.86
CA LEU C 125 -19.17 31.03 -0.32
C LEU C 125 -19.27 31.14 1.22
N LEU C 126 -20.49 31.09 1.74
CA LEU C 126 -20.73 31.06 3.18
C LEU C 126 -19.89 29.96 3.83
N LEU C 127 -19.90 28.78 3.22
CA LEU C 127 -19.23 27.63 3.83
C LEU C 127 -17.74 27.89 3.80
N MET C 128 -17.26 28.54 2.74
CA MET C 128 -15.88 28.93 2.63
C MET C 128 -15.48 29.96 3.70
N LEU C 129 -16.31 30.98 3.92
CA LEU C 129 -16.11 31.92 5.06
C LEU C 129 -15.94 31.19 6.39
N TYR C 130 -16.88 30.29 6.67
CA TYR C 130 -16.82 29.49 7.88
C TYR C 130 -15.52 28.68 7.96
N SER C 131 -15.10 28.08 6.85
CA SER C 131 -13.89 27.26 6.86
C SER C 131 -12.68 28.12 7.24
N ALA C 132 -12.69 29.40 6.85
CA ALA C 132 -11.57 30.27 7.15
C ALA C 132 -11.50 30.64 8.62
N LEU C 133 -12.62 30.64 9.32
CA LEU C 133 -12.63 30.85 10.77
C LEU C 133 -12.09 29.65 11.56
N LEU C 134 -12.11 28.48 10.95
CA LEU C 134 -11.62 27.27 11.61
C LEU C 134 -10.24 26.83 11.14
N GLY C 135 -9.88 27.21 9.93
CA GLY C 135 -8.57 26.84 9.41
C GLY C 135 -8.45 27.23 7.95
N GLU C 136 -8.02 26.29 7.11
CA GLU C 136 -7.94 26.51 5.66
C GLU C 136 -8.80 25.48 4.91
N PRO C 137 -9.59 25.94 3.91
CA PRO C 137 -10.29 24.95 3.10
C PRO C 137 -9.32 24.21 2.21
N PHE C 138 -9.55 22.91 2.02
CA PHE C 138 -8.68 22.19 1.13
C PHE C 138 -9.53 21.10 0.50
N GLY C 139 -8.97 20.42 -0.48
CA GLY C 139 -9.66 19.31 -1.11
C GLY C 139 -8.73 18.22 -1.57
N TRP C 140 -9.28 17.31 -2.35
CA TRP C 140 -8.62 16.11 -2.84
C TRP C 140 -8.75 16.11 -4.32
N ALA C 141 -7.62 16.08 -5.02
CA ALA C 141 -7.61 16.08 -6.49
C ALA C 141 -8.57 15.02 -7.05
N THR C 142 -8.54 13.83 -6.44
CA THR C 142 -9.52 12.77 -6.66
C THR C 142 -11.01 13.20 -6.60
N GLN C 143 -11.53 13.43 -5.40
CA GLN C 143 -12.96 13.70 -5.18
C GLN C 143 -13.55 14.86 -6.00
N GLN C 144 -14.73 14.63 -6.56
CA GLN C 144 -15.50 15.62 -7.34
C GLN C 144 -14.66 16.61 -8.14
N ASP C 145 -13.65 16.08 -8.81
CA ASP C 145 -12.79 16.83 -9.72
C ASP C 145 -12.14 18.03 -9.02
N GLY C 146 -11.73 17.81 -7.76
CA GLY C 146 -11.01 18.80 -6.97
C GLY C 146 -11.76 20.04 -6.50
N HIS C 147 -13.09 20.00 -6.53
CA HIS C 147 -13.88 21.14 -6.05
C HIS C 147 -13.69 21.31 -4.56
N LEU C 148 -13.40 22.53 -4.12
CA LEU C 148 -13.19 22.82 -2.70
C LEU C 148 -14.50 22.67 -1.91
N VAL C 149 -15.63 22.88 -2.59
CA VAL C 149 -16.96 22.62 -2.00
C VAL C 149 -17.63 21.42 -2.68
N HIS C 150 -17.93 20.40 -1.90
CA HIS C 150 -18.49 19.17 -2.40
C HIS C 150 -19.96 19.19 -2.31
N ASP C 151 -20.61 18.39 -3.15
CA ASP C 151 -22.05 18.18 -3.08
C ASP C 151 -22.35 16.88 -2.39
N ILE C 152 -23.40 16.91 -1.57
CA ILE C 152 -23.98 15.69 -1.04
C ILE C 152 -25.45 15.71 -1.44
N PHE C 153 -25.80 14.84 -2.38
CA PHE C 153 -27.19 14.58 -2.76
C PHE C 153 -27.33 13.17 -3.37
N PRO C 154 -28.54 12.59 -3.32
CA PRO C 154 -28.68 11.22 -3.84
C PRO C 154 -28.63 11.14 -5.37
N ILE C 155 -27.79 10.23 -5.86
CA ILE C 155 -27.65 9.93 -7.28
C ILE C 155 -28.15 8.49 -7.47
N ARG C 156 -29.02 8.27 -8.47
CA ARG C 156 -29.63 6.93 -8.66
C ARG C 156 -28.59 5.81 -8.76
N SER C 157 -27.56 6.03 -9.58
CA SER C 157 -26.51 5.04 -9.81
C SER C 157 -25.63 4.72 -8.59
N HIS C 158 -25.96 5.31 -7.43
CA HIS C 158 -25.25 5.07 -6.18
C HIS C 158 -26.20 4.67 -5.08
N GLU C 159 -27.46 4.46 -5.44
CA GLU C 159 -28.52 4.04 -4.52
C GLU C 159 -28.04 3.12 -3.38
N ASN C 160 -27.19 2.15 -3.71
CA ASN C 160 -26.77 1.13 -2.75
C ASN C 160 -25.30 1.17 -2.33
N ASP C 161 -24.63 2.29 -2.62
CA ASP C 161 -23.21 2.44 -2.28
C ASP C 161 -23.02 3.08 -0.91
N GLN C 162 -21.88 2.78 -0.28
CA GLN C 162 -21.45 3.42 0.97
C GLN C 162 -20.76 4.74 0.65
N LEU C 163 -21.54 5.68 0.12
CA LEU C 163 -21.04 6.96 -0.36
C LEU C 163 -21.99 8.09 0.05
N GLY C 164 -21.49 9.32 0.02
CA GLY C 164 -22.29 10.50 0.30
C GLY C 164 -23.45 10.66 -0.66
N MET C 165 -23.26 10.16 -1.89
CA MET C 165 -24.30 10.25 -2.92
C MET C 165 -25.34 9.12 -2.89
N GLY C 166 -25.22 8.22 -1.91
CA GLY C 166 -26.20 7.15 -1.69
C GLY C 166 -27.45 7.60 -0.94
N SER C 167 -28.17 6.63 -0.36
CA SER C 167 -29.45 6.90 0.32
C SER C 167 -29.97 5.72 1.11
N LYS C 168 -30.26 4.62 0.41
CA LYS C 168 -30.98 3.47 0.98
C LYS C 168 -30.15 2.69 2.00
N GLN C 169 -28.84 2.67 1.81
CA GLN C 169 -27.93 1.97 2.73
C GLN C 169 -27.39 2.91 3.81
N LEU C 170 -27.52 2.49 5.06
CA LEU C 170 -26.92 3.16 6.21
C LEU C 170 -25.48 3.55 5.90
N LEU C 171 -25.14 4.82 6.11
CA LEU C 171 -23.74 5.27 5.98
C LEU C 171 -23.04 5.05 7.29
N THR C 172 -22.22 4.00 7.33
CA THR C 172 -21.61 3.59 8.59
C THR C 172 -20.70 4.69 9.02
N TRP C 173 -20.67 4.94 10.33
CA TRP C 173 -19.95 6.05 10.86
C TRP C 173 -18.46 5.89 10.70
N HIS C 174 -17.75 7.03 10.70
CA HIS C 174 -16.36 7.08 10.36
C HIS C 174 -15.74 8.43 10.70
N THR C 175 -14.45 8.42 10.98
CA THR C 175 -13.66 9.63 10.90
C THR C 175 -13.50 9.92 9.42
N GLU C 176 -13.65 11.17 8.95
CA GLU C 176 -13.37 11.41 7.51
C GLU C 176 -11.91 11.13 7.11
N ASP C 177 -11.73 10.38 6.02
CA ASP C 177 -10.39 10.02 5.51
C ASP C 177 -9.47 9.45 6.59
N ALA C 178 -10.05 8.58 7.42
CA ALA C 178 -9.40 7.98 8.55
C ALA C 178 -7.99 7.48 8.24
N PHE C 179 -7.84 6.83 7.09
CA PHE C 179 -6.57 6.18 6.68
C PHE C 179 -5.47 7.21 6.41
N HIS C 180 -5.89 8.46 6.13
CA HIS C 180 -5.00 9.45 5.54
C HIS C 180 -4.34 10.33 6.58
N PRO C 181 -3.01 10.49 6.50
CA PRO C 181 -2.39 11.32 7.53
C PRO C 181 -2.73 12.81 7.38
N TYR C 182 -3.26 13.23 6.24
CA TYR C 182 -3.61 14.66 6.12
C TYR C 182 -5.11 14.88 6.01
N ARG C 183 -5.88 13.93 6.55
CA ARG C 183 -7.31 14.06 6.66
C ARG C 183 -7.74 15.39 7.31
N SER C 184 -8.99 15.78 7.04
CA SER C 184 -9.58 16.97 7.64
C SER C 184 -9.44 17.03 9.14
N ASP C 185 -9.28 18.25 9.64
CA ASP C 185 -9.40 18.54 11.04
C ASP C 185 -10.87 18.86 11.37
N TYR C 186 -11.55 19.54 10.45
CA TYR C 186 -12.99 19.80 10.61
C TYR C 186 -13.68 19.58 9.30
N LEU C 187 -14.97 19.29 9.36
CA LEU C 187 -15.81 19.12 8.19
C LEU C 187 -16.99 20.08 8.41
N ILE C 188 -17.37 20.81 7.38
CA ILE C 188 -18.48 21.73 7.46
C ILE C 188 -19.56 21.25 6.49
N LEU C 189 -20.77 21.07 7.01
CA LEU C 189 -21.87 20.56 6.22
C LEU C 189 -23.02 21.58 6.25
N GLY C 190 -23.29 22.22 5.12
CA GLY C 190 -24.42 23.14 5.04
C GLY C 190 -25.62 22.50 4.32
N ALA C 191 -26.75 22.40 5.01
CA ALA C 191 -27.95 21.78 4.45
C ALA C 191 -28.76 22.78 3.63
N LEU C 192 -28.62 22.73 2.31
CA LEU C 192 -29.46 23.53 1.41
C LEU C 192 -30.92 23.12 1.54
N ARG C 193 -31.15 21.82 1.64
CA ARG C 193 -32.46 21.28 1.94
C ARG C 193 -32.32 19.89 2.53
N ASN C 194 -33.32 19.53 3.30
CA ASN C 194 -33.44 18.22 3.92
C ASN C 194 -34.93 18.05 4.32
N PRO C 195 -35.85 17.96 3.33
CA PRO C 195 -37.29 17.97 3.64
C PRO C 195 -37.78 16.79 4.46
N ASP C 196 -37.20 15.61 4.28
CA ASP C 196 -37.60 14.49 5.13
C ASP C 196 -36.83 14.37 6.45
N HIS C 197 -35.99 15.37 6.75
CA HIS C 197 -35.25 15.47 8.03
C HIS C 197 -34.36 14.29 8.31
N VAL C 198 -33.64 13.85 7.28
CA VAL C 198 -32.72 12.72 7.41
C VAL C 198 -31.60 13.08 8.41
N PRO C 199 -31.40 12.25 9.45
CA PRO C 199 -30.34 12.55 10.41
C PRO C 199 -28.93 12.26 9.90
N THR C 200 -27.98 13.10 10.30
CA THR C 200 -26.55 12.79 10.21
C THR C 200 -26.28 12.17 11.56
N THR C 201 -25.55 11.07 11.61
CA THR C 201 -25.18 10.50 12.91
C THR C 201 -23.82 11.03 13.30
N VAL C 202 -23.65 11.32 14.57
CA VAL C 202 -22.44 11.95 15.10
C VAL C 202 -22.19 11.32 16.46
N GLY C 203 -20.96 10.84 16.68
CA GLY C 203 -20.59 10.21 17.96
C GLY C 203 -19.24 10.67 18.49
N GLU C 204 -19.18 10.86 19.81
CA GLU C 204 -17.97 11.23 20.51
C GLU C 204 -17.35 10.04 21.22
N LEU C 205 -16.24 10.28 21.92
CA LEU C 205 -15.55 9.24 22.67
C LEU C 205 -15.91 9.38 24.13
N ASP C 206 -16.46 8.32 24.72
CA ASP C 206 -16.82 8.38 26.13
C ASP C 206 -15.91 7.39 26.83
N LEU C 207 -15.27 7.82 27.90
CA LEU C 207 -14.28 6.99 28.60
C LEU C 207 -14.80 6.25 29.86
N SER C 208 -16.12 6.27 30.09
CA SER C 208 -16.70 5.71 31.31
C SER C 208 -16.59 4.17 31.46
N SER C 209 -16.20 3.47 30.40
CA SER C 209 -16.02 2.03 30.45
C SER C 209 -14.69 1.56 29.88
N LEU C 210 -13.76 2.50 29.70
CA LEU C 210 -12.43 2.18 29.15
C LEU C 210 -11.34 2.49 30.14
N SER C 211 -10.40 1.55 30.28
CA SER C 211 -9.32 1.69 31.25
C SER C 211 -8.15 2.39 30.61
N ALA C 212 -7.24 2.89 31.44
CA ALA C 212 -5.97 3.42 30.95
C ALA C 212 -5.29 2.40 30.05
N GLU C 213 -5.43 1.13 30.42
CA GLU C 213 -4.83 0.00 29.69
C GLU C 213 -5.40 -0.19 28.28
N ASP C 214 -6.71 -0.12 28.14
CA ASP C 214 -7.37 -0.22 26.83
C ASP C 214 -6.87 0.95 25.94
N ILE C 215 -6.85 2.15 26.52
CA ILE C 215 -6.42 3.38 25.81
C ILE C 215 -4.97 3.28 25.35
N ASP C 216 -4.08 2.87 26.26
CA ASP C 216 -2.68 2.60 25.93
C ASP C 216 -2.54 1.71 24.72
N VAL C 217 -3.25 0.59 24.69
CA VAL C 217 -3.19 -0.33 23.53
C VAL C 217 -3.73 0.35 22.26
N LEU C 218 -4.79 1.16 22.42
CA LEU C 218 -5.41 1.86 21.29
C LEU C 218 -4.51 2.96 20.69
N PHE C 219 -3.63 3.52 21.52
CA PHE C 219 -2.62 4.48 21.10
C PHE C 219 -1.46 3.86 20.30
N GLU C 220 -1.36 2.54 20.28
CA GLU C 220 -0.24 1.86 19.64
C GLU C 220 -0.56 1.49 18.18
N PRO C 221 0.46 1.48 17.29
CA PRO C 221 0.30 1.18 15.84
C PRO C 221 0.03 -0.30 15.56
N ARG C 222 -1.20 -0.71 15.80
CA ARG C 222 -1.53 -2.12 15.82
C ARG C 222 -2.74 -2.45 14.95
N TYR C 223 -3.30 -1.43 14.30
CA TYR C 223 -4.57 -1.58 13.55
C TYR C 223 -4.44 -1.25 12.08
N HIS C 224 -5.23 -1.92 11.26
CA HIS C 224 -5.23 -1.69 9.82
C HIS C 224 -6.47 -0.94 9.43
N ILE C 225 -6.32 0.24 8.84
CA ILE C 225 -7.47 0.97 8.27
C ILE C 225 -7.20 1.17 6.78
N ALA C 226 -8.00 0.55 5.91
CA ALA C 226 -7.88 0.76 4.47
C ALA C 226 -8.55 2.07 3.99
N PRO C 227 -8.18 2.55 2.78
CA PRO C 227 -8.88 3.68 2.14
C PRO C 227 -10.29 3.37 1.67
N ASP C 228 -11.20 4.33 1.85
CA ASP C 228 -12.60 4.19 1.44
C ASP C 228 -12.81 4.45 -0.06
N GLU C 229 -14.00 4.10 -0.55
CA GLU C 229 -14.28 4.02 -1.99
C GLU C 229 -14.39 5.35 -2.72
N SER C 230 -14.42 6.45 -1.96
CA SER C 230 -14.47 7.80 -2.54
C SER C 230 -13.18 8.18 -3.29
N HIS C 231 -12.10 7.44 -3.02
CA HIS C 231 -10.79 7.78 -3.58
C HIS C 231 -10.36 6.95 -4.77
N LEU C 232 -11.20 6.00 -5.16
CA LEU C 232 -10.96 5.15 -6.34
C LEU C 232 -11.31 5.89 -7.65
N PRO C 233 -10.63 5.52 -8.78
CA PRO C 233 -10.85 6.17 -10.11
C PRO C 233 -12.24 6.00 -10.73
N LYS C 234 -12.99 5.02 -10.23
CA LYS C 234 -14.34 4.66 -10.72
C LYS C 234 -15.38 5.80 -10.68
N ASN C 235 -15.29 6.64 -9.64
CA ASN C 235 -16.29 7.69 -9.38
C ASN C 235 -15.91 9.07 -9.92
N ASN C 236 -14.63 9.24 -10.25
CA ASN C 236 -14.08 10.53 -10.68
C ASN C 236 -13.77 10.59 -12.18
N THR C 237 -13.75 11.79 -12.74
CA THR C 237 -13.43 12.01 -14.15
C THR C 237 -12.01 11.50 -14.47
N ILE C 238 -11.89 10.76 -15.57
CA ILE C 238 -10.64 10.08 -15.93
C ILE C 238 -9.58 11.05 -16.48
N GLU C 243 -4.85 11.18 -14.99
CA GLU C 243 -3.69 11.24 -15.89
C GLU C 243 -2.37 11.04 -15.17
N ALA C 244 -1.39 10.53 -15.91
CA ALA C 244 -0.03 10.24 -15.42
C ALA C 244 0.02 9.38 -14.14
N ALA C 245 -0.31 9.98 -13.00
CA ALA C 245 -0.40 9.29 -11.71
C ALA C 245 -1.04 10.17 -10.63
N ARG C 246 -2.28 10.60 -10.88
CA ARG C 246 -3.02 11.47 -9.94
C ARG C 246 -3.48 10.73 -8.67
N PHE C 247 -3.58 9.41 -8.76
CA PHE C 247 -3.99 8.53 -7.65
C PHE C 247 -2.79 7.81 -7.02
N ALA C 248 -1.57 8.25 -7.36
CA ALA C 248 -0.33 7.61 -6.90
C ALA C 248 -0.16 7.66 -5.37
N THR C 249 -0.69 8.71 -4.77
CA THR C 249 -0.63 8.89 -3.31
C THR C 249 -1.53 7.90 -2.56
N ILE C 250 -2.69 7.60 -3.13
CA ILE C 250 -3.65 6.64 -2.55
C ILE C 250 -3.17 5.19 -2.70
N GLN C 251 -2.77 4.82 -3.92
CA GLN C 251 -2.35 3.44 -4.25
C GLN C 251 -1.09 3.02 -3.51
N ARG C 252 -0.16 3.96 -3.33
CA ARG C 252 1.03 3.75 -2.52
C ARG C 252 0.67 3.20 -1.13
N MET C 253 -0.34 3.82 -0.51
CA MET C 253 -0.83 3.42 0.81
C MET C 253 -1.51 2.06 0.79
N ILE C 254 -2.34 1.83 -0.24
CA ILE C 254 -3.01 0.54 -0.46
C ILE C 254 -2.01 -0.63 -0.37
N ASP C 255 -0.85 -0.46 -1.00
CA ASP C 255 0.16 -1.51 -1.06
C ASP C 255 0.92 -1.73 0.26
N GLU C 256 1.41 -0.63 0.86
CA GLU C 256 2.26 -0.71 2.06
C GLU C 256 1.59 -1.34 3.29
N ARG C 257 0.30 -1.07 3.47
CA ARG C 257 -0.51 -1.61 4.59
C ARG C 257 0.12 -1.50 5.98
N PRO C 258 0.51 -0.28 6.40
CA PRO C 258 1.12 -0.22 7.71
C PRO C 258 0.05 -0.32 8.81
N LEU C 259 0.49 -0.62 10.02
CA LEU C 259 -0.39 -0.56 11.17
C LEU C 259 -0.31 0.84 11.75
N GLY C 260 -1.43 1.34 12.24
CA GLY C 260 -1.49 2.63 12.89
C GLY C 260 -2.39 2.61 14.13
N PRO C 261 -2.36 3.67 14.93
CA PRO C 261 -3.19 3.71 16.13
C PRO C 261 -4.63 4.08 15.79
N LEU C 262 -5.51 3.97 16.78
CA LEU C 262 -6.91 4.38 16.65
C LEU C 262 -7.24 5.57 17.52
N LEU C 263 -6.42 5.79 18.55
CA LEU C 263 -6.51 6.99 19.37
C LEU C 263 -5.15 7.70 19.37
N TYR C 264 -5.18 9.02 19.47
CA TYR C 264 -3.96 9.81 19.44
C TYR C 264 -4.17 11.06 20.27
N GLY C 265 -3.11 11.85 20.44
CA GLY C 265 -3.17 13.03 21.30
C GLY C 265 -2.88 12.71 22.77
N SER C 266 -3.74 13.14 23.67
CA SER C 266 -3.51 12.90 25.08
C SER C 266 -4.29 11.67 25.52
N ARG C 267 -3.64 10.78 26.27
CA ARG C 267 -4.30 9.56 26.75
C ARG C 267 -5.43 9.87 27.71
N LEU C 268 -5.40 11.07 28.29
CA LEU C 268 -6.44 11.53 29.20
C LEU C 268 -7.67 12.06 28.50
N ASP C 269 -7.53 12.39 27.23
CA ASP C 269 -8.64 12.97 26.47
C ASP C 269 -8.38 12.75 24.98
N PRO C 270 -8.46 11.49 24.52
CA PRO C 270 -7.91 11.18 23.20
C PRO C 270 -8.70 11.68 22.00
N TYR C 271 -7.97 11.91 20.91
CA TYR C 271 -8.55 12.09 19.60
C TYR C 271 -8.73 10.72 18.94
N MET C 272 -9.69 10.60 18.04
CA MET C 272 -9.88 9.31 17.39
C MET C 272 -9.74 9.28 15.90
N ARG C 273 -9.41 8.09 15.42
CA ARG C 273 -9.23 7.81 14.02
C ARG C 273 -9.81 6.44 13.76
N LEU C 274 -11.08 6.44 13.36
CA LEU C 274 -11.87 5.21 13.23
C LEU C 274 -12.50 5.13 11.87
N ASP C 275 -12.59 3.92 11.33
CA ASP C 275 -13.41 3.69 10.16
C ASP C 275 -13.67 2.21 10.11
N PRO C 276 -14.65 1.76 10.91
CA PRO C 276 -14.79 0.32 11.18
C PRO C 276 -15.01 -0.47 9.91
N TYR C 277 -15.78 0.07 8.96
CA TYR C 277 -16.04 -0.65 7.72
C TYR C 277 -14.75 -1.03 6.97
N PHE C 278 -13.70 -0.25 7.13
CA PHE C 278 -12.45 -0.53 6.44
C PHE C 278 -11.33 -0.89 7.40
N THR C 279 -11.69 -1.44 8.56
CA THR C 279 -10.70 -1.75 9.59
C THR C 279 -10.54 -3.27 9.72
N SER C 280 -9.32 -3.73 9.95
CA SER C 280 -9.09 -5.12 10.37
C SER C 280 -7.98 -5.13 11.40
N VAL C 281 -7.89 -6.20 12.19
CA VAL C 281 -6.81 -6.32 13.20
C VAL C 281 -6.14 -7.70 13.04
N PRO C 282 -4.79 -7.74 12.96
CA PRO C 282 -4.12 -9.04 12.85
C PRO C 282 -4.62 -10.05 13.92
N GLN C 283 -5.01 -11.26 13.47
CA GLN C 283 -5.54 -12.31 14.36
C GLN C 283 -4.70 -12.58 15.62
N ASP C 284 -3.37 -12.50 15.48
CA ASP C 284 -2.46 -12.79 16.60
C ASP C 284 -2.44 -11.76 17.73
N ASP C 285 -2.83 -10.52 17.43
CA ASP C 285 -2.76 -9.45 18.42
C ASP C 285 -4.09 -9.43 19.20
N THR C 286 -4.21 -10.38 20.12
CA THR C 286 -5.40 -10.53 20.97
C THR C 286 -5.78 -9.27 21.76
N ASP C 287 -4.78 -8.55 22.27
CA ASP C 287 -5.06 -7.36 23.08
C ASP C 287 -5.58 -6.23 22.22
N ALA C 288 -4.98 -6.04 21.04
CA ALA C 288 -5.46 -5.05 20.10
C ALA C 288 -6.87 -5.39 19.63
N ARG C 289 -7.15 -6.67 19.34
CA ARG C 289 -8.52 -7.06 18.93
C ARG C 289 -9.58 -6.78 20.01
N ARG C 290 -9.26 -7.10 21.25
CA ARG C 290 -10.19 -6.86 22.36
C ARG C 290 -10.41 -5.36 22.56
N ALA C 291 -9.31 -4.61 22.60
CA ALA C 291 -9.36 -3.17 22.82
C ALA C 291 -10.15 -2.46 21.70
N TYR C 292 -9.96 -2.91 20.46
CA TYR C 292 -10.72 -2.35 19.34
C TYR C 292 -12.20 -2.66 19.46
N ASP C 293 -12.53 -3.93 19.73
CA ASP C 293 -13.92 -4.34 19.89
C ASP C 293 -14.57 -3.51 20.96
N ALA C 294 -13.86 -3.29 22.06
CA ALA C 294 -14.35 -2.43 23.13
C ALA C 294 -14.62 -1.00 22.62
N LEU C 295 -13.63 -0.41 21.96
CA LEU C 295 -13.76 0.97 21.40
C LEU C 295 -14.93 1.11 20.45
N PHE C 296 -15.04 0.19 19.49
CA PHE C 296 -16.17 0.17 18.57
C PHE C 296 -17.54 0.14 19.27
N LYS C 297 -17.66 -0.67 20.33
CA LYS C 297 -18.94 -0.77 21.04
C LYS C 297 -19.23 0.52 21.79
N VAL C 298 -18.19 1.08 22.42
CA VAL C 298 -18.26 2.33 23.13
C VAL C 298 -18.77 3.44 22.18
N VAL C 299 -18.14 3.56 21.02
CA VAL C 299 -18.51 4.60 20.07
C VAL C 299 -19.88 4.33 19.44
N ASP C 300 -20.12 3.07 19.08
CA ASP C 300 -21.38 2.71 18.45
C ASP C 300 -22.60 3.01 19.34
N SER C 301 -22.49 2.71 20.64
CA SER C 301 -23.61 2.94 21.54
C SER C 301 -23.81 4.44 21.88
N GLY C 302 -22.79 5.27 21.67
CA GLY C 302 -22.87 6.69 22.01
C GLY C 302 -23.33 7.57 20.86
N MET C 303 -23.62 6.99 19.71
CA MET C 303 -23.94 7.75 18.51
C MET C 303 -25.25 8.50 18.72
N ARG C 304 -25.32 9.72 18.20
CA ARG C 304 -26.50 10.54 18.26
C ARG C 304 -27.02 10.89 16.85
N GLU C 305 -28.27 11.30 16.77
CA GLU C 305 -28.82 11.71 15.49
C GLU C 305 -28.85 13.22 15.49
N VAL C 306 -28.19 13.82 14.52
CA VAL C 306 -28.17 15.28 14.39
C VAL C 306 -28.76 15.60 13.02
N VAL C 307 -29.94 16.20 13.01
CA VAL C 307 -30.62 16.54 11.75
C VAL C 307 -30.15 17.91 11.26
N ALA C 308 -29.51 17.95 10.10
CA ALA C 308 -29.17 19.22 9.47
C ALA C 308 -30.35 19.59 8.60
N ASP C 309 -31.15 20.53 9.07
CA ASP C 309 -32.31 21.01 8.35
C ASP C 309 -31.93 22.20 7.47
N GLN C 310 -32.83 22.56 6.57
CA GLN C 310 -32.59 23.70 5.66
C GLN C 310 -32.14 24.88 6.48
N GLY C 311 -31.13 25.58 6.01
CA GLY C 311 -30.55 26.72 6.78
C GLY C 311 -29.58 26.41 7.93
N ASP C 312 -29.28 25.14 8.16
CA ASP C 312 -28.41 24.76 9.28
C ASP C 312 -27.05 24.56 8.67
N VAL C 313 -26.01 24.99 9.38
CA VAL C 313 -24.64 24.58 9.04
C VAL C 313 -24.09 23.77 10.22
N LEU C 314 -23.78 22.50 9.95
CA LEU C 314 -23.24 21.54 10.91
C LEU C 314 -21.69 21.46 10.80
N PHE C 315 -21.00 21.68 11.94
CA PHE C 315 -19.55 21.70 12.03
C PHE C 315 -19.10 20.46 12.80
N ILE C 316 -18.36 19.60 12.12
CA ILE C 316 -17.95 18.33 12.75
C ILE C 316 -16.47 18.40 13.05
N ASP C 317 -16.11 18.15 14.30
CA ASP C 317 -14.72 18.04 14.67
C ASP C 317 -14.24 16.61 14.33
N ASN C 318 -13.40 16.51 13.29
CA ASN C 318 -12.86 15.23 12.85
C ASN C 318 -11.81 14.57 13.77
N HIS C 319 -11.36 15.29 14.80
CA HIS C 319 -10.55 14.71 15.90
C HIS C 319 -11.45 14.04 16.93
N ARG C 320 -12.61 14.63 17.19
CA ARG C 320 -13.43 14.32 18.36
C ARG C 320 -14.74 13.60 18.09
N ALA C 321 -15.11 13.47 16.84
CA ALA C 321 -16.34 12.84 16.48
C ALA C 321 -16.13 11.95 15.31
N VAL C 322 -16.94 10.88 15.27
CA VAL C 322 -17.18 10.17 14.03
C VAL C 322 -18.55 10.59 13.51
N HIS C 323 -18.85 10.33 12.25
CA HIS C 323 -20.15 10.74 11.68
C HIS C 323 -20.56 9.76 10.65
N GLY C 324 -21.87 9.63 10.45
CA GLY C 324 -22.40 8.91 9.30
C GLY C 324 -23.77 9.45 8.92
N ARG C 325 -24.61 8.58 8.35
CA ARG C 325 -25.93 9.03 7.87
C ARG C 325 -26.92 7.86 7.73
N LEU C 326 -28.12 8.03 8.29
CA LEU C 326 -29.14 6.98 8.27
C LEU C 326 -29.73 6.74 6.87
N PRO C 327 -30.29 5.53 6.61
CA PRO C 327 -30.95 5.25 5.34
C PRO C 327 -32.11 6.20 5.07
N PHE C 328 -32.42 6.41 3.80
CA PHE C 328 -33.61 7.16 3.41
C PHE C 328 -33.97 6.91 1.95
N GLN C 329 -35.26 6.95 1.64
CA GLN C 329 -35.69 6.82 0.27
C GLN C 329 -35.56 8.16 -0.44
N ALA C 330 -34.85 8.19 -1.57
CA ALA C 330 -34.77 9.39 -2.40
C ALA C 330 -35.90 9.46 -3.43
N ARG C 331 -36.20 10.68 -3.88
CA ARG C 331 -37.27 10.92 -4.85
C ARG C 331 -36.76 11.15 -6.27
N TYR C 332 -35.48 11.50 -6.39
CA TYR C 332 -34.82 11.76 -7.69
C TYR C 332 -35.52 12.75 -8.65
N ASP C 333 -36.32 13.65 -8.09
CA ASP C 333 -37.09 14.61 -8.90
C ASP C 333 -36.65 16.09 -8.76
N GLY C 334 -35.53 16.32 -8.08
CA GLY C 334 -35.04 17.69 -7.85
C GLY C 334 -35.43 18.26 -6.51
N THR C 335 -36.08 17.43 -5.69
CA THR C 335 -36.54 17.90 -4.38
C THR C 335 -35.76 17.25 -3.23
N ASP C 336 -34.79 16.40 -3.58
CA ASP C 336 -34.03 15.66 -2.56
C ASP C 336 -33.10 16.48 -1.65
N ARG C 337 -32.88 15.94 -0.45
CA ARG C 337 -31.84 16.39 0.47
C ARG C 337 -30.61 16.84 -0.30
N TRP C 338 -30.12 18.03 0.02
CA TRP C 338 -28.92 18.56 -0.61
C TRP C 338 -28.06 19.29 0.39
N LEU C 339 -26.83 18.79 0.56
CA LEU C 339 -25.89 19.38 1.49
C LEU C 339 -24.65 19.78 0.72
N LYS C 340 -24.03 20.89 1.15
CA LYS C 340 -22.70 21.29 0.65
C LYS C 340 -21.67 21.00 1.73
N ARG C 341 -20.43 20.75 1.30
CA ARG C 341 -19.44 20.24 2.21
C ARG C 341 -18.08 20.85 1.92
N VAL C 342 -17.41 21.31 2.99
CA VAL C 342 -16.05 21.81 2.89
C VAL C 342 -15.20 21.10 3.94
N CYS C 343 -14.04 20.64 3.48
CA CYS C 343 -13.00 20.07 4.33
C CYS C 343 -12.05 21.15 4.82
N VAL C 344 -11.73 21.10 6.11
CA VAL C 344 -10.89 22.11 6.75
C VAL C 344 -9.61 21.50 7.32
N THR C 345 -8.47 22.09 6.98
CA THR C 345 -7.19 21.71 7.57
C THR C 345 -6.64 22.80 8.48
N SER C 346 -6.15 22.40 9.64
CA SER C 346 -5.53 23.33 10.56
C SER C 346 -4.13 23.70 10.12
N ASP C 347 -3.51 22.92 9.25
CA ASP C 347 -2.13 23.18 8.81
C ASP C 347 -1.90 22.66 7.39
N LEU C 348 -2.19 23.54 6.44
CA LEU C 348 -2.02 23.28 5.02
C LEU C 348 -0.58 22.86 4.64
N ARG C 349 0.41 23.40 5.30
CA ARG C 349 1.81 23.06 5.01
C ARG C 349 2.20 21.65 5.44
N ARG C 350 1.44 21.08 6.37
CA ARG C 350 1.70 19.72 6.80
C ARG C 350 1.58 18.71 5.66
N SER C 351 0.74 19.02 4.67
CA SER C 351 0.54 18.09 3.56
C SER C 351 1.34 18.46 2.33
N ARG C 352 2.34 19.32 2.51
CA ARG C 352 3.16 19.82 1.39
C ARG C 352 3.68 18.71 0.50
N GLU C 353 4.12 17.62 1.12
CA GLU C 353 4.69 16.47 0.43
C GLU C 353 3.70 15.81 -0.56
N MET C 354 2.40 15.86 -0.24
CA MET C 354 1.38 15.30 -1.15
C MET C 354 0.65 16.36 -1.95
N ARG C 355 1.20 17.57 -2.00
CA ARG C 355 0.62 18.59 -2.84
C ARG C 355 1.58 18.94 -3.97
N ALA C 356 1.02 19.26 -5.14
CA ALA C 356 1.81 19.49 -6.36
C ALA C 356 2.69 20.74 -6.31
N THR C 357 2.13 21.86 -5.88
CA THR C 357 2.88 23.09 -5.66
C THR C 357 2.62 23.51 -4.21
N SER C 358 3.24 24.62 -3.79
CA SER C 358 2.99 25.18 -2.47
C SER C 358 1.61 25.81 -2.43
N ALA C 359 1.19 26.37 -3.56
CA ALA C 359 -0.04 27.12 -3.66
C ALA C 359 -1.33 26.30 -3.77
N THR C 360 -1.24 25.08 -4.27
CA THR C 360 -2.43 24.24 -4.44
C THR C 360 -2.98 23.78 -3.10
N ARG C 361 -4.31 23.71 -3.01
CA ARG C 361 -5.03 23.23 -1.83
C ARG C 361 -5.57 21.84 -2.10
N LEU C 362 -5.11 21.22 -3.17
CA LEU C 362 -5.61 19.88 -3.47
C LEU C 362 -4.56 18.81 -3.19
N LEU C 363 -4.95 17.76 -2.48
CA LEU C 363 -4.01 16.69 -2.17
C LEU C 363 -4.01 15.64 -3.28
N GLY C 364 -2.84 15.11 -3.60
CA GLY C 364 -2.73 14.01 -4.56
C GLY C 364 -2.39 14.45 -5.99
N THR D 29 13.75 39.95 -0.85
CA THR D 29 12.65 39.75 0.16
C THR D 29 11.65 40.91 0.14
N PRO D 30 10.37 40.61 -0.14
CA PRO D 30 9.33 41.63 -0.05
C PRO D 30 9.16 42.10 1.38
N SER D 31 8.78 43.36 1.55
CA SER D 31 8.43 43.91 2.85
C SER D 31 7.35 44.98 2.66
N TYR D 32 6.73 45.40 3.75
CA TYR D 32 5.65 46.35 3.69
C TYR D 32 6.03 47.53 4.55
N SER D 33 6.02 48.71 3.95
CA SER D 33 6.29 49.93 4.68
C SER D 33 4.97 50.63 4.94
N LEU D 34 4.68 50.84 6.21
CA LEU D 34 3.45 51.50 6.59
C LEU D 34 3.51 52.99 6.22
N THR D 35 2.41 53.51 5.68
CA THR D 35 2.22 54.94 5.49
C THR D 35 2.04 55.57 6.86
N PRO D 36 2.26 56.91 6.97
CA PRO D 36 1.95 57.68 8.18
C PRO D 36 0.54 57.40 8.72
N ALA D 37 -0.42 57.24 7.82
CA ALA D 37 -1.82 57.01 8.22
C ALA D 37 -1.97 55.63 8.88
N GLU D 38 -1.51 54.59 8.17
CA GLU D 38 -1.56 53.21 8.67
C GLU D 38 -0.95 53.07 10.06
N ALA D 39 0.28 53.51 10.22
CA ALA D 39 0.97 53.43 11.52
C ALA D 39 0.16 54.07 12.63
N SER D 40 -0.47 55.21 12.33
CA SER D 40 -1.23 55.93 13.33
C SER D 40 -2.49 55.12 13.68
N ALA D 41 -3.11 54.56 12.64
CA ALA D 41 -4.25 53.66 12.82
C ALA D 41 -3.84 52.44 13.67
N VAL D 42 -2.71 51.82 13.32
CA VAL D 42 -2.25 50.64 14.07
C VAL D 42 -2.03 50.99 15.55
N ALA D 43 -1.37 52.13 15.80
CA ALA D 43 -1.05 52.52 17.18
C ALA D 43 -2.30 52.72 18.04
N GLU D 44 -3.30 53.44 17.52
CA GLU D 44 -4.50 53.71 18.33
C GLU D 44 -5.33 52.46 18.59
N LEU D 45 -5.43 51.56 17.60
CA LEU D 45 -6.12 50.28 17.80
C LEU D 45 -5.42 49.54 18.94
N THR D 46 -4.10 49.58 18.89
CA THR D 46 -3.28 48.94 19.91
C THR D 46 -3.51 49.54 21.32
N LEU D 47 -3.66 50.87 21.40
CA LEU D 47 -3.94 51.54 22.67
C LEU D 47 -5.34 51.23 23.17
N GLU D 48 -6.31 51.33 22.26
CA GLU D 48 -7.69 50.91 22.52
C GLU D 48 -7.77 49.52 23.16
N LEU D 49 -7.12 48.53 22.55
CA LEU D 49 -7.17 47.17 23.08
C LEU D 49 -6.42 46.98 24.40
N ALA D 50 -5.31 47.70 24.58
CA ALA D 50 -4.60 47.72 25.88
C ALA D 50 -5.47 48.28 27.00
N ALA D 51 -6.25 49.32 26.70
CA ALA D 51 -7.23 49.82 27.65
C ALA D 51 -8.35 48.79 27.92
N ALA D 52 -8.89 48.20 26.86
CA ALA D 52 -10.10 47.35 26.99
C ALA D 52 -9.84 45.99 27.63
N TYR D 53 -8.69 45.39 27.34
CA TYR D 53 -8.35 44.10 27.95
C TYR D 53 -7.22 44.29 28.97
N GLY D 54 -7.13 43.38 29.94
CA GLY D 54 -6.23 43.57 31.07
C GLY D 54 -4.85 42.99 30.89
N SER D 55 -4.78 41.88 30.17
CA SER D 55 -3.56 41.10 30.01
C SER D 55 -3.91 39.90 29.16
N PHE D 56 -2.88 39.12 28.82
CA PHE D 56 -3.10 37.84 28.17
C PHE D 56 -3.69 36.78 29.12
N GLY D 57 -3.79 37.13 30.41
CA GLY D 57 -4.48 36.29 31.39
C GLY D 57 -6.00 36.26 31.18
N ASP D 58 -6.49 37.20 30.36
CA ASP D 58 -7.90 37.21 29.95
C ASP D 58 -8.12 36.20 28.81
N PRO D 59 -8.92 35.14 29.08
CA PRO D 59 -9.26 34.16 28.04
C PRO D 59 -10.00 34.81 26.87
N VAL D 60 -10.80 35.84 27.15
CA VAL D 60 -11.57 36.53 26.11
C VAL D 60 -10.66 37.27 25.11
N LEU D 61 -9.53 37.78 25.56
CA LEU D 61 -8.58 38.40 24.64
C LEU D 61 -8.02 37.38 23.63
N LEU D 62 -7.60 36.24 24.15
CA LEU D 62 -7.07 35.18 23.29
C LEU D 62 -8.14 34.69 22.30
N ARG D 63 -9.40 34.63 22.75
CA ARG D 63 -10.51 34.29 21.86
C ARG D 63 -10.72 35.31 20.75
N ASP D 64 -10.73 36.59 21.11
CA ASP D 64 -11.03 37.67 20.19
C ASP D 64 -9.91 38.00 19.19
N LEU D 65 -8.73 37.43 19.37
CA LEU D 65 -7.55 37.88 18.59
C LEU D 65 -7.74 37.95 17.07
N PRO D 66 -8.23 36.85 16.45
CA PRO D 66 -8.32 36.93 14.99
C PRO D 66 -9.36 37.98 14.54
N ARG D 67 -10.46 38.10 15.26
CA ARG D 67 -11.45 39.12 14.94
C ARG D 67 -10.83 40.52 15.10
N LEU D 68 -10.13 40.76 16.21
CA LEU D 68 -9.48 42.06 16.46
C LEU D 68 -8.47 42.38 15.39
N ALA D 69 -7.77 41.34 14.93
CA ALA D 69 -6.72 41.47 13.91
C ALA D 69 -7.28 41.94 12.57
N ALA D 70 -8.55 41.65 12.32
CA ALA D 70 -9.19 42.11 11.08
C ALA D 70 -9.51 43.61 11.12
N ARG D 71 -9.23 44.24 12.25
CA ARG D 71 -9.35 45.70 12.38
C ARG D 71 -8.07 46.40 11.95
N LEU D 72 -7.00 45.62 11.74
CA LEU D 72 -5.75 46.15 11.18
C LEU D 72 -5.96 46.65 9.75
N PRO D 73 -5.08 47.55 9.27
CA PRO D 73 -5.24 48.00 7.88
C PRO D 73 -5.30 46.84 6.90
N GLU D 74 -6.20 46.99 5.93
CA GLU D 74 -6.45 45.96 4.94
C GLU D 74 -5.21 45.48 4.19
N GLY D 75 -4.39 46.43 3.75
CA GLY D 75 -3.17 46.10 3.00
C GLY D 75 -2.21 45.25 3.80
N VAL D 76 -2.12 45.54 5.09
CA VAL D 76 -1.31 44.79 6.05
C VAL D 76 -1.83 43.35 6.10
N GLN D 77 -3.11 43.18 6.38
CA GLN D 77 -3.69 41.84 6.46
C GLN D 77 -3.44 41.09 5.15
N ASP D 78 -3.68 41.76 4.02
CA ASP D 78 -3.47 41.16 2.70
C ASP D 78 -2.01 40.77 2.47
N PHE D 79 -1.10 41.59 2.96
CA PHE D 79 0.32 41.36 2.76
C PHE D 79 0.76 40.12 3.57
N LEU D 80 0.37 40.05 4.83
CA LEU D 80 0.74 38.86 5.63
C LEU D 80 0.14 37.57 5.09
N ARG D 81 -1.14 37.66 4.70
CA ARG D 81 -1.83 36.56 4.08
C ARG D 81 -1.07 36.04 2.86
N GLU D 82 -0.57 36.94 2.04
CA GLU D 82 0.19 36.54 0.86
C GLU D 82 1.49 35.85 1.22
N PHE D 83 2.24 36.42 2.17
CA PHE D 83 3.44 35.78 2.70
C PHE D 83 3.13 34.36 3.20
N LYS D 84 2.07 34.23 4.02
CA LYS D 84 1.67 32.93 4.55
C LYS D 84 1.38 31.90 3.46
N LEU D 85 0.46 32.25 2.54
CA LEU D 85 0.02 31.31 1.52
C LEU D 85 1.09 31.03 0.46
N ALA D 86 1.92 32.02 0.15
CA ALA D 86 3.01 31.82 -0.81
C ALA D 86 3.90 30.66 -0.40
N ASP D 87 4.17 30.55 0.91
CA ASP D 87 5.07 29.52 1.38
C ASP D 87 6.33 29.53 0.53
N ARG D 88 6.91 30.72 0.36
CA ARG D 88 8.00 30.94 -0.59
C ARG D 88 9.26 31.49 0.10
N HIS D 89 9.10 32.54 0.91
CA HIS D 89 10.24 33.24 1.51
C HIS D 89 10.44 32.92 2.96
N GLY D 90 11.69 33.00 3.42
CA GLY D 90 12.05 32.67 4.81
C GLY D 90 11.63 33.71 5.83
N HIS D 91 11.46 34.96 5.38
CA HIS D 91 11.01 36.03 6.25
C HIS D 91 10.34 37.13 5.48
N THR D 92 9.62 38.00 6.17
CA THR D 92 9.25 39.34 5.67
C THR D 92 9.29 40.27 6.84
N VAL D 93 9.04 41.55 6.55
CA VAL D 93 9.10 42.63 7.52
C VAL D 93 7.97 43.61 7.25
N ILE D 94 7.33 44.06 8.31
CA ILE D 94 6.44 45.21 8.22
C ILE D 94 7.14 46.36 8.95
N ARG D 95 7.45 47.42 8.20
CA ARG D 95 8.27 48.53 8.67
C ARG D 95 7.44 49.76 8.99
N GLY D 96 7.93 50.56 9.93
CA GLY D 96 7.39 51.88 10.17
C GLY D 96 6.27 51.97 11.16
N HIS D 97 6.23 51.06 12.13
CA HIS D 97 5.28 51.18 13.24
C HIS D 97 5.64 52.35 14.13
N ASP D 98 4.59 52.93 14.73
CA ASP D 98 4.74 53.99 15.70
C ASP D 98 4.90 53.39 17.10
N PHE D 99 6.15 53.20 17.51
CA PHE D 99 6.43 52.68 18.84
C PHE D 99 6.82 53.78 19.83
N ASP D 100 5.86 54.22 20.65
CA ASP D 100 6.04 55.36 21.57
C ASP D 100 7.15 55.12 22.61
N GLN D 101 8.33 55.71 22.38
CA GLN D 101 9.51 55.42 23.21
C GLN D 101 9.34 55.83 24.68
N ARG D 102 8.72 57.00 24.90
CA ARG D 102 8.48 57.48 26.26
C ARG D 102 7.52 56.60 27.04
N ARG D 103 6.41 56.23 26.40
CA ARG D 103 5.44 55.30 27.00
C ARG D 103 6.10 53.96 27.27
N ILE D 104 6.80 53.43 26.26
CA ILE D 104 7.52 52.14 26.39
C ILE D 104 8.48 52.20 27.56
N GLY D 105 9.33 53.23 27.57
CA GLY D 105 10.30 53.43 28.64
C GLY D 105 11.55 52.59 28.51
N PRO D 106 12.29 52.41 29.60
CA PRO D 106 13.63 51.85 29.51
C PRO D 106 13.68 50.31 29.47
N THR D 107 14.63 49.78 28.72
CA THR D 107 14.87 48.35 28.65
C THR D 107 15.21 47.83 30.04
N PRO D 108 14.36 46.91 30.57
CA PRO D 108 14.56 46.41 31.95
C PRO D 108 15.87 45.66 32.12
N ASP D 109 16.20 45.35 33.37
CA ASP D 109 17.43 44.61 33.69
C ASP D 109 17.21 43.11 33.57
N HIS D 110 15.98 42.68 33.87
CA HIS D 110 15.57 41.27 33.76
C HIS D 110 14.09 41.19 33.43
N TRP D 111 13.58 39.98 33.25
CA TRP D 111 12.15 39.77 32.98
C TRP D 111 11.36 39.34 34.19
N ARG D 112 12.01 38.60 35.08
CA ARG D 112 11.37 38.15 36.33
C ARG D 112 10.82 39.30 37.15
N GLY D 113 9.59 39.14 37.65
CA GLY D 113 8.88 40.24 38.30
C GLY D 113 8.25 41.12 37.24
N ARG D 114 8.68 42.39 37.18
CA ARG D 114 8.12 43.39 36.25
C ARG D 114 6.59 43.45 36.33
N VAL D 115 6.05 44.60 36.72
CA VAL D 115 4.60 44.75 36.81
C VAL D 115 3.99 44.37 35.46
N ARG D 116 3.48 43.14 35.37
CA ARG D 116 2.87 42.63 34.15
C ARG D 116 1.40 43.03 34.08
N PRO D 117 0.95 43.58 32.95
CA PRO D 117 1.79 43.89 31.80
C PRO D 117 2.33 45.32 31.86
N GLY D 118 3.56 45.51 31.41
CA GLY D 118 4.19 46.82 31.41
C GLY D 118 3.55 47.79 30.43
N PRO D 119 4.09 49.02 30.37
CA PRO D 119 3.56 50.06 29.49
C PRO D 119 3.73 49.73 28.00
N GLU D 120 4.48 48.67 27.70
CA GLU D 120 4.72 48.19 26.33
C GLU D 120 3.64 47.17 25.88
N PHE D 121 2.59 47.02 26.68
CA PHE D 121 1.45 46.11 26.41
C PHE D 121 0.81 46.30 25.03
N PRO D 122 0.59 47.56 24.59
CA PRO D 122 0.06 47.82 23.27
C PRO D 122 0.87 47.13 22.17
N GLU D 123 2.18 47.12 22.34
CA GLU D 123 3.10 46.49 21.39
C GLU D 123 3.08 44.96 21.49
N GLU D 124 2.86 44.43 22.69
CA GLU D 124 2.70 42.98 22.87
C GLU D 124 1.39 42.50 22.22
N LEU D 125 0.34 43.31 22.34
CA LEU D 125 -0.94 43.06 21.68
C LEU D 125 -0.80 43.07 20.18
N LEU D 126 -0.07 44.03 19.64
CA LEU D 126 0.20 44.08 18.20
C LEU D 126 0.74 42.75 17.68
N LEU D 127 1.77 42.22 18.36
CA LEU D 127 2.38 40.98 17.94
C LEU D 127 1.42 39.81 18.13
N MET D 128 0.57 39.90 19.14
CA MET D 128 -0.45 38.86 19.31
C MET D 128 -1.49 38.95 18.17
N LEU D 129 -1.78 40.17 17.71
CA LEU D 129 -2.69 40.34 16.59
C LEU D 129 -2.10 39.72 15.34
N TYR D 130 -0.83 40.00 15.10
CA TYR D 130 -0.15 39.48 13.95
C TYR D 130 -0.09 37.97 14.02
N SER D 131 0.07 37.44 15.23
CA SER D 131 0.22 36.00 15.39
C SER D 131 -1.06 35.27 15.01
N ALA D 132 -2.20 35.90 15.29
CA ALA D 132 -3.48 35.29 15.01
C ALA D 132 -3.79 35.32 13.51
N LEU D 133 -3.15 36.23 12.78
CA LEU D 133 -3.28 36.25 11.33
C LEU D 133 -2.46 35.14 10.70
N LEU D 134 -1.44 34.69 11.42
CA LEU D 134 -0.56 33.64 10.92
C LEU D 134 -0.94 32.27 11.44
N GLY D 135 -1.45 32.18 12.66
CA GLY D 135 -1.77 30.87 13.24
C GLY D 135 -2.31 31.08 14.64
N GLU D 136 -1.67 30.42 15.61
CA GLU D 136 -2.03 30.61 17.02
C GLU D 136 -0.80 30.93 17.86
N PRO D 137 -0.90 31.96 18.70
CA PRO D 137 0.25 32.16 19.58
C PRO D 137 0.31 31.05 20.66
N PHE D 138 1.53 30.61 21.01
CA PHE D 138 1.65 29.57 22.02
C PHE D 138 2.96 29.80 22.75
N GLY D 139 3.10 29.23 23.93
CA GLY D 139 4.36 29.31 24.66
C GLY D 139 4.82 28.00 25.29
N TRP D 140 5.92 28.11 26.05
CA TRP D 140 6.53 26.99 26.76
C TRP D 140 6.52 27.28 28.23
N ALA D 141 6.06 26.33 29.03
CA ALA D 141 6.18 26.42 30.47
C ALA D 141 7.68 26.41 30.76
N THR D 142 8.39 25.55 30.03
CA THR D 142 9.84 25.33 30.20
C THR D 142 10.72 26.45 29.63
N GLN D 143 10.11 27.60 29.30
CA GLN D 143 10.84 28.78 28.78
C GLN D 143 10.18 30.13 29.15
N GLN D 144 10.95 30.98 29.84
CA GLN D 144 10.54 32.34 30.27
C GLN D 144 9.23 32.45 31.07
N ASP D 145 8.91 31.37 31.80
CA ASP D 145 7.77 31.29 32.74
C ASP D 145 6.38 31.42 32.08
N GLY D 146 6.25 30.81 30.91
CA GLY D 146 4.98 30.76 30.20
C GLY D 146 4.45 32.04 29.60
N HIS D 147 5.25 33.12 29.61
CA HIS D 147 4.83 34.36 28.95
C HIS D 147 4.60 34.08 27.50
N LEU D 148 3.41 34.41 26.99
CA LEU D 148 3.11 34.25 25.57
C LEU D 148 3.94 35.17 24.69
N VAL D 149 4.21 36.38 25.17
CA VAL D 149 5.12 37.31 24.48
C VAL D 149 6.42 37.33 25.27
N HIS D 150 7.51 36.86 24.65
CA HIS D 150 8.82 36.76 25.31
C HIS D 150 9.60 38.03 25.16
N ASP D 151 10.51 38.26 26.11
CA ASP D 151 11.44 39.37 26.04
C ASP D 151 12.79 38.99 25.44
N ILE D 152 13.34 39.85 24.59
CA ILE D 152 14.71 39.73 24.11
C ILE D 152 15.45 41.04 24.36
N PHE D 153 16.38 41.01 25.32
CA PHE D 153 17.27 42.15 25.61
C PHE D 153 18.46 41.65 26.42
N PRO D 154 19.60 42.37 26.39
CA PRO D 154 20.78 41.86 27.10
C PRO D 154 20.66 41.86 28.63
N ILE D 155 21.01 40.74 29.23
CA ILE D 155 21.10 40.61 30.68
C ILE D 155 22.55 40.30 31.03
N ARG D 156 23.06 40.94 32.08
CA ARG D 156 24.48 40.85 32.47
C ARG D 156 25.00 39.41 32.46
N SER D 157 24.37 38.55 33.25
CA SER D 157 24.86 37.19 33.50
C SER D 157 24.65 36.20 32.35
N HIS D 158 24.11 36.69 31.23
CA HIS D 158 23.95 35.85 30.04
C HIS D 158 24.80 36.31 28.90
N GLU D 159 25.70 37.25 29.18
CA GLU D 159 26.55 37.89 28.18
C GLU D 159 27.37 36.90 27.32
N ASN D 160 27.74 35.76 27.90
CA ASN D 160 28.56 34.76 27.20
C ASN D 160 27.85 33.49 26.77
N ASP D 161 26.52 33.52 26.85
CA ASP D 161 25.68 32.35 26.55
C ASP D 161 25.08 32.40 25.13
N GLN D 162 24.68 31.23 24.65
CA GLN D 162 24.00 31.11 23.36
C GLN D 162 22.49 31.26 23.55
N LEU D 163 22.10 32.35 24.21
CA LEU D 163 20.70 32.65 24.53
C LEU D 163 20.30 33.99 23.93
N GLY D 164 18.99 34.27 23.96
CA GLY D 164 18.44 35.55 23.48
C GLY D 164 18.86 36.75 24.32
N MET D 165 19.01 36.54 25.63
CA MET D 165 19.43 37.61 26.56
C MET D 165 20.96 37.83 26.53
N GLY D 166 21.64 37.26 25.54
CA GLY D 166 23.07 37.45 25.37
C GLY D 166 23.41 38.71 24.60
N SER D 167 24.69 38.88 24.27
CA SER D 167 25.16 40.04 23.48
C SER D 167 26.55 39.81 22.92
N LYS D 168 27.51 39.51 23.80
CA LYS D 168 28.92 39.43 23.41
C LYS D 168 29.25 38.32 22.42
N GLN D 169 28.69 37.14 22.64
CA GLN D 169 28.91 36.02 21.73
C GLN D 169 27.88 36.04 20.59
N LEU D 170 28.37 35.77 19.39
CA LEU D 170 27.52 35.55 18.23
C LEU D 170 26.49 34.48 18.58
N LEU D 171 25.20 34.79 18.43
CA LEU D 171 24.16 33.78 18.60
C LEU D 171 24.16 32.97 17.31
N THR D 172 24.62 31.71 17.38
CA THR D 172 24.76 30.89 16.18
C THR D 172 23.39 30.59 15.62
N TRP D 173 23.27 30.56 14.30
CA TRP D 173 21.97 30.44 13.70
C TRP D 173 21.32 29.11 13.95
N HIS D 174 19.99 29.11 13.95
CA HIS D 174 19.22 27.93 14.31
C HIS D 174 17.79 28.03 13.83
N THR D 175 17.14 26.88 13.67
CA THR D 175 15.69 26.78 13.61
C THR D 175 15.27 26.94 15.07
N GLU D 176 14.21 27.68 15.33
CA GLU D 176 13.75 27.78 16.71
C GLU D 176 13.28 26.42 17.20
N ASP D 177 13.79 26.00 18.36
CA ASP D 177 13.40 24.73 18.98
C ASP D 177 13.53 23.57 18.00
N ALA D 178 14.62 23.59 17.23
CA ALA D 178 14.88 22.59 16.24
C ALA D 178 14.63 21.15 16.70
N PHE D 179 14.99 20.83 17.93
CA PHE D 179 14.84 19.48 18.50
C PHE D 179 13.39 19.03 18.69
N HIS D 180 12.46 19.98 18.68
CA HIS D 180 11.12 19.72 19.21
C HIS D 180 10.08 19.50 18.13
N PRO D 181 9.30 18.42 18.22
CA PRO D 181 8.28 18.16 17.20
C PRO D 181 7.21 19.26 17.10
N TYR D 182 7.00 20.02 18.17
CA TYR D 182 5.94 21.06 18.20
C TYR D 182 6.50 22.47 18.21
N ARG D 183 7.71 22.60 17.68
CA ARG D 183 8.36 23.86 17.50
C ARG D 183 7.52 24.80 16.66
N SER D 184 7.74 26.09 16.86
CA SER D 184 7.04 27.15 16.12
C SER D 184 7.00 26.89 14.64
N ASP D 185 5.90 27.32 14.05
CA ASP D 185 5.81 27.37 12.57
C ASP D 185 6.33 28.68 12.03
N TYR D 186 6.06 29.76 12.78
CA TYR D 186 6.56 31.12 12.49
C TYR D 186 7.04 31.73 13.81
N LEU D 187 7.98 32.64 13.69
CA LEU D 187 8.39 33.48 14.82
C LEU D 187 8.11 34.92 14.48
N ILE D 188 7.65 35.67 15.46
CA ILE D 188 7.41 37.09 15.27
C ILE D 188 8.32 37.87 16.20
N LEU D 189 9.13 38.76 15.62
CA LEU D 189 10.06 39.58 16.38
C LEU D 189 9.76 41.07 16.18
N GLY D 190 9.30 41.75 17.22
CA GLY D 190 9.04 43.17 17.13
C GLY D 190 10.05 44.04 17.87
N ALA D 191 10.76 44.88 17.13
CA ALA D 191 11.81 45.72 17.69
C ALA D 191 11.24 46.98 18.33
N LEU D 192 11.20 47.01 19.67
CA LEU D 192 10.82 48.20 20.40
C LEU D 192 11.89 49.28 20.19
N ARG D 193 13.15 48.87 20.32
CA ARG D 193 14.30 49.73 20.05
C ARG D 193 15.49 48.88 19.72
N ASN D 194 16.32 49.43 18.85
CA ASN D 194 17.59 48.86 18.46
C ASN D 194 18.51 50.02 18.03
N PRO D 195 18.90 50.88 18.98
CA PRO D 195 19.66 52.11 18.67
C PRO D 195 20.92 51.87 17.82
N ASP D 196 21.56 50.72 17.99
CA ASP D 196 22.81 50.40 17.29
C ASP D 196 22.66 49.58 16.00
N HIS D 197 21.42 49.30 15.61
CA HIS D 197 21.12 48.56 14.38
C HIS D 197 21.76 47.19 14.34
N VAL D 198 21.64 46.43 15.44
CA VAL D 198 22.24 45.09 15.53
C VAL D 198 21.44 44.11 14.68
N PRO D 199 22.09 43.50 13.68
CA PRO D 199 21.42 42.63 12.73
C PRO D 199 20.95 41.29 13.33
N THR D 200 19.72 40.92 12.98
CA THR D 200 19.26 39.55 13.14
C THR D 200 19.78 38.86 11.88
N THR D 201 20.40 37.71 12.02
CA THR D 201 20.81 36.98 10.84
C THR D 201 19.69 36.04 10.43
N VAL D 202 19.42 35.93 9.12
CA VAL D 202 18.48 34.94 8.61
C VAL D 202 18.89 34.39 7.26
N GLY D 203 18.77 33.07 7.11
CA GLY D 203 19.19 32.37 5.92
C GLY D 203 18.21 31.31 5.44
N GLU D 204 18.05 31.24 4.13
CA GLU D 204 17.17 30.25 3.51
C GLU D 204 17.98 29.06 3.02
N LEU D 205 17.30 28.08 2.44
CA LEU D 205 17.95 26.93 1.81
C LEU D 205 18.03 27.17 0.32
N ASP D 206 19.26 27.31 -0.18
CA ASP D 206 19.52 27.36 -1.61
C ASP D 206 19.76 25.92 -2.06
N LEU D 207 18.71 25.29 -2.57
CA LEU D 207 18.68 23.86 -2.82
C LEU D 207 19.62 23.44 -3.94
N SER D 208 19.75 24.30 -4.94
CA SER D 208 20.50 24.00 -6.17
C SER D 208 21.96 23.62 -5.89
N SER D 209 22.52 24.20 -4.84
CA SER D 209 23.91 23.94 -4.46
C SER D 209 24.16 22.49 -3.99
N LEU D 210 23.10 21.79 -3.61
CA LEU D 210 23.22 20.44 -3.06
C LEU D 210 22.96 19.36 -4.11
N SER D 211 23.75 18.28 -4.03
CA SER D 211 23.46 17.09 -4.82
C SER D 211 22.16 16.45 -4.32
N ALA D 212 21.50 15.70 -5.21
CA ALA D 212 20.27 15.00 -4.83
C ALA D 212 20.57 13.82 -3.91
N GLU D 213 21.80 13.31 -4.01
CA GLU D 213 22.28 12.25 -3.14
C GLU D 213 22.29 12.72 -1.68
N ASP D 214 22.80 13.93 -1.47
CA ASP D 214 22.88 14.52 -0.13
C ASP D 214 21.49 14.91 0.40
N ILE D 215 20.68 15.52 -0.45
CA ILE D 215 19.30 15.86 -0.09
C ILE D 215 18.60 14.63 0.45
N ASP D 216 18.68 13.52 -0.29
CA ASP D 216 18.04 12.26 0.10
C ASP D 216 18.50 11.79 1.47
N VAL D 217 19.80 11.89 1.74
CA VAL D 217 20.32 11.46 3.05
C VAL D 217 19.89 12.40 4.19
N LEU D 218 19.78 13.69 3.88
CA LEU D 218 19.32 14.68 4.84
C LEU D 218 17.85 14.52 5.20
N PHE D 219 17.10 13.79 4.37
CA PHE D 219 15.67 13.55 4.62
C PHE D 219 15.50 12.37 5.56
N GLU D 220 16.58 11.65 5.83
CA GLU D 220 16.53 10.44 6.65
C GLU D 220 16.94 10.67 8.11
N PRO D 221 16.38 9.87 9.04
CA PRO D 221 16.60 10.03 10.47
C PRO D 221 18.02 9.64 10.89
N ARG D 222 18.97 10.49 10.55
CA ARG D 222 20.36 10.15 10.73
C ARG D 222 21.16 11.09 11.63
N TYR D 223 20.49 12.07 12.24
CA TYR D 223 21.17 13.18 12.90
C TYR D 223 20.64 13.44 14.31
N HIS D 224 21.55 13.83 15.21
CA HIS D 224 21.18 14.13 16.59
C HIS D 224 21.11 15.63 16.84
N ILE D 225 19.93 16.15 17.18
CA ILE D 225 19.82 17.54 17.65
C ILE D 225 19.29 17.55 19.06
N ALA D 226 20.06 18.15 19.98
CA ALA D 226 19.71 18.20 21.40
C ALA D 226 18.92 19.46 21.73
N PRO D 227 18.11 19.43 22.81
CA PRO D 227 17.40 20.63 23.27
C PRO D 227 18.35 21.70 23.79
N ASP D 228 18.10 22.96 23.42
CA ASP D 228 18.98 24.05 23.86
C ASP D 228 18.82 24.37 25.34
N GLU D 229 19.63 25.30 25.83
CA GLU D 229 19.39 25.91 27.13
C GLU D 229 18.06 26.66 27.00
N SER D 230 17.74 27.56 27.91
CA SER D 230 16.39 28.18 27.93
C SER D 230 15.30 27.15 28.27
N HIS D 231 15.54 25.89 27.86
CA HIS D 231 14.69 24.76 28.24
C HIS D 231 15.23 24.03 29.46
N LEU D 232 16.22 24.66 30.12
CA LEU D 232 16.84 24.12 31.34
C LEU D 232 16.22 24.68 32.62
N PRO D 233 16.09 23.83 33.68
CA PRO D 233 15.47 24.22 34.97
C PRO D 233 16.04 25.50 35.60
N LYS D 234 17.35 25.74 35.43
CA LYS D 234 18.01 26.95 35.96
C LYS D 234 17.54 28.25 35.29
N ASN D 235 17.21 28.17 34.00
CA ASN D 235 16.78 29.33 33.23
C ASN D 235 15.33 29.76 33.51
N ASN D 236 14.57 28.89 34.15
CA ASN D 236 13.24 29.23 34.67
C ASN D 236 13.34 29.56 36.18
N THR D 237 12.26 29.34 36.94
CA THR D 237 12.27 29.60 38.39
C THR D 237 12.08 28.33 39.23
N ILE D 238 13.19 27.61 39.42
CA ILE D 238 13.25 26.38 40.24
C ILE D 238 12.01 25.48 40.14
N ALA D 239 11.59 24.86 41.25
CA ALA D 239 10.42 23.98 41.31
C ALA D 239 10.11 23.47 42.72
N THR D 240 11.16 23.30 43.52
CA THR D 240 11.12 22.55 44.79
C THR D 240 10.74 21.08 44.51
N GLU D 241 11.17 20.59 43.35
CA GLU D 241 10.82 19.26 42.84
C GLU D 241 9.31 18.99 42.87
N GLU D 242 8.54 19.95 42.35
CA GLU D 242 7.08 19.90 42.38
C GLU D 242 6.52 20.26 41.00
N GLU D 243 5.19 20.40 40.93
CA GLU D 243 4.45 20.77 39.71
C GLU D 243 4.39 19.60 38.70
N ALA D 244 4.28 18.38 39.25
CA ALA D 244 4.23 17.13 38.47
C ALA D 244 5.25 17.00 37.32
N ALA D 245 4.76 16.91 36.07
CA ALA D 245 5.61 16.73 34.90
C ALA D 245 5.91 18.06 34.19
N ARG D 246 6.80 18.84 34.78
CA ARG D 246 7.15 20.17 34.26
C ARG D 246 8.31 20.12 33.27
N PHE D 247 9.46 19.62 33.73
CA PHE D 247 10.59 19.34 32.85
C PHE D 247 10.70 17.85 32.55
N ALA D 248 9.54 17.20 32.41
CA ALA D 248 9.47 15.78 32.08
C ALA D 248 9.62 15.54 30.58
N THR D 249 8.85 16.26 29.77
CA THR D 249 8.87 16.10 28.30
C THR D 249 10.25 16.33 27.68
N ILE D 250 10.99 17.30 28.21
CA ILE D 250 12.37 17.58 27.76
C ILE D 250 13.33 16.45 28.17
N GLN D 251 13.01 15.73 29.25
CA GLN D 251 13.84 14.62 29.72
C GLN D 251 13.71 13.35 28.88
N ARG D 252 12.49 12.91 28.59
CA ARG D 252 12.29 11.75 27.70
C ARG D 252 13.15 11.92 26.44
N MET D 253 13.05 13.09 25.80
CA MET D 253 13.79 13.39 24.56
C MET D 253 15.31 13.30 24.75
N ILE D 254 15.81 13.90 25.84
CA ILE D 254 17.22 13.80 26.22
C ILE D 254 17.65 12.36 26.49
N ASP D 255 16.74 11.57 27.06
CA ASP D 255 17.03 10.19 27.44
C ASP D 255 16.98 9.26 26.25
N GLU D 256 15.95 9.40 25.43
CA GLU D 256 15.77 8.59 24.22
C GLU D 256 16.88 8.84 23.20
N ARG D 257 17.26 10.11 23.06
CA ARG D 257 18.28 10.57 22.10
C ARG D 257 18.05 10.06 20.66
N PRO D 258 16.84 10.29 20.10
CA PRO D 258 16.53 9.73 18.79
C PRO D 258 17.28 10.44 17.68
N LEU D 259 17.46 9.76 16.55
CA LEU D 259 17.99 10.41 15.36
C LEU D 259 16.83 10.99 14.58
N GLY D 260 17.08 12.09 13.88
CA GLY D 260 16.06 12.72 13.08
C GLY D 260 16.61 13.34 11.82
N PRO D 261 15.74 13.73 10.90
CA PRO D 261 16.19 14.35 9.66
C PRO D 261 16.50 15.84 9.87
N LEU D 262 17.20 16.43 8.91
CA LEU D 262 17.40 17.87 8.86
C LEU D 262 16.51 18.52 7.81
N LEU D 263 16.07 17.74 6.83
CA LEU D 263 15.17 18.26 5.79
C LEU D 263 13.88 17.47 5.76
N TYR D 264 12.78 18.14 5.42
CA TYR D 264 11.47 17.50 5.42
C TYR D 264 10.45 18.17 4.48
N GLY D 265 9.33 17.50 4.26
CA GLY D 265 8.29 18.05 3.37
C GLY D 265 8.54 17.58 1.96
N SER D 266 8.55 18.50 1.00
CA SER D 266 8.74 18.13 -0.40
C SER D 266 10.21 18.05 -0.74
N ARG D 267 10.62 16.91 -1.30
CA ARG D 267 11.98 16.70 -1.75
C ARG D 267 12.45 17.69 -2.80
N LEU D 268 11.50 18.24 -3.52
CA LEU D 268 11.78 19.27 -4.54
C LEU D 268 11.92 20.65 -3.89
N ASP D 269 11.32 20.80 -2.71
CA ASP D 269 11.18 22.12 -2.08
C ASP D 269 11.17 21.98 -0.55
N PRO D 270 12.32 21.62 0.05
CA PRO D 270 12.27 21.15 1.44
C PRO D 270 12.19 22.23 2.53
N TYR D 271 11.57 21.84 3.62
CA TYR D 271 11.62 22.59 4.84
C TYR D 271 12.86 22.09 5.60
N MET D 272 13.38 22.88 6.51
CA MET D 272 14.55 22.45 7.25
C MET D 272 14.39 22.56 8.76
N ARG D 273 15.16 21.75 9.48
CA ARG D 273 15.36 22.01 10.90
C ARG D 273 16.82 21.78 11.26
N LEU D 274 17.42 22.83 11.79
CA LEU D 274 18.85 22.91 11.98
C LEU D 274 19.14 23.64 13.28
N ASP D 275 20.21 23.21 13.96
CA ASP D 275 20.72 23.88 15.17
C ASP D 275 22.15 23.36 15.41
N PRO D 276 23.10 23.81 14.59
CA PRO D 276 24.48 23.27 14.59
C PRO D 276 25.07 23.15 15.98
N TYR D 277 24.86 24.17 16.82
CA TYR D 277 25.45 24.19 18.15
C TYR D 277 25.00 23.00 18.99
N PHE D 278 23.82 22.45 18.69
CA PHE D 278 23.30 21.32 19.44
C PHE D 278 23.19 20.05 18.59
N THR D 279 23.98 19.98 17.53
CA THR D 279 23.93 18.85 16.60
C THR D 279 25.18 17.98 16.63
N SER D 280 24.99 16.67 16.62
CA SER D 280 26.11 15.76 16.38
C SER D 280 25.68 14.73 15.36
N VAL D 281 26.65 14.11 14.68
CA VAL D 281 26.37 13.06 13.71
C VAL D 281 27.19 11.80 14.06
N PRO D 282 26.55 10.61 14.08
CA PRO D 282 27.31 9.38 14.40
C PRO D 282 28.54 9.24 13.51
N GLN D 283 29.69 8.97 14.12
CA GLN D 283 30.96 8.88 13.41
C GLN D 283 30.91 7.96 12.19
N ASP D 284 30.29 6.79 12.37
CA ASP D 284 30.25 5.75 11.35
C ASP D 284 29.46 6.14 10.12
N ASP D 285 28.48 7.02 10.29
CA ASP D 285 27.62 7.42 9.19
C ASP D 285 28.33 8.47 8.33
N THR D 286 29.31 7.99 7.56
CA THR D 286 30.05 8.82 6.60
C THR D 286 29.15 9.60 5.64
N ASP D 287 28.06 8.99 5.17
CA ASP D 287 27.14 9.71 4.27
C ASP D 287 26.45 10.87 5.01
N ALA D 288 25.99 10.62 6.24
CA ALA D 288 25.28 11.65 7.00
C ALA D 288 26.19 12.81 7.35
N ARG D 289 27.45 12.51 7.67
CA ARG D 289 28.42 13.55 8.05
C ARG D 289 28.79 14.43 6.86
N ARG D 290 28.94 13.82 5.69
CA ARG D 290 29.25 14.56 4.47
C ARG D 290 28.09 15.48 4.10
N ALA D 291 26.88 14.93 4.03
CA ALA D 291 25.70 15.72 3.67
C ALA D 291 25.46 16.87 4.66
N TYR D 292 25.60 16.57 5.95
CA TYR D 292 25.43 17.62 6.97
C TYR D 292 26.44 18.74 6.75
N ASP D 293 27.71 18.38 6.57
CA ASP D 293 28.78 19.32 6.25
C ASP D 293 28.42 20.19 5.04
N ALA D 294 27.96 19.55 3.96
CA ALA D 294 27.58 20.30 2.76
C ALA D 294 26.37 21.22 3.03
N LEU D 295 25.42 20.77 3.86
CA LEU D 295 24.23 21.56 4.15
C LEU D 295 24.63 22.80 4.93
N PHE D 296 25.42 22.60 5.98
CA PHE D 296 25.87 23.70 6.83
C PHE D 296 26.55 24.79 6.02
N LYS D 297 27.50 24.39 5.18
CA LYS D 297 28.22 25.35 4.33
C LYS D 297 27.26 26.15 3.43
N VAL D 298 26.31 25.47 2.82
CA VAL D 298 25.32 26.11 1.94
C VAL D 298 24.42 27.10 2.69
N VAL D 299 23.99 26.74 3.90
CA VAL D 299 23.13 27.62 4.68
C VAL D 299 23.95 28.79 5.23
N ASP D 300 25.10 28.46 5.82
CA ASP D 300 25.97 29.44 6.44
C ASP D 300 26.41 30.54 5.48
N SER D 301 26.83 30.16 4.28
CA SER D 301 27.31 31.16 3.35
C SER D 301 26.16 32.01 2.85
N GLY D 302 24.94 31.46 2.92
CA GLY D 302 23.76 32.13 2.40
C GLY D 302 23.09 33.07 3.38
N MET D 303 23.56 33.10 4.62
CA MET D 303 22.98 33.95 5.68
C MET D 303 22.98 35.43 5.33
N ARG D 304 21.89 36.14 5.67
CA ARG D 304 21.80 37.59 5.45
C ARG D 304 21.57 38.34 6.75
N GLU D 305 22.04 39.58 6.77
CA GLU D 305 21.81 40.44 7.91
C GLU D 305 20.49 41.20 7.74
N VAL D 306 19.55 40.98 8.65
CA VAL D 306 18.27 41.69 8.60
C VAL D 306 18.18 42.51 9.85
N VAL D 307 18.22 43.82 9.67
CA VAL D 307 18.20 44.74 10.81
C VAL D 307 16.77 45.03 11.21
N ALA D 308 16.37 44.58 12.40
CA ALA D 308 15.08 44.96 12.94
C ALA D 308 15.24 46.24 13.75
N ASP D 309 15.00 47.37 13.11
CA ASP D 309 15.07 48.65 13.79
C ASP D 309 13.76 48.94 14.49
N GLN D 310 13.80 49.92 15.39
CA GLN D 310 12.62 50.38 16.08
C GLN D 310 11.45 50.48 15.08
N GLY D 311 10.31 49.91 15.44
CA GLY D 311 9.12 49.93 14.58
C GLY D 311 9.07 48.88 13.50
N ASP D 312 10.10 48.03 13.43
CA ASP D 312 10.07 46.90 12.50
C ASP D 312 9.51 45.66 13.21
N VAL D 313 8.66 44.92 12.50
CA VAL D 313 8.22 43.61 12.95
C VAL D 313 8.72 42.60 11.93
N LEU D 314 9.60 41.73 12.40
CA LEU D 314 10.19 40.71 11.55
C LEU D 314 9.44 39.40 11.71
N PHE D 315 9.01 38.85 10.58
CA PHE D 315 8.23 37.61 10.54
C PHE D 315 9.14 36.55 9.99
N ILE D 316 9.39 35.51 10.77
CA ILE D 316 10.26 34.42 10.33
C ILE D 316 9.46 33.15 10.14
N ASP D 317 9.68 32.51 9.01
CA ASP D 317 9.13 31.22 8.71
C ASP D 317 10.09 30.18 9.24
N ASN D 318 9.69 29.49 10.31
CA ASN D 318 10.59 28.57 11.00
C ASN D 318 10.81 27.25 10.23
N HIS D 319 10.02 27.05 9.16
CA HIS D 319 10.23 25.95 8.20
C HIS D 319 11.24 26.33 7.12
N ARG D 320 11.32 27.60 6.75
CA ARG D 320 12.16 27.97 5.58
C ARG D 320 13.40 28.81 5.88
N ALA D 321 13.56 29.21 7.14
CA ALA D 321 14.74 29.99 7.56
C ALA D 321 15.29 29.57 8.90
N VAL D 322 16.62 29.66 9.04
CA VAL D 322 17.28 29.66 10.34
C VAL D 322 17.52 31.12 10.68
N HIS D 323 17.73 31.41 11.95
CA HIS D 323 18.03 32.76 12.36
C HIS D 323 19.05 32.78 13.46
N GLY D 324 19.73 33.92 13.58
CA GLY D 324 20.69 34.16 14.66
C GLY D 324 20.74 35.64 14.93
N ARG D 325 21.80 36.08 15.60
CA ARG D 325 21.96 37.48 15.97
C ARG D 325 23.44 37.76 16.18
N LEU D 326 23.92 38.87 15.60
CA LEU D 326 25.35 39.21 15.63
C LEU D 326 25.85 39.64 17.02
N PRO D 327 27.18 39.51 17.29
CA PRO D 327 27.63 39.94 18.61
C PRO D 327 27.46 41.43 18.72
N PHE D 328 27.24 41.91 19.95
CA PHE D 328 27.14 43.35 20.20
C PHE D 328 27.49 43.76 21.64
N GLN D 329 27.68 45.07 21.80
CA GLN D 329 28.02 45.68 23.08
C GLN D 329 26.78 46.26 23.75
N ALA D 330 26.40 45.64 24.86
CA ALA D 330 25.30 46.10 25.70
C ALA D 330 25.76 47.14 26.71
N ARG D 331 25.02 48.23 26.81
CA ARG D 331 25.33 49.31 27.74
C ARG D 331 24.77 49.07 29.15
N TYR D 332 23.77 48.20 29.25
CA TYR D 332 23.06 47.90 30.51
C TYR D 332 22.51 49.13 31.23
N ASP D 333 22.31 50.22 30.49
CA ASP D 333 21.85 51.48 31.06
C ASP D 333 20.37 51.75 30.75
N GLY D 334 19.62 50.67 30.47
CA GLY D 334 18.20 50.75 30.10
C GLY D 334 17.92 51.39 28.76
N THR D 335 18.90 51.35 27.85
CA THR D 335 18.75 51.95 26.52
C THR D 335 19.06 50.90 25.46
N ASP D 336 19.28 49.67 25.93
CA ASP D 336 19.66 48.54 25.07
C ASP D 336 18.55 48.09 24.14
N ARG D 337 18.96 47.54 23.00
CA ARG D 337 18.11 46.82 22.05
C ARG D 337 17.08 45.95 22.77
N TRP D 338 15.82 46.11 22.40
CA TRP D 338 14.76 45.39 23.05
C TRP D 338 13.77 44.93 22.02
N LEU D 339 13.69 43.61 21.84
CA LEU D 339 12.70 43.01 20.94
C LEU D 339 11.70 42.20 21.75
N LYS D 340 10.54 41.98 21.15
CA LYS D 340 9.53 41.08 21.68
C LYS D 340 9.33 39.93 20.70
N ARG D 341 9.25 38.70 21.20
CA ARG D 341 9.03 37.53 20.36
C ARG D 341 7.73 36.79 20.69
N VAL D 342 7.04 36.33 19.65
CA VAL D 342 5.87 35.44 19.79
C VAL D 342 6.09 34.19 18.96
N CYS D 343 5.90 33.02 19.55
CA CYS D 343 5.97 31.77 18.79
C CYS D 343 4.60 31.47 18.20
N VAL D 344 4.54 31.11 16.92
CA VAL D 344 3.25 30.83 16.26
C VAL D 344 3.16 29.36 15.84
N THR D 345 2.07 28.68 16.23
CA THR D 345 1.79 27.34 15.71
C THR D 345 0.62 27.40 14.70
N SER D 346 0.75 26.68 13.60
CA SER D 346 -0.36 26.49 12.66
C SER D 346 -1.40 25.49 13.16
N ASP D 347 -1.07 24.67 14.15
CA ASP D 347 -2.04 23.73 14.67
C ASP D 347 -1.76 23.44 16.14
N LEU D 348 -2.54 24.08 16.99
CA LEU D 348 -2.38 23.98 18.43
C LEU D 348 -2.71 22.57 18.91
N ARG D 349 -3.61 21.91 18.21
CA ARG D 349 -4.00 20.59 18.69
C ARG D 349 -2.94 19.53 18.44
N ARG D 350 -2.02 19.79 17.51
CA ARG D 350 -0.94 18.83 17.27
C ARG D 350 -0.10 18.56 18.53
N SER D 351 0.00 19.57 19.41
CA SER D 351 0.77 19.46 20.64
C SER D 351 -0.03 18.99 21.86
N ARG D 352 -1.28 18.58 21.66
CA ARG D 352 -2.15 18.28 22.79
C ARG D 352 -1.47 17.38 23.85
N GLU D 353 -0.76 16.35 23.43
CA GLU D 353 -0.12 15.41 24.40
C GLU D 353 0.82 16.11 25.39
N MET D 354 1.40 17.22 24.94
CA MET D 354 2.37 17.95 25.75
C MET D 354 1.82 19.20 26.37
N ARG D 355 0.50 19.33 26.40
CA ARG D 355 -0.12 20.44 27.10
C ARG D 355 -0.94 19.87 28.24
N ALA D 356 -0.94 20.56 29.37
CA ALA D 356 -1.62 20.11 30.59
C ALA D 356 -3.15 20.02 30.40
N THR D 357 -3.71 20.99 29.68
CA THR D 357 -5.14 21.02 29.36
C THR D 357 -5.39 21.33 27.86
N SER D 358 -6.62 21.11 27.42
CA SER D 358 -7.03 21.50 26.08
C SER D 358 -6.89 23.02 25.90
N ALA D 359 -7.24 23.75 26.96
CA ALA D 359 -7.30 25.21 26.93
C ALA D 359 -5.93 25.89 26.87
N THR D 360 -4.91 25.32 27.53
CA THR D 360 -3.64 26.02 27.66
C THR D 360 -2.82 26.14 26.37
N ARG D 361 -2.11 27.24 26.22
CA ARG D 361 -1.25 27.40 25.05
C ARG D 361 0.21 27.11 25.34
N LEU D 362 0.50 26.60 26.55
CA LEU D 362 1.87 26.39 26.97
C LEU D 362 2.24 24.93 26.90
N LEU D 363 3.38 24.66 26.27
CA LEU D 363 3.89 23.31 26.19
C LEU D 363 4.79 22.99 27.39
N GLY D 364 4.64 21.77 27.91
CA GLY D 364 5.45 21.28 29.04
C GLY D 364 4.79 20.08 29.71
#